data_3KVT
# 
_entry.id   3KVT 
# 
_audit_conform.dict_name       mmcif_pdbx.dic 
_audit_conform.dict_version    5.389 
_audit_conform.dict_location   http://mmcif.pdb.org/dictionaries/ascii/mmcif_pdbx.dic 
# 
loop_
_database_2.database_id 
_database_2.database_code 
_database_2.pdbx_database_accession 
_database_2.pdbx_DOI 
PDB   3KVT         pdb_00003kvt 10.2210/pdb3kvt/pdb 
WWPDB D_1000179028 ?            ?                   
# 
loop_
_pdbx_audit_revision_history.ordinal 
_pdbx_audit_revision_history.data_content_type 
_pdbx_audit_revision_history.major_revision 
_pdbx_audit_revision_history.minor_revision 
_pdbx_audit_revision_history.revision_date 
1 'Structure model' 1 0 1999-01-13 
2 'Structure model' 1 1 2008-03-03 
3 'Structure model' 1 2 2011-07-13 
4 'Structure model' 1 3 2021-11-03 
5 'Structure model' 1 4 2024-02-21 
6 'Structure model' 1 5 2024-04-03 
# 
_pdbx_audit_revision_details.ordinal             1 
_pdbx_audit_revision_details.revision_ordinal    1 
_pdbx_audit_revision_details.data_content_type   'Structure model' 
_pdbx_audit_revision_details.provider            repository 
_pdbx_audit_revision_details.type                'Initial release' 
_pdbx_audit_revision_details.description         ? 
_pdbx_audit_revision_details.details             ? 
# 
loop_
_pdbx_audit_revision_group.ordinal 
_pdbx_audit_revision_group.revision_ordinal 
_pdbx_audit_revision_group.data_content_type 
_pdbx_audit_revision_group.group 
1 2 'Structure model' 'Version format compliance' 
2 3 'Structure model' 'Derived calculations'      
3 3 'Structure model' 'Version format compliance' 
4 4 'Structure model' 'Database references'       
5 4 'Structure model' 'Derived calculations'      
6 4 'Structure model' Other                       
7 5 'Structure model' 'Data collection'           
8 6 'Structure model' 'Refinement description'    
# 
loop_
_pdbx_audit_revision_category.ordinal 
_pdbx_audit_revision_category.revision_ordinal 
_pdbx_audit_revision_category.data_content_type 
_pdbx_audit_revision_category.category 
1 4 'Structure model' database_2                    
2 4 'Structure model' pdbx_database_status          
3 4 'Structure model' pdbx_struct_conn_angle        
4 4 'Structure model' struct_conn                   
5 4 'Structure model' struct_ref_seq_dif            
6 4 'Structure model' struct_site                   
7 5 'Structure model' chem_comp_atom                
8 5 'Structure model' chem_comp_bond                
9 6 'Structure model' pdbx_initial_refinement_model 
# 
loop_
_pdbx_audit_revision_item.ordinal 
_pdbx_audit_revision_item.revision_ordinal 
_pdbx_audit_revision_item.data_content_type 
_pdbx_audit_revision_item.item 
1  4 'Structure model' '_database_2.pdbx_DOI'                       
2  4 'Structure model' '_database_2.pdbx_database_accession'        
3  4 'Structure model' '_pdbx_database_status.process_site'         
4  4 'Structure model' '_pdbx_struct_conn_angle.ptnr1_auth_seq_id'  
5  4 'Structure model' '_pdbx_struct_conn_angle.ptnr1_label_seq_id' 
6  4 'Structure model' '_pdbx_struct_conn_angle.ptnr1_symmetry'     
7  4 'Structure model' '_pdbx_struct_conn_angle.ptnr3_auth_seq_id'  
8  4 'Structure model' '_pdbx_struct_conn_angle.ptnr3_label_seq_id' 
9  4 'Structure model' '_pdbx_struct_conn_angle.ptnr3_symmetry'     
10 4 'Structure model' '_pdbx_struct_conn_angle.value'              
11 4 'Structure model' '_struct_conn.pdbx_dist_value'               
12 4 'Structure model' '_struct_conn.ptnr1_auth_comp_id'            
13 4 'Structure model' '_struct_conn.ptnr1_auth_seq_id'             
14 4 'Structure model' '_struct_conn.ptnr1_label_asym_id'           
15 4 'Structure model' '_struct_conn.ptnr1_label_atom_id'           
16 4 'Structure model' '_struct_conn.ptnr1_label_comp_id'           
17 4 'Structure model' '_struct_conn.ptnr1_label_seq_id'            
18 4 'Structure model' '_struct_conn.ptnr1_symmetry'                
19 4 'Structure model' '_struct_conn.ptnr2_auth_comp_id'            
20 4 'Structure model' '_struct_conn.ptnr2_auth_seq_id'             
21 4 'Structure model' '_struct_conn.ptnr2_label_asym_id'           
22 4 'Structure model' '_struct_conn.ptnr2_label_atom_id'           
23 4 'Structure model' '_struct_conn.ptnr2_label_comp_id'           
24 4 'Structure model' '_struct_conn.ptnr2_label_seq_id'            
25 4 'Structure model' '_struct_conn.ptnr2_symmetry'                
26 4 'Structure model' '_struct_ref_seq_dif.details'                
27 4 'Structure model' '_struct_site.pdbx_auth_asym_id'             
28 4 'Structure model' '_struct_site.pdbx_auth_comp_id'             
29 4 'Structure model' '_struct_site.pdbx_auth_seq_id'              
# 
_pdbx_database_status.status_code                     REL 
_pdbx_database_status.entry_id                        3KVT 
_pdbx_database_status.recvd_initial_deposition_date   1998-09-25 
_pdbx_database_status.deposit_site                    ? 
_pdbx_database_status.process_site                    BNL 
_pdbx_database_status.SG_entry                        . 
_pdbx_database_status.pdb_format_compatible           Y 
_pdbx_database_status.status_code_mr                  ? 
_pdbx_database_status.status_code_sf                  ? 
_pdbx_database_status.status_code_cs                  ? 
_pdbx_database_status.status_code_nmr_data            ? 
_pdbx_database_status.methods_development_category    ? 
# 
loop_
_audit_author.name 
_audit_author.pdbx_ordinal 
'Bixby, K.A.'      1 
'Nanao, M.H.'      2 
'Shen, N.V.'       3 
'Kreusch, A.'      4 
'Bellamy, H.'      5 
'Pfaffinger, P.J.' 6 
'Choe, S.'         7 
# 
_citation.id                        primary 
_citation.title                     'Zn2+-binding and molecular determinants of tetramerization in voltage-gated K+ channels.' 
_citation.journal_abbrev            Nat.Struct.Biol. 
_citation.journal_volume            6 
_citation.page_first                38 
_citation.page_last                 43 
_citation.year                      1999 
_citation.journal_id_ASTM           NSBIEW 
_citation.country                   US 
_citation.journal_id_ISSN           1072-8368 
_citation.journal_id_CSD            2024 
_citation.book_publisher            ? 
_citation.pdbx_database_id_PubMed   9886290 
_citation.pdbx_database_id_DOI      10.1038/4911 
# 
loop_
_citation_author.citation_id 
_citation_author.name 
_citation_author.ordinal 
_citation_author.identifier_ORCID 
primary 'Bixby, K.A.'      1 ? 
primary 'Nanao, M.H.'      2 ? 
primary 'Shen, N.V.'       3 ? 
primary 'Kreusch, A.'      4 ? 
primary 'Bellamy, H.'      5 ? 
primary 'Pfaffinger, P.J.' 6 ? 
primary 'Choe, S.'         7 ? 
# 
loop_
_entity.id 
_entity.type 
_entity.src_method 
_entity.pdbx_description 
_entity.formula_weight 
_entity.pdbx_number_of_molecules 
_entity.pdbx_ec 
_entity.pdbx_mutation 
_entity.pdbx_fragment 
_entity.details 
1 polymer     man 'POTASSIUM CHANNEL PROTEIN SHAW' 13389.151 1  ? 'A42G, L43M, A44L' 'TETRAMERIZATION (T1) DOMAIN' 
'ONE ZN2+ PER MONOMER TETRAHEDRALLY COORDINATED AT MONOMER-MONOMER INTERFACE' 
2 non-polymer syn 'ZINC ION'                       65.409    1  ? ?                  ?                             ? 
3 water       nat water                            18.015    67 ? ?                  ?                             ? 
# 
_entity_poly.entity_id                      1 
_entity_poly.type                           'polypeptide(L)' 
_entity_poly.nstd_linkage                   no 
_entity_poly.nstd_monomer                   no 
_entity_poly.pdbx_seq_one_letter_code       
;MDAENRVIINVGGIRHETYKATLKKIPATRLSRLTEGMLNYDPVLNEYFFDRHPGVFAQIINYYRSGKLHYPTDVCGPLF
EEELEFWGLDSNQVEPCCWMTYTAHRDTQETLAVL
;
_entity_poly.pdbx_seq_one_letter_code_can   
;MDAENRVIINVGGIRHETYKATLKKIPATRLSRLTEGMLNYDPVLNEYFFDRHPGVFAQIINYYRSGKLHYPTDVCGPLF
EEELEFWGLDSNQVEPCCWMTYTAHRDTQETLAVL
;
_entity_poly.pdbx_strand_id                 A 
_entity_poly.pdbx_target_identifier         ? 
# 
loop_
_pdbx_entity_nonpoly.entity_id 
_pdbx_entity_nonpoly.name 
_pdbx_entity_nonpoly.comp_id 
2 'ZINC ION' ZN  
3 water      HOH 
# 
loop_
_entity_poly_seq.entity_id 
_entity_poly_seq.num 
_entity_poly_seq.mon_id 
_entity_poly_seq.hetero 
1 1   MET n 
1 2   ASP n 
1 3   ALA n 
1 4   GLU n 
1 5   ASN n 
1 6   ARG n 
1 7   VAL n 
1 8   ILE n 
1 9   ILE n 
1 10  ASN n 
1 11  VAL n 
1 12  GLY n 
1 13  GLY n 
1 14  ILE n 
1 15  ARG n 
1 16  HIS n 
1 17  GLU n 
1 18  THR n 
1 19  TYR n 
1 20  LYS n 
1 21  ALA n 
1 22  THR n 
1 23  LEU n 
1 24  LYS n 
1 25  LYS n 
1 26  ILE n 
1 27  PRO n 
1 28  ALA n 
1 29  THR n 
1 30  ARG n 
1 31  LEU n 
1 32  SER n 
1 33  ARG n 
1 34  LEU n 
1 35  THR n 
1 36  GLU n 
1 37  GLY n 
1 38  MET n 
1 39  LEU n 
1 40  ASN n 
1 41  TYR n 
1 42  ASP n 
1 43  PRO n 
1 44  VAL n 
1 45  LEU n 
1 46  ASN n 
1 47  GLU n 
1 48  TYR n 
1 49  PHE n 
1 50  PHE n 
1 51  ASP n 
1 52  ARG n 
1 53  HIS n 
1 54  PRO n 
1 55  GLY n 
1 56  VAL n 
1 57  PHE n 
1 58  ALA n 
1 59  GLN n 
1 60  ILE n 
1 61  ILE n 
1 62  ASN n 
1 63  TYR n 
1 64  TYR n 
1 65  ARG n 
1 66  SER n 
1 67  GLY n 
1 68  LYS n 
1 69  LEU n 
1 70  HIS n 
1 71  TYR n 
1 72  PRO n 
1 73  THR n 
1 74  ASP n 
1 75  VAL n 
1 76  CYS n 
1 77  GLY n 
1 78  PRO n 
1 79  LEU n 
1 80  PHE n 
1 81  GLU n 
1 82  GLU n 
1 83  GLU n 
1 84  LEU n 
1 85  GLU n 
1 86  PHE n 
1 87  TRP n 
1 88  GLY n 
1 89  LEU n 
1 90  ASP n 
1 91  SER n 
1 92  ASN n 
1 93  GLN n 
1 94  VAL n 
1 95  GLU n 
1 96  PRO n 
1 97  CYS n 
1 98  CYS n 
1 99  TRP n 
1 100 MET n 
1 101 THR n 
1 102 TYR n 
1 103 THR n 
1 104 ALA n 
1 105 HIS n 
1 106 ARG n 
1 107 ASP n 
1 108 THR n 
1 109 GLN n 
1 110 GLU n 
1 111 THR n 
1 112 LEU n 
1 113 ALA n 
1 114 VAL n 
1 115 LEU n 
# 
_entity_src_gen.entity_id                          1 
_entity_src_gen.pdbx_src_id                        1 
_entity_src_gen.pdbx_alt_source_flag               sample 
_entity_src_gen.pdbx_seq_type                      ? 
_entity_src_gen.pdbx_beg_seq_num                   ? 
_entity_src_gen.pdbx_end_seq_num                   ? 
_entity_src_gen.gene_src_common_name               'California sea hare' 
_entity_src_gen.gene_src_genus                     Aplysia 
_entity_src_gen.pdbx_gene_src_gene                 ? 
_entity_src_gen.gene_src_species                   ? 
_entity_src_gen.gene_src_strain                    ? 
_entity_src_gen.gene_src_tissue                    NERVE 
_entity_src_gen.gene_src_tissue_fraction           ? 
_entity_src_gen.gene_src_details                   ? 
_entity_src_gen.pdbx_gene_src_fragment             ? 
_entity_src_gen.pdbx_gene_src_scientific_name      'Aplysia californica' 
_entity_src_gen.pdbx_gene_src_ncbi_taxonomy_id     6500 
_entity_src_gen.pdbx_gene_src_variant              ? 
_entity_src_gen.pdbx_gene_src_cell_line            'BL21 PLYS S' 
_entity_src_gen.pdbx_gene_src_atcc                 ? 
_entity_src_gen.pdbx_gene_src_organ                ? 
_entity_src_gen.pdbx_gene_src_organelle            ? 
_entity_src_gen.pdbx_gene_src_cell                 ? 
_entity_src_gen.pdbx_gene_src_cellular_location    MEMBRANE 
_entity_src_gen.host_org_common_name               ? 
_entity_src_gen.pdbx_host_org_scientific_name      'Escherichia coli' 
_entity_src_gen.pdbx_host_org_ncbi_taxonomy_id     562 
_entity_src_gen.host_org_genus                     Escherichia 
_entity_src_gen.pdbx_host_org_gene                 ? 
_entity_src_gen.pdbx_host_org_organ                ? 
_entity_src_gen.host_org_species                   ? 
_entity_src_gen.pdbx_host_org_tissue               ? 
_entity_src_gen.pdbx_host_org_tissue_fraction      ? 
_entity_src_gen.pdbx_host_org_strain               PET 
_entity_src_gen.pdbx_host_org_variant              ? 
_entity_src_gen.pdbx_host_org_cell_line            'BL21 PLYS S' 
_entity_src_gen.pdbx_host_org_atcc                 ? 
_entity_src_gen.pdbx_host_org_culture_collection   ? 
_entity_src_gen.pdbx_host_org_cell                 ? 
_entity_src_gen.pdbx_host_org_organelle            ? 
_entity_src_gen.pdbx_host_org_cellular_location    ? 
_entity_src_gen.pdbx_host_org_vector_type          PLASMID 
_entity_src_gen.pdbx_host_org_vector               ? 
_entity_src_gen.host_org_details                   ? 
_entity_src_gen.expression_system_id               ? 
_entity_src_gen.plasmid_name                       PET16B 
_entity_src_gen.plasmid_details                    ? 
_entity_src_gen.pdbx_description                   ? 
# 
loop_
_chem_comp.id 
_chem_comp.type 
_chem_comp.mon_nstd_flag 
_chem_comp.name 
_chem_comp.pdbx_synonyms 
_chem_comp.formula 
_chem_comp.formula_weight 
ALA 'L-peptide linking' y ALANINE         ? 'C3 H7 N O2'     89.093  
ARG 'L-peptide linking' y ARGININE        ? 'C6 H15 N4 O2 1' 175.209 
ASN 'L-peptide linking' y ASPARAGINE      ? 'C4 H8 N2 O3'    132.118 
ASP 'L-peptide linking' y 'ASPARTIC ACID' ? 'C4 H7 N O4'     133.103 
CYS 'L-peptide linking' y CYSTEINE        ? 'C3 H7 N O2 S'   121.158 
GLN 'L-peptide linking' y GLUTAMINE       ? 'C5 H10 N2 O3'   146.144 
GLU 'L-peptide linking' y 'GLUTAMIC ACID' ? 'C5 H9 N O4'     147.129 
GLY 'peptide linking'   y GLYCINE         ? 'C2 H5 N O2'     75.067  
HIS 'L-peptide linking' y HISTIDINE       ? 'C6 H10 N3 O2 1' 156.162 
HOH non-polymer         . WATER           ? 'H2 O'           18.015  
ILE 'L-peptide linking' y ISOLEUCINE      ? 'C6 H13 N O2'    131.173 
LEU 'L-peptide linking' y LEUCINE         ? 'C6 H13 N O2'    131.173 
LYS 'L-peptide linking' y LYSINE          ? 'C6 H15 N2 O2 1' 147.195 
MET 'L-peptide linking' y METHIONINE      ? 'C5 H11 N O2 S'  149.211 
PHE 'L-peptide linking' y PHENYLALANINE   ? 'C9 H11 N O2'    165.189 
PRO 'L-peptide linking' y PROLINE         ? 'C5 H9 N O2'     115.130 
SER 'L-peptide linking' y SERINE          ? 'C3 H7 N O3'     105.093 
THR 'L-peptide linking' y THREONINE       ? 'C4 H9 N O3'     119.119 
TRP 'L-peptide linking' y TRYPTOPHAN      ? 'C11 H12 N2 O2'  204.225 
TYR 'L-peptide linking' y TYROSINE        ? 'C9 H11 N O3'    181.189 
VAL 'L-peptide linking' y VALINE          ? 'C5 H11 N O2'    117.146 
ZN  non-polymer         . 'ZINC ION'      ? 'Zn 2'           65.409  
# 
loop_
_pdbx_poly_seq_scheme.asym_id 
_pdbx_poly_seq_scheme.entity_id 
_pdbx_poly_seq_scheme.seq_id 
_pdbx_poly_seq_scheme.mon_id 
_pdbx_poly_seq_scheme.ndb_seq_num 
_pdbx_poly_seq_scheme.pdb_seq_num 
_pdbx_poly_seq_scheme.auth_seq_num 
_pdbx_poly_seq_scheme.pdb_mon_id 
_pdbx_poly_seq_scheme.auth_mon_id 
_pdbx_poly_seq_scheme.pdb_strand_id 
_pdbx_poly_seq_scheme.pdb_ins_code 
_pdbx_poly_seq_scheme.hetero 
A 1 1   MET 1   6   ?   ?   ?   A . n 
A 1 2   ASP 2   7   ?   ?   ?   A . n 
A 1 3   ALA 3   8   ?   ?   ?   A . n 
A 1 4   GLU 4   9   9   GLU GLU A . n 
A 1 5   ASN 5   10  10  ASN ASN A . n 
A 1 6   ARG 6   11  11  ARG ARG A . n 
A 1 7   VAL 7   12  12  VAL VAL A . n 
A 1 8   ILE 8   13  13  ILE ILE A . n 
A 1 9   ILE 9   14  14  ILE ILE A . n 
A 1 10  ASN 10  15  15  ASN ASN A . n 
A 1 11  VAL 11  16  16  VAL VAL A . n 
A 1 12  GLY 12  17  17  GLY GLY A . n 
A 1 13  GLY 13  18  18  GLY GLY A . n 
A 1 14  ILE 14  19  19  ILE ILE A . n 
A 1 15  ARG 15  20  20  ARG ARG A . n 
A 1 16  HIS 16  21  21  HIS HIS A . n 
A 1 17  GLU 17  22  22  GLU GLU A . n 
A 1 18  THR 18  23  23  THR THR A . n 
A 1 19  TYR 19  24  24  TYR TYR A . n 
A 1 20  LYS 20  25  25  LYS LYS A . n 
A 1 21  ALA 21  26  26  ALA ALA A . n 
A 1 22  THR 22  27  27  THR THR A . n 
A 1 23  LEU 23  28  28  LEU LEU A . n 
A 1 24  LYS 24  29  29  LYS LYS A . n 
A 1 25  LYS 25  30  30  LYS LYS A . n 
A 1 26  ILE 26  31  31  ILE ILE A . n 
A 1 27  PRO 27  32  32  PRO PRO A . n 
A 1 28  ALA 28  33  33  ALA ALA A . n 
A 1 29  THR 29  34  34  THR THR A . n 
A 1 30  ARG 30  35  35  ARG ARG A . n 
A 1 31  LEU 31  36  36  LEU LEU A . n 
A 1 32  SER 32  37  37  SER SER A . n 
A 1 33  ARG 33  38  38  ARG ARG A . n 
A 1 34  LEU 34  39  39  LEU LEU A . n 
A 1 35  THR 35  40  40  THR THR A . n 
A 1 36  GLU 36  41  41  GLU GLU A . n 
A 1 37  GLY 37  42  42  GLY GLY A . n 
A 1 38  MET 38  43  43  MET MET A . n 
A 1 39  LEU 39  44  44  LEU LEU A . n 
A 1 40  ASN 40  45  45  ASN ASN A . n 
A 1 41  TYR 41  46  46  TYR TYR A . n 
A 1 42  ASP 42  47  47  ASP ASP A . n 
A 1 43  PRO 43  48  48  PRO PRO A . n 
A 1 44  VAL 44  49  49  VAL VAL A . n 
A 1 45  LEU 45  50  50  LEU LEU A . n 
A 1 46  ASN 46  51  51  ASN ASN A . n 
A 1 47  GLU 47  52  52  GLU GLU A . n 
A 1 48  TYR 48  53  53  TYR TYR A . n 
A 1 49  PHE 49  54  54  PHE PHE A . n 
A 1 50  PHE 50  55  55  PHE PHE A . n 
A 1 51  ASP 51  56  56  ASP ASP A . n 
A 1 52  ARG 52  57  57  ARG ARG A . n 
A 1 53  HIS 53  58  58  HIS HIS A . n 
A 1 54  PRO 54  59  59  PRO PRO A . n 
A 1 55  GLY 55  60  60  GLY GLY A . n 
A 1 56  VAL 56  61  61  VAL VAL A . n 
A 1 57  PHE 57  62  62  PHE PHE A . n 
A 1 58  ALA 58  63  63  ALA ALA A . n 
A 1 59  GLN 59  64  64  GLN GLN A . n 
A 1 60  ILE 60  65  65  ILE ILE A . n 
A 1 61  ILE 61  66  66  ILE ILE A . n 
A 1 62  ASN 62  67  67  ASN ASN A . n 
A 1 63  TYR 63  68  68  TYR TYR A . n 
A 1 64  TYR 64  69  69  TYR TYR A . n 
A 1 65  ARG 65  70  70  ARG ARG A . n 
A 1 66  SER 66  71  71  SER SER A . n 
A 1 67  GLY 67  72  72  GLY GLY A . n 
A 1 68  LYS 68  73  73  LYS LYS A . n 
A 1 69  LEU 69  74  74  LEU LEU A . n 
A 1 70  HIS 70  75  75  HIS HIS A . n 
A 1 71  TYR 71  76  76  TYR TYR A . n 
A 1 72  PRO 72  77  77  PRO PRO A . n 
A 1 73  THR 73  78  78  THR THR A . n 
A 1 74  ASP 74  79  79  ASP ASP A . n 
A 1 75  VAL 75  80  80  VAL VAL A . n 
A 1 76  CYS 76  81  81  CYS CYS A . n 
A 1 77  GLY 77  82  82  GLY GLY A . n 
A 1 78  PRO 78  83  83  PRO PRO A . n 
A 1 79  LEU 79  84  84  LEU LEU A . n 
A 1 80  PHE 80  85  85  PHE PHE A . n 
A 1 81  GLU 81  86  86  GLU GLU A . n 
A 1 82  GLU 82  87  87  GLU GLU A . n 
A 1 83  GLU 83  88  88  GLU GLU A . n 
A 1 84  LEU 84  89  89  LEU LEU A . n 
A 1 85  GLU 85  90  90  GLU GLU A . n 
A 1 86  PHE 86  91  91  PHE PHE A . n 
A 1 87  TRP 87  92  92  TRP TRP A . n 
A 1 88  GLY 88  93  93  GLY GLY A . n 
A 1 89  LEU 89  94  94  LEU LEU A . n 
A 1 90  ASP 90  95  95  ASP ASP A . n 
A 1 91  SER 91  96  96  SER SER A . n 
A 1 92  ASN 92  97  97  ASN ASN A . n 
A 1 93  GLN 93  98  98  GLN GLN A . n 
A 1 94  VAL 94  99  99  VAL VAL A . n 
A 1 95  GLU 95  100 100 GLU GLU A . n 
A 1 96  PRO 96  101 101 PRO PRO A . n 
A 1 97  CYS 97  102 102 CYS CYS A . n 
A 1 98  CYS 98  103 103 CYS CYS A . n 
A 1 99  TRP 99  104 104 TRP TRP A . n 
A 1 100 MET 100 105 105 MET MET A . n 
A 1 101 THR 101 106 106 THR THR A . n 
A 1 102 TYR 102 107 107 TYR TYR A . n 
A 1 103 THR 103 108 108 THR THR A . n 
A 1 104 ALA 104 109 109 ALA ALA A . n 
A 1 105 HIS 105 110 110 HIS HIS A . n 
A 1 106 ARG 106 111 111 ARG ARG A . n 
A 1 107 ASP 107 112 ?   ?   ?   A . n 
A 1 108 THR 108 113 ?   ?   ?   A . n 
A 1 109 GLN 109 114 ?   ?   ?   A . n 
A 1 110 GLU 110 115 ?   ?   ?   A . n 
A 1 111 THR 111 116 ?   ?   ?   A . n 
A 1 112 LEU 112 117 ?   ?   ?   A . n 
A 1 113 ALA 113 118 ?   ?   ?   A . n 
A 1 114 VAL 114 119 ?   ?   ?   A . n 
A 1 115 LEU 115 120 ?   ?   ?   A . n 
# 
loop_
_pdbx_nonpoly_scheme.asym_id 
_pdbx_nonpoly_scheme.entity_id 
_pdbx_nonpoly_scheme.mon_id 
_pdbx_nonpoly_scheme.ndb_seq_num 
_pdbx_nonpoly_scheme.pdb_seq_num 
_pdbx_nonpoly_scheme.auth_seq_num 
_pdbx_nonpoly_scheme.pdb_mon_id 
_pdbx_nonpoly_scheme.auth_mon_id 
_pdbx_nonpoly_scheme.pdb_strand_id 
_pdbx_nonpoly_scheme.pdb_ins_code 
B 2 ZN  1  179 179 ZN  ZN  A . 
C 3 HOH 1  180 112 HOH HOH A . 
C 3 HOH 2  181 113 HOH HOH A . 
C 3 HOH 3  182 114 HOH HOH A . 
C 3 HOH 4  183 115 HOH HOH A . 
C 3 HOH 5  184 116 HOH HOH A . 
C 3 HOH 6  185 117 HOH HOH A . 
C 3 HOH 7  186 118 HOH HOH A . 
C 3 HOH 8  187 119 HOH HOH A . 
C 3 HOH 9  188 120 HOH HOH A . 
C 3 HOH 10 189 121 HOH HOH A . 
C 3 HOH 11 190 122 HOH HOH A . 
C 3 HOH 12 191 123 HOH HOH A . 
C 3 HOH 13 192 124 HOH HOH A . 
C 3 HOH 14 193 125 HOH HOH A . 
C 3 HOH 15 194 126 HOH HOH A . 
C 3 HOH 16 195 127 HOH HOH A . 
C 3 HOH 17 196 128 HOH HOH A . 
C 3 HOH 18 197 129 HOH HOH A . 
C 3 HOH 19 198 130 HOH HOH A . 
C 3 HOH 20 199 131 HOH HOH A . 
C 3 HOH 21 200 132 HOH HOH A . 
C 3 HOH 22 201 133 HOH HOH A . 
C 3 HOH 23 202 134 HOH HOH A . 
C 3 HOH 24 203 135 HOH HOH A . 
C 3 HOH 25 204 136 HOH HOH A . 
C 3 HOH 26 205 137 HOH HOH A . 
C 3 HOH 27 206 138 HOH HOH A . 
C 3 HOH 28 207 139 HOH HOH A . 
C 3 HOH 29 208 140 HOH HOH A . 
C 3 HOH 30 209 141 HOH HOH A . 
C 3 HOH 31 210 142 HOH HOH A . 
C 3 HOH 32 211 143 HOH HOH A . 
C 3 HOH 33 212 144 HOH HOH A . 
C 3 HOH 34 213 145 HOH HOH A . 
C 3 HOH 35 214 146 HOH HOH A . 
C 3 HOH 36 215 147 HOH HOH A . 
C 3 HOH 37 216 148 HOH HOH A . 
C 3 HOH 38 217 149 HOH HOH A . 
C 3 HOH 39 218 150 HOH HOH A . 
C 3 HOH 40 219 151 HOH HOH A . 
C 3 HOH 41 220 152 HOH HOH A . 
C 3 HOH 42 221 153 HOH HOH A . 
C 3 HOH 43 222 154 HOH HOH A . 
C 3 HOH 44 223 155 HOH HOH A . 
C 3 HOH 45 224 156 HOH HOH A . 
C 3 HOH 46 225 157 HOH HOH A . 
C 3 HOH 47 226 158 HOH HOH A . 
C 3 HOH 48 227 159 HOH HOH A . 
C 3 HOH 49 228 160 HOH HOH A . 
C 3 HOH 50 229 161 HOH HOH A . 
C 3 HOH 51 230 162 HOH HOH A . 
C 3 HOH 52 231 163 HOH HOH A . 
C 3 HOH 53 232 164 HOH HOH A . 
C 3 HOH 54 233 165 HOH HOH A . 
C 3 HOH 55 234 166 HOH HOH A . 
C 3 HOH 56 235 167 HOH HOH A . 
C 3 HOH 57 236 168 HOH HOH A . 
C 3 HOH 58 237 169 HOH HOH A . 
C 3 HOH 59 238 170 HOH HOH A . 
C 3 HOH 60 239 171 HOH HOH A . 
C 3 HOH 61 240 172 HOH HOH A . 
C 3 HOH 62 241 173 HOH HOH A . 
C 3 HOH 63 242 174 HOH HOH A . 
C 3 HOH 64 243 175 HOH HOH A . 
C 3 HOH 65 244 176 HOH HOH A . 
C 3 HOH 66 245 177 HOH HOH A . 
C 3 HOH 67 246 178 HOH HOH A . 
# 
loop_
_pdbx_unobs_or_zero_occ_atoms.id 
_pdbx_unobs_or_zero_occ_atoms.PDB_model_num 
_pdbx_unobs_or_zero_occ_atoms.polymer_flag 
_pdbx_unobs_or_zero_occ_atoms.occupancy_flag 
_pdbx_unobs_or_zero_occ_atoms.auth_asym_id 
_pdbx_unobs_or_zero_occ_atoms.auth_comp_id 
_pdbx_unobs_or_zero_occ_atoms.auth_seq_id 
_pdbx_unobs_or_zero_occ_atoms.PDB_ins_code 
_pdbx_unobs_or_zero_occ_atoms.auth_atom_id 
_pdbx_unobs_or_zero_occ_atoms.label_alt_id 
_pdbx_unobs_or_zero_occ_atoms.label_asym_id 
_pdbx_unobs_or_zero_occ_atoms.label_comp_id 
_pdbx_unobs_or_zero_occ_atoms.label_seq_id 
_pdbx_unobs_or_zero_occ_atoms.label_atom_id 
1  1 Y 1 A GLU 9   ? CG  ? A GLU 4   CG  
2  1 Y 1 A GLU 9   ? CD  ? A GLU 4   CD  
3  1 Y 1 A GLU 9   ? OE1 ? A GLU 4   OE1 
4  1 Y 1 A GLU 9   ? OE2 ? A GLU 4   OE2 
5  1 Y 1 A MET 105 ? CG  ? A MET 100 CG  
6  1 Y 1 A MET 105 ? SD  ? A MET 100 SD  
7  1 Y 1 A MET 105 ? CE  ? A MET 100 CE  
8  1 Y 1 A HIS 110 ? CG  ? A HIS 105 CG  
9  1 Y 1 A HIS 110 ? ND1 ? A HIS 105 ND1 
10 1 Y 1 A HIS 110 ? CD2 ? A HIS 105 CD2 
11 1 Y 1 A HIS 110 ? CE1 ? A HIS 105 CE1 
12 1 Y 1 A HIS 110 ? NE2 ? A HIS 105 NE2 
13 1 Y 1 A ARG 111 ? CG  ? A ARG 106 CG  
14 1 Y 1 A ARG 111 ? CD  ? A ARG 106 CD  
15 1 Y 1 A ARG 111 ? NE  ? A ARG 106 NE  
16 1 Y 1 A ARG 111 ? CZ  ? A ARG 106 CZ  
17 1 Y 1 A ARG 111 ? NH1 ? A ARG 106 NH1 
18 1 Y 1 A ARG 111 ? NH2 ? A ARG 106 NH2 
# 
loop_
_software.name 
_software.classification 
_software.version 
_software.citation_id 
_software.pdbx_ordinal 
X-PLOR    'model building' 3.851 ? 1 
X-PLOR    refinement       3.851 ? 2 
DENZO     'data reduction' .     ? 3 
SCALEPACK 'data scaling'   .     ? 4 
X-PLOR    phasing          3.851 ? 5 
# 
_cell.entry_id           3KVT 
_cell.length_a           67.191 
_cell.length_b           67.191 
_cell.length_c           138.900 
_cell.angle_alpha        90.00 
_cell.angle_beta         90.00 
_cell.angle_gamma        90.00 
_cell.Z_PDB              16 
_cell.pdbx_unique_axis   ? 
# 
_symmetry.entry_id                         3KVT 
_symmetry.space_group_name_H-M             'I 4 2 2' 
_symmetry.pdbx_full_space_group_name_H-M   ? 
_symmetry.cell_setting                     ? 
_symmetry.Int_Tables_number                97 
# 
_exptl.entry_id          3KVT 
_exptl.method            'X-RAY DIFFRACTION' 
_exptl.crystals_number   1 
# 
_exptl_crystal.id                    1 
_exptl_crystal.density_meas          ? 
_exptl_crystal.density_Matthews      2.66 
_exptl_crystal.density_percent_sol   51 
_exptl_crystal.description           ? 
# 
_exptl_crystal_grow.crystal_id      1 
_exptl_crystal_grow.method          ? 
_exptl_crystal_grow.temp            ? 
_exptl_crystal_grow.temp_details    ? 
_exptl_crystal_grow.pH              8.5 
_exptl_crystal_grow.pdbx_pH_range   ? 
_exptl_crystal_grow.pdbx_details    'pH 8.5' 
# 
_diffrn.id                     1 
_diffrn.ambient_temp           100 
_diffrn.ambient_temp_details   ? 
_diffrn.crystal_id             1 
# 
_diffrn_detector.diffrn_id              1 
_diffrn_detector.detector               'IMAGE PLATE' 
_diffrn_detector.type                   MARRESEARCH 
_diffrn_detector.pdbx_collection_date   1997-04 
_diffrn_detector.details                'PLATINUM COATED MIRRORS' 
# 
_diffrn_radiation.diffrn_id                        1 
_diffrn_radiation.wavelength_id                    1 
_diffrn_radiation.pdbx_monochromatic_or_laue_m_l   M 
_diffrn_radiation.monochromator                    'SI(111)' 
_diffrn_radiation.pdbx_diffrn_protocol             ? 
_diffrn_radiation.pdbx_scattering_type             x-ray 
# 
_diffrn_radiation_wavelength.id           1 
_diffrn_radiation_wavelength.wavelength   1.08 
_diffrn_radiation_wavelength.wt           1.0 
# 
_diffrn_source.diffrn_id                   1 
_diffrn_source.source                      SYNCHROTRON 
_diffrn_source.type                        'SSRL BEAMLINE BL7-1' 
_diffrn_source.pdbx_synchrotron_site       SSRL 
_diffrn_source.pdbx_synchrotron_beamline   BL7-1 
_diffrn_source.pdbx_wavelength             1.08 
_diffrn_source.pdbx_wavelength_list        ? 
# 
_reflns.entry_id                     3KVT 
_reflns.observed_criterion_sigma_I   ? 
_reflns.observed_criterion_sigma_F   ? 
_reflns.d_resolution_low             25.0 
_reflns.d_resolution_high            2.0 
_reflns.number_obs                   11135 
_reflns.number_all                   ? 
_reflns.percent_possible_obs         99.8 
_reflns.pdbx_Rmerge_I_obs            ? 
_reflns.pdbx_Rsym_value              0.0570000 
_reflns.pdbx_netI_over_sigmaI        ? 
_reflns.B_iso_Wilson_estimate        18.7 
_reflns.pdbx_redundancy              11.3 
_reflns.pdbx_ordinal                 1 
_reflns.pdbx_diffrn_id               1 
# 
_reflns_shell.d_res_high             2.00 
_reflns_shell.d_res_low              2.07 
_reflns_shell.percent_possible_all   99.5 
_reflns_shell.Rmerge_I_obs           ? 
_reflns_shell.pdbx_Rsym_value        0.4010000 
_reflns_shell.meanI_over_sigI_obs    ? 
_reflns_shell.pdbx_redundancy        ? 
_reflns_shell.pdbx_ordinal           1 
_reflns_shell.pdbx_diffrn_id         1 
# 
_refine.entry_id                                 3KVT 
_refine.ls_number_reflns_obs                     11134 
_refine.ls_number_reflns_all                     ? 
_refine.pdbx_ls_sigma_I                          ? 
_refine.pdbx_ls_sigma_F                          0.0 
_refine.pdbx_data_cutoff_high_absF               1000000.00 
_refine.pdbx_data_cutoff_low_absF                0.00100 
_refine.pdbx_data_cutoff_high_rms_absF           ? 
_refine.ls_d_res_low                             25.00 
_refine.ls_d_res_high                            2.00 
_refine.ls_percent_reflns_obs                    99.7 
_refine.ls_R_factor_obs                          0.2250000 
_refine.ls_R_factor_all                          ? 
_refine.ls_R_factor_R_work                       0.2250000 
_refine.ls_R_factor_R_free                       0.2380000 
_refine.ls_R_factor_R_free_error                 0.010 
_refine.ls_R_factor_R_free_error_details         ? 
_refine.ls_percent_reflns_R_free                 5.2 
_refine.ls_number_reflns_R_free                  577 
_refine.ls_number_parameters                     ? 
_refine.ls_number_restraints                     ? 
_refine.occupancy_min                            ? 
_refine.occupancy_max                            ? 
_refine.B_iso_mean                               28.3 
_refine.aniso_B[1][1]                            ? 
_refine.aniso_B[2][2]                            ? 
_refine.aniso_B[3][3]                            ? 
_refine.aniso_B[1][2]                            ? 
_refine.aniso_B[1][3]                            ? 
_refine.aniso_B[2][3]                            ? 
_refine.solvent_model_details                    ? 
_refine.solvent_model_param_ksol                 ? 
_refine.solvent_model_param_bsol                 ? 
_refine.pdbx_ls_cross_valid_method               THROUGHOUT 
_refine.details                                  ? 
_refine.pdbx_starting_model                      1AP61 
_refine.pdbx_method_to_determine_struct          'MOLECULAR REPLACEMENT' 
_refine.pdbx_isotropic_thermal_model             RESTRAINED 
_refine.pdbx_stereochemistry_target_values       ? 
_refine.pdbx_stereochem_target_val_spec_case     ? 
_refine.pdbx_R_Free_selection_details            RANDOM 
_refine.pdbx_overall_ESU_R                       ? 
_refine.pdbx_overall_ESU_R_Free                  ? 
_refine.overall_SU_ML                            ? 
_refine.overall_SU_B                             ? 
_refine.pdbx_refine_id                           'X-RAY DIFFRACTION' 
_refine.pdbx_diffrn_id                           1 
_refine.pdbx_TLS_residual_ADP_flag               ? 
_refine.correlation_coeff_Fo_to_Fc               ? 
_refine.correlation_coeff_Fo_to_Fc_free          ? 
_refine.pdbx_solvent_vdw_probe_radii             ? 
_refine.pdbx_solvent_ion_probe_radii             ? 
_refine.pdbx_solvent_shrinkage_radii             ? 
_refine.pdbx_overall_phase_error                 ? 
_refine.overall_SU_R_Cruickshank_DPI             ? 
_refine.pdbx_overall_SU_R_free_Cruickshank_DPI   ? 
_refine.pdbx_overall_SU_R_Blow_DPI               ? 
_refine.pdbx_overall_SU_R_free_Blow_DPI          ? 
# 
_refine_analyze.entry_id                        3KVT 
_refine_analyze.Luzzati_coordinate_error_obs    0.25 
_refine_analyze.Luzzati_sigma_a_obs             0.24 
_refine_analyze.Luzzati_d_res_low_obs           5.00 
_refine_analyze.Luzzati_coordinate_error_free   0.27 
_refine_analyze.Luzzati_sigma_a_free            0.28 
_refine_analyze.Luzzati_d_res_low_free          ? 
_refine_analyze.number_disordered_residues      ? 
_refine_analyze.occupancy_sum_hydrogen          ? 
_refine_analyze.occupancy_sum_non_hydrogen      ? 
_refine_analyze.pdbx_refine_id                  'X-RAY DIFFRACTION' 
# 
_refine_hist.pdbx_refine_id                   'X-RAY DIFFRACTION' 
_refine_hist.cycle_id                         LAST 
_refine_hist.pdbx_number_atoms_protein        834 
_refine_hist.pdbx_number_atoms_nucleic_acid   0 
_refine_hist.pdbx_number_atoms_ligand         1 
_refine_hist.number_atoms_solvent             67 
_refine_hist.number_atoms_total               902 
_refine_hist.d_res_high                       2.00 
_refine_hist.d_res_low                        25.00 
# 
loop_
_refine_ls_restr.type 
_refine_ls_restr.dev_ideal 
_refine_ls_restr.dev_ideal_target 
_refine_ls_restr.weight 
_refine_ls_restr.number 
_refine_ls_restr.pdbx_refine_id 
_refine_ls_restr.pdbx_restraint_function 
x_bond_d                0.007 ?    ? ? 'X-RAY DIFFRACTION' ? 
x_bond_d_na             ?     ?    ? ? 'X-RAY DIFFRACTION' ? 
x_bond_d_prot           ?     ?    ? ? 'X-RAY DIFFRACTION' ? 
x_angle_d               ?     ?    ? ? 'X-RAY DIFFRACTION' ? 
x_angle_d_na            ?     ?    ? ? 'X-RAY DIFFRACTION' ? 
x_angle_d_prot          ?     ?    ? ? 'X-RAY DIFFRACTION' ? 
x_angle_deg             1.1   ?    ? ? 'X-RAY DIFFRACTION' ? 
x_angle_deg_na          ?     ?    ? ? 'X-RAY DIFFRACTION' ? 
x_angle_deg_prot        ?     ?    ? ? 'X-RAY DIFFRACTION' ? 
x_dihedral_angle_d      24.0  ?    ? ? 'X-RAY DIFFRACTION' ? 
x_dihedral_angle_d_na   ?     ?    ? ? 'X-RAY DIFFRACTION' ? 
x_dihedral_angle_d_prot ?     ?    ? ? 'X-RAY DIFFRACTION' ? 
x_improper_angle_d      1.09  ?    ? ? 'X-RAY DIFFRACTION' ? 
x_improper_angle_d_na   ?     ?    ? ? 'X-RAY DIFFRACTION' ? 
x_improper_angle_d_prot ?     ?    ? ? 'X-RAY DIFFRACTION' ? 
x_mcbond_it             1.70  1.50 ? ? 'X-RAY DIFFRACTION' ? 
x_mcangle_it            2.80  2.00 ? ? 'X-RAY DIFFRACTION' ? 
x_scbond_it             2.87  2.00 ? ? 'X-RAY DIFFRACTION' ? 
x_scangle_it            4.43  2.50 ? ? 'X-RAY DIFFRACTION' ? 
# 
_refine_ls_shell.pdbx_total_number_of_bins_used   10 
_refine_ls_shell.d_res_high                       2.00 
_refine_ls_shell.d_res_low                        2.07 
_refine_ls_shell.number_reflns_R_work             1012 
_refine_ls_shell.R_factor_R_work                  0.2860000 
_refine_ls_shell.percent_reflns_obs               99.3 
_refine_ls_shell.R_factor_R_free                  0.3160000 
_refine_ls_shell.R_factor_R_free_error            0.040 
_refine_ls_shell.percent_reflns_R_free            5.9 
_refine_ls_shell.number_reflns_R_free             63 
_refine_ls_shell.pdbx_refine_id                   'X-RAY DIFFRACTION' 
_refine_ls_shell.number_reflns_all                ? 
_refine_ls_shell.R_factor_all                     ? 
# 
loop_
_pdbx_xplor_file.serial_no 
_pdbx_xplor_file.param_file 
_pdbx_xplor_file.topol_file 
_pdbx_xplor_file.pdbx_refine_id 
1 PARHCSDX.PRO TOPHCSDX.PRO 'X-RAY DIFFRACTION' 
2 PARAM19.SOL  TOPH19.SOL   'X-RAY DIFFRACTION' 
3 PARAM21.ION  TOPH21.ION   'X-RAY DIFFRACTION' 
# 
_struct.entry_id                  3KVT 
_struct.title                     'TETRAMERIZATION DOMAIN FROM AKV3.1 (SHAW-SUBFAMILY) VOLTAGE-GATED POTASSIUM CHANNEL' 
_struct.pdbx_model_details        ? 
_struct.pdbx_CASP_flag            ? 
_struct.pdbx_model_type_details   ? 
# 
_struct_keywords.entry_id        3KVT 
_struct_keywords.pdbx_keywords   'POTASSIUM CHANNEL' 
_struct_keywords.text            'POTASSIUM CHANNEL, TETRAMERIZATION DOMAIN, MOLECULAR RECOGNITION, ZINC-BINDING' 
# 
loop_
_struct_asym.id 
_struct_asym.pdbx_blank_PDB_chainid_flag 
_struct_asym.pdbx_modified 
_struct_asym.entity_id 
_struct_asym.details 
A N N 1 ? 
B N N 2 ? 
C N N 3 ? 
# 
_struct_ref.id                         1 
_struct_ref.db_name                    UNP 
_struct_ref.db_code                    O76457 
_struct_ref.entity_id                  1 
_struct_ref.pdbx_db_accession          O76457 
_struct_ref.pdbx_align_begin           1 
_struct_ref.pdbx_seq_one_letter_code   
;MDAENRVVLNVGGIRHETYKATLKKIPATRLSRLTEALANYDPILNEYFFDRHPGVFAQVLNYYRTGKLHYPTDVCGPLF
EEELEYWGLDSNQVEPCCWMTYTAHRDTQETLAVLDRLDLDTDKPSEEELARKFGFEDDYFSGNLSWWQKTKPKLWSLFD
EPYSSQAAKVIGVISVFFICVSILSFCLKTHPDMRVPVIQNITVQTAENTTAWTLDKKATNAHEAFFYIECVCNTWFTFE
ILIRLIASPNKFMFLKASVNMIDFIATLSFYVDILLQKFASHLENADILEFFSIIRIMRLFKLTRHSSGLKILIQTFRAS
AKELTLLVFFLVLGIVIFASLVYYAERIQANPHNDFNSIPLGLWWALVTMTTVGYGDMAPKTYVGMFVGALCALAGVLTI
ALPVPVIVSNFAMYYSHTQARAKLPKKRRRVLPVEHVRVGPVIPPPKRGGGPNAMNRGPGPKMGNDAPNSTTNGTSKGSD
RPSNKITGF
;
_struct_ref.pdbx_db_isoform            ? 
# 
_struct_ref_seq.align_id                      1 
_struct_ref_seq.ref_id                        1 
_struct_ref_seq.pdbx_PDB_id_code              3KVT 
_struct_ref_seq.pdbx_strand_id                A 
_struct_ref_seq.seq_align_beg                 1 
_struct_ref_seq.pdbx_seq_align_beg_ins_code   ? 
_struct_ref_seq.seq_align_end                 115 
_struct_ref_seq.pdbx_seq_align_end_ins_code   ? 
_struct_ref_seq.pdbx_db_accession             O76457 
_struct_ref_seq.db_align_beg                  1 
_struct_ref_seq.pdbx_db_align_beg_ins_code    ? 
_struct_ref_seq.db_align_end                  115 
_struct_ref_seq.pdbx_db_align_end_ins_code    ? 
_struct_ref_seq.pdbx_auth_seq_align_beg       6 
_struct_ref_seq.pdbx_auth_seq_align_end       120 
# 
loop_
_struct_ref_seq_dif.align_id 
_struct_ref_seq_dif.pdbx_pdb_id_code 
_struct_ref_seq_dif.mon_id 
_struct_ref_seq_dif.pdbx_pdb_strand_id 
_struct_ref_seq_dif.seq_num 
_struct_ref_seq_dif.pdbx_pdb_ins_code 
_struct_ref_seq_dif.pdbx_seq_db_name 
_struct_ref_seq_dif.pdbx_seq_db_accession_code 
_struct_ref_seq_dif.db_mon_id 
_struct_ref_seq_dif.pdbx_seq_db_seq_num 
_struct_ref_seq_dif.details 
_struct_ref_seq_dif.pdbx_auth_seq_num 
_struct_ref_seq_dif.pdbx_ordinal 
1 3KVT ILE A 8  ? UNP O76457 VAL 8  conflict              13 1  
1 3KVT ILE A 9  ? UNP O76457 LEU 9  conflict              14 2  
1 3KVT GLY A 37 ? UNP O76457 ALA 37 'engineered mutation' 42 3  
1 3KVT MET A 38 ? UNP O76457 LEU 38 'engineered mutation' 43 4  
1 3KVT LEU A 39 ? UNP O76457 ALA 39 'engineered mutation' 44 5  
1 3KVT VAL A 44 ? UNP O76457 ILE 44 conflict              49 6  
1 3KVT ILE A 60 ? UNP O76457 VAL 60 conflict              65 7  
1 3KVT ILE A 61 ? UNP O76457 LEU 61 conflict              66 8  
1 3KVT SER A 66 ? UNP O76457 THR 66 conflict              71 9  
1 3KVT PHE A 86 ? UNP O76457 TYR 86 conflict              91 10 
# 
_pdbx_struct_assembly.id                   1 
_pdbx_struct_assembly.details              author_and_software_defined_assembly 
_pdbx_struct_assembly.method_details       PISA,PQS 
_pdbx_struct_assembly.oligomeric_details   tetrameric 
_pdbx_struct_assembly.oligomeric_count     4 
# 
loop_
_pdbx_struct_assembly_prop.biol_id 
_pdbx_struct_assembly_prop.type 
_pdbx_struct_assembly_prop.value 
_pdbx_struct_assembly_prop.details 
1 'ABSA (A^2)' 6480  ? 
1 MORE         -173  ? 
1 'SSA (A^2)'  18350 ? 
# 
_pdbx_struct_assembly_gen.assembly_id       1 
_pdbx_struct_assembly_gen.oper_expression   1,2,3,4 
_pdbx_struct_assembly_gen.asym_id_list      A,B,C 
# 
loop_
_pdbx_struct_oper_list.id 
_pdbx_struct_oper_list.type 
_pdbx_struct_oper_list.name 
_pdbx_struct_oper_list.symmetry_operation 
_pdbx_struct_oper_list.matrix[1][1] 
_pdbx_struct_oper_list.matrix[1][2] 
_pdbx_struct_oper_list.matrix[1][3] 
_pdbx_struct_oper_list.vector[1] 
_pdbx_struct_oper_list.matrix[2][1] 
_pdbx_struct_oper_list.matrix[2][2] 
_pdbx_struct_oper_list.matrix[2][3] 
_pdbx_struct_oper_list.vector[2] 
_pdbx_struct_oper_list.matrix[3][1] 
_pdbx_struct_oper_list.matrix[3][2] 
_pdbx_struct_oper_list.matrix[3][3] 
_pdbx_struct_oper_list.vector[3] 
1 'identity operation'         1_555 x,y,z      1.0000000000  0.0000000000  0.0000000000  0.0000000000   0.0000000000  1.0000000000  0.0000000000  0.0000000000  0.0000000000  0.0000000000  1.0000000000 0.0000000000   
2 'crystal symmetry operation' 2_755 -x+2,-y,z  -0.2195368535 -0.0523407365 -0.9741991671 -18.8146008789 -0.0523407365 -0.9964898372 0.0653333884  17.9004810141 -0.9741991671 0.0653333884  0.2160266908 -16.0347365183 
3 'crystal symmetry operation' 3_645 -y+1,x-1,z 0.3902315732  -0.8059224733 -0.4452058920 -2.0924544098  0.7535817368  0.0017550814  0.6573518735  21.2939339562 -0.5289932752 -0.5920184851 0.6080133454 -2.8203922068  
4 'crystal symmetry operation' 4_665 y+1,-x+1,z 0.3902315732  0.7535817368  -0.5289932752 -16.7221464691 -0.8059224733 0.0017550814  -0.5920184851 -3.3934529422 -0.4452058920 0.6573518735  0.6080133454 -13.2143443116 
# 
_struct_biol.id   1 
# 
loop_
_struct_conf.conf_type_id 
_struct_conf.id 
_struct_conf.pdbx_PDB_helix_id 
_struct_conf.beg_label_comp_id 
_struct_conf.beg_label_asym_id 
_struct_conf.beg_label_seq_id 
_struct_conf.pdbx_beg_PDB_ins_code 
_struct_conf.end_label_comp_id 
_struct_conf.end_label_asym_id 
_struct_conf.end_label_seq_id 
_struct_conf.pdbx_end_PDB_ins_code 
_struct_conf.beg_auth_comp_id 
_struct_conf.beg_auth_asym_id 
_struct_conf.beg_auth_seq_id 
_struct_conf.end_auth_comp_id 
_struct_conf.end_auth_asym_id 
_struct_conf.end_auth_seq_id 
_struct_conf.pdbx_PDB_helix_class 
_struct_conf.details 
_struct_conf.pdbx_PDB_helix_length 
HELX_P HELX_P1 1 LYS A 20  ? LYS A 25  ? LYS A 25  LYS A 30  1 ? 6  
HELX_P HELX_P2 2 VAL A 56  ? SER A 66  ? VAL A 61  SER A 71  5 ? 11 
HELX_P HELX_P3 3 GLY A 77  ? TRP A 87  ? GLY A 82  TRP A 92  1 ? 11 
HELX_P HELX_P4 4 SER A 91  ? GLN A 93  ? SER A 96  GLN A 98  5 ? 3  
HELX_P HELX_P5 5 PRO A 96  ? CYS A 98  ? PRO A 101 CYS A 103 5 ? 3  
HELX_P HELX_P6 6 MET A 100 ? THR A 103 ? MET A 105 THR A 108 1 ? 4  
# 
_struct_conf_type.id          HELX_P 
_struct_conf_type.criteria    ? 
_struct_conf_type.reference   ? 
# 
loop_
_struct_conn.id 
_struct_conn.conn_type_id 
_struct_conn.pdbx_leaving_atom_flag 
_struct_conn.pdbx_PDB_id 
_struct_conn.ptnr1_label_asym_id 
_struct_conn.ptnr1_label_comp_id 
_struct_conn.ptnr1_label_seq_id 
_struct_conn.ptnr1_label_atom_id 
_struct_conn.pdbx_ptnr1_label_alt_id 
_struct_conn.pdbx_ptnr1_PDB_ins_code 
_struct_conn.pdbx_ptnr1_standard_comp_id 
_struct_conn.ptnr1_symmetry 
_struct_conn.ptnr2_label_asym_id 
_struct_conn.ptnr2_label_comp_id 
_struct_conn.ptnr2_label_seq_id 
_struct_conn.ptnr2_label_atom_id 
_struct_conn.pdbx_ptnr2_label_alt_id 
_struct_conn.pdbx_ptnr2_PDB_ins_code 
_struct_conn.ptnr1_auth_asym_id 
_struct_conn.ptnr1_auth_comp_id 
_struct_conn.ptnr1_auth_seq_id 
_struct_conn.ptnr2_auth_asym_id 
_struct_conn.ptnr2_auth_comp_id 
_struct_conn.ptnr2_auth_seq_id 
_struct_conn.ptnr2_symmetry 
_struct_conn.pdbx_ptnr3_label_atom_id 
_struct_conn.pdbx_ptnr3_label_seq_id 
_struct_conn.pdbx_ptnr3_label_comp_id 
_struct_conn.pdbx_ptnr3_label_asym_id 
_struct_conn.pdbx_ptnr3_label_alt_id 
_struct_conn.pdbx_ptnr3_PDB_ins_code 
_struct_conn.details 
_struct_conn.pdbx_dist_value 
_struct_conn.pdbx_value_order 
_struct_conn.pdbx_role 
metalc1 metalc ? ? A HIS 70 ND1 ? ? ? 1_555 B ZN . ZN ? ? A HIS 75  A ZN 179 1_555 ? ? ? ? ? ? ? 2.299 ? ? 
metalc2 metalc ? ? A CYS 76 SG  ? ? ? 4_665 B ZN . ZN ? ? A CYS 81  A ZN 179 1_555 ? ? ? ? ? ? ? 2.358 ? ? 
metalc3 metalc ? ? A CYS 97 SG  ? ? ? 1_555 B ZN . ZN ? ? A CYS 102 A ZN 179 1_555 ? ? ? ? ? ? ? 2.494 ? ? 
metalc4 metalc ? ? A CYS 98 SG  ? ? ? 1_555 B ZN . ZN ? ? A CYS 103 A ZN 179 1_555 ? ? ? ? ? ? ? 2.264 ? ? 
# 
_struct_conn_type.id          metalc 
_struct_conn_type.criteria    ? 
_struct_conn_type.reference   ? 
# 
loop_
_pdbx_struct_conn_angle.id 
_pdbx_struct_conn_angle.ptnr1_label_atom_id 
_pdbx_struct_conn_angle.ptnr1_label_alt_id 
_pdbx_struct_conn_angle.ptnr1_label_asym_id 
_pdbx_struct_conn_angle.ptnr1_label_comp_id 
_pdbx_struct_conn_angle.ptnr1_label_seq_id 
_pdbx_struct_conn_angle.ptnr1_auth_atom_id 
_pdbx_struct_conn_angle.ptnr1_auth_asym_id 
_pdbx_struct_conn_angle.ptnr1_auth_comp_id 
_pdbx_struct_conn_angle.ptnr1_auth_seq_id 
_pdbx_struct_conn_angle.ptnr1_PDB_ins_code 
_pdbx_struct_conn_angle.ptnr1_symmetry 
_pdbx_struct_conn_angle.ptnr2_label_atom_id 
_pdbx_struct_conn_angle.ptnr2_label_alt_id 
_pdbx_struct_conn_angle.ptnr2_label_asym_id 
_pdbx_struct_conn_angle.ptnr2_label_comp_id 
_pdbx_struct_conn_angle.ptnr2_label_seq_id 
_pdbx_struct_conn_angle.ptnr2_auth_atom_id 
_pdbx_struct_conn_angle.ptnr2_auth_asym_id 
_pdbx_struct_conn_angle.ptnr2_auth_comp_id 
_pdbx_struct_conn_angle.ptnr2_auth_seq_id 
_pdbx_struct_conn_angle.ptnr2_PDB_ins_code 
_pdbx_struct_conn_angle.ptnr2_symmetry 
_pdbx_struct_conn_angle.ptnr3_label_atom_id 
_pdbx_struct_conn_angle.ptnr3_label_alt_id 
_pdbx_struct_conn_angle.ptnr3_label_asym_id 
_pdbx_struct_conn_angle.ptnr3_label_comp_id 
_pdbx_struct_conn_angle.ptnr3_label_seq_id 
_pdbx_struct_conn_angle.ptnr3_auth_atom_id 
_pdbx_struct_conn_angle.ptnr3_auth_asym_id 
_pdbx_struct_conn_angle.ptnr3_auth_comp_id 
_pdbx_struct_conn_angle.ptnr3_auth_seq_id 
_pdbx_struct_conn_angle.ptnr3_PDB_ins_code 
_pdbx_struct_conn_angle.ptnr3_symmetry 
_pdbx_struct_conn_angle.value 
_pdbx_struct_conn_angle.value_esd 
1 ND1 ? A HIS 70 ? A HIS 75  ? 1_555 ZN ? B ZN . ? A ZN 179 ? 1_555 SG ? A CYS 76 ? A CYS 81  ? 4_665 93.8  ? 
2 ND1 ? A HIS 70 ? A HIS 75  ? 1_555 ZN ? B ZN . ? A ZN 179 ? 1_555 SG ? A CYS 97 ? A CYS 102 ? 1_555 96.0  ? 
3 SG  ? A CYS 76 ? A CYS 81  ? 4_665 ZN ? B ZN . ? A ZN 179 ? 1_555 SG ? A CYS 97 ? A CYS 102 ? 1_555 115.5 ? 
4 ND1 ? A HIS 70 ? A HIS 75  ? 1_555 ZN ? B ZN . ? A ZN 179 ? 1_555 SG ? A CYS 98 ? A CYS 103 ? 1_555 115.9 ? 
5 SG  ? A CYS 76 ? A CYS 81  ? 4_665 ZN ? B ZN . ? A ZN 179 ? 1_555 SG ? A CYS 98 ? A CYS 103 ? 1_555 106.9 ? 
6 SG  ? A CYS 97 ? A CYS 102 ? 1_555 ZN ? B ZN . ? A ZN 179 ? 1_555 SG ? A CYS 98 ? A CYS 103 ? 1_555 124.4 ? 
# 
_struct_sheet.id               A 
_struct_sheet.type             ? 
_struct_sheet.number_strands   3 
_struct_sheet.details          ? 
# 
loop_
_struct_sheet_order.sheet_id 
_struct_sheet_order.range_id_1 
_struct_sheet_order.range_id_2 
_struct_sheet_order.offset 
_struct_sheet_order.sense 
A 1 2 ? anti-parallel 
A 2 3 ? parallel      
# 
loop_
_struct_sheet_range.sheet_id 
_struct_sheet_range.id 
_struct_sheet_range.beg_label_comp_id 
_struct_sheet_range.beg_label_asym_id 
_struct_sheet_range.beg_label_seq_id 
_struct_sheet_range.pdbx_beg_PDB_ins_code 
_struct_sheet_range.end_label_comp_id 
_struct_sheet_range.end_label_asym_id 
_struct_sheet_range.end_label_seq_id 
_struct_sheet_range.pdbx_end_PDB_ins_code 
_struct_sheet_range.beg_auth_comp_id 
_struct_sheet_range.beg_auth_asym_id 
_struct_sheet_range.beg_auth_seq_id 
_struct_sheet_range.end_auth_comp_id 
_struct_sheet_range.end_auth_asym_id 
_struct_sheet_range.end_auth_seq_id 
A 1 ILE A 14 ? TYR A 19 ? ILE A 19 TYR A 24 
A 2 ARG A 6  ? VAL A 11 ? ARG A 11 VAL A 16 
A 3 TYR A 48 ? PHE A 50 ? TYR A 53 PHE A 55 
# 
loop_
_pdbx_struct_sheet_hbond.sheet_id 
_pdbx_struct_sheet_hbond.range_id_1 
_pdbx_struct_sheet_hbond.range_id_2 
_pdbx_struct_sheet_hbond.range_1_label_atom_id 
_pdbx_struct_sheet_hbond.range_1_label_comp_id 
_pdbx_struct_sheet_hbond.range_1_label_asym_id 
_pdbx_struct_sheet_hbond.range_1_label_seq_id 
_pdbx_struct_sheet_hbond.range_1_PDB_ins_code 
_pdbx_struct_sheet_hbond.range_1_auth_atom_id 
_pdbx_struct_sheet_hbond.range_1_auth_comp_id 
_pdbx_struct_sheet_hbond.range_1_auth_asym_id 
_pdbx_struct_sheet_hbond.range_1_auth_seq_id 
_pdbx_struct_sheet_hbond.range_2_label_atom_id 
_pdbx_struct_sheet_hbond.range_2_label_comp_id 
_pdbx_struct_sheet_hbond.range_2_label_asym_id 
_pdbx_struct_sheet_hbond.range_2_label_seq_id 
_pdbx_struct_sheet_hbond.range_2_PDB_ins_code 
_pdbx_struct_sheet_hbond.range_2_auth_atom_id 
_pdbx_struct_sheet_hbond.range_2_auth_comp_id 
_pdbx_struct_sheet_hbond.range_2_auth_asym_id 
_pdbx_struct_sheet_hbond.range_2_auth_seq_id 
A 1 2 O ILE A 14 ? O ILE A 19 N VAL A 11 ? N VAL A 16 
A 2 3 O ASN A 10 ? O ASN A 15 N TYR A 48 ? N TYR A 53 
# 
loop_
_struct_site.id 
_struct_site.pdbx_evidence_code 
_struct_site.pdbx_auth_asym_id 
_struct_site.pdbx_auth_comp_id 
_struct_site.pdbx_auth_seq_id 
_struct_site.pdbx_auth_ins_code 
_struct_site.pdbx_num_residues 
_struct_site.details 
ZN  Unknown  ? ?  ?   ? 4 
;ONE ZN2+ BOUND PER MONOMER AT THE MONOMER-MONOMER INTERFACE PRESENCE CONFIRMED BY ANOMALOUS DIFFERENCE PATTERSON. LIGANDING SEQUENCE HIGHLY CONSERVED IN ALL VOLTAGE-GATED POTASSIUM CHANNELS WITH THE EXCEPTION OF THE SHAKER SUBFAMILY.
;
AC1 Software A ZN 179 ? 4 'BINDING SITE FOR RESIDUE ZN A 179' 
# 
loop_
_struct_site_gen.id 
_struct_site_gen.site_id 
_struct_site_gen.pdbx_num_res 
_struct_site_gen.label_comp_id 
_struct_site_gen.label_asym_id 
_struct_site_gen.label_seq_id 
_struct_site_gen.pdbx_auth_ins_code 
_struct_site_gen.auth_comp_id 
_struct_site_gen.auth_asym_id 
_struct_site_gen.auth_seq_id 
_struct_site_gen.label_atom_id 
_struct_site_gen.label_alt_id 
_struct_site_gen.symmetry 
_struct_site_gen.details 
1 ZN  4 HIS A 70 ? HIS A 75  . ? 1_555 ? 
2 ZN  4 CYS A 76 ? CYS A 81  . ? 1_555 ? 
3 ZN  4 CYS A 97 ? CYS A 102 . ? 1_555 ? 
4 ZN  4 CYS A 98 ? CYS A 103 . ? 1_555 ? 
5 AC1 4 HIS A 70 ? HIS A 75  . ? 1_555 ? 
6 AC1 4 CYS A 76 ? CYS A 81  . ? 4_665 ? 
7 AC1 4 CYS A 97 ? CYS A 102 . ? 1_555 ? 
8 AC1 4 CYS A 98 ? CYS A 103 . ? 1_555 ? 
# 
_pdbx_validate_torsion.id              1 
_pdbx_validate_torsion.PDB_model_num   1 
_pdbx_validate_torsion.auth_comp_id    ASN 
_pdbx_validate_torsion.auth_asym_id    A 
_pdbx_validate_torsion.auth_seq_id     51 
_pdbx_validate_torsion.PDB_ins_code    ? 
_pdbx_validate_torsion.label_alt_id    ? 
_pdbx_validate_torsion.phi             60.94 
_pdbx_validate_torsion.psi             67.84 
# 
loop_
_pdbx_unobs_or_zero_occ_residues.id 
_pdbx_unobs_or_zero_occ_residues.PDB_model_num 
_pdbx_unobs_or_zero_occ_residues.polymer_flag 
_pdbx_unobs_or_zero_occ_residues.occupancy_flag 
_pdbx_unobs_or_zero_occ_residues.auth_asym_id 
_pdbx_unobs_or_zero_occ_residues.auth_comp_id 
_pdbx_unobs_or_zero_occ_residues.auth_seq_id 
_pdbx_unobs_or_zero_occ_residues.PDB_ins_code 
_pdbx_unobs_or_zero_occ_residues.label_asym_id 
_pdbx_unobs_or_zero_occ_residues.label_comp_id 
_pdbx_unobs_or_zero_occ_residues.label_seq_id 
1  1 Y 1 A MET 6   ? A MET 1   
2  1 Y 1 A ASP 7   ? A ASP 2   
3  1 Y 1 A ALA 8   ? A ALA 3   
4  1 Y 1 A ASP 112 ? A ASP 107 
5  1 Y 1 A THR 113 ? A THR 108 
6  1 Y 1 A GLN 114 ? A GLN 109 
7  1 Y 1 A GLU 115 ? A GLU 110 
8  1 Y 1 A THR 116 ? A THR 111 
9  1 Y 1 A LEU 117 ? A LEU 112 
10 1 Y 1 A ALA 118 ? A ALA 113 
11 1 Y 1 A VAL 119 ? A VAL 114 
12 1 Y 1 A LEU 120 ? A LEU 115 
# 
loop_
_chem_comp_atom.comp_id 
_chem_comp_atom.atom_id 
_chem_comp_atom.type_symbol 
_chem_comp_atom.pdbx_aromatic_flag 
_chem_comp_atom.pdbx_stereo_config 
_chem_comp_atom.pdbx_ordinal 
ALA N    N  N N 1   
ALA CA   C  N S 2   
ALA C    C  N N 3   
ALA O    O  N N 4   
ALA CB   C  N N 5   
ALA OXT  O  N N 6   
ALA H    H  N N 7   
ALA H2   H  N N 8   
ALA HA   H  N N 9   
ALA HB1  H  N N 10  
ALA HB2  H  N N 11  
ALA HB3  H  N N 12  
ALA HXT  H  N N 13  
ARG N    N  N N 14  
ARG CA   C  N S 15  
ARG C    C  N N 16  
ARG O    O  N N 17  
ARG CB   C  N N 18  
ARG CG   C  N N 19  
ARG CD   C  N N 20  
ARG NE   N  N N 21  
ARG CZ   C  N N 22  
ARG NH1  N  N N 23  
ARG NH2  N  N N 24  
ARG OXT  O  N N 25  
ARG H    H  N N 26  
ARG H2   H  N N 27  
ARG HA   H  N N 28  
ARG HB2  H  N N 29  
ARG HB3  H  N N 30  
ARG HG2  H  N N 31  
ARG HG3  H  N N 32  
ARG HD2  H  N N 33  
ARG HD3  H  N N 34  
ARG HE   H  N N 35  
ARG HH11 H  N N 36  
ARG HH12 H  N N 37  
ARG HH21 H  N N 38  
ARG HH22 H  N N 39  
ARG HXT  H  N N 40  
ASN N    N  N N 41  
ASN CA   C  N S 42  
ASN C    C  N N 43  
ASN O    O  N N 44  
ASN CB   C  N N 45  
ASN CG   C  N N 46  
ASN OD1  O  N N 47  
ASN ND2  N  N N 48  
ASN OXT  O  N N 49  
ASN H    H  N N 50  
ASN H2   H  N N 51  
ASN HA   H  N N 52  
ASN HB2  H  N N 53  
ASN HB3  H  N N 54  
ASN HD21 H  N N 55  
ASN HD22 H  N N 56  
ASN HXT  H  N N 57  
ASP N    N  N N 58  
ASP CA   C  N S 59  
ASP C    C  N N 60  
ASP O    O  N N 61  
ASP CB   C  N N 62  
ASP CG   C  N N 63  
ASP OD1  O  N N 64  
ASP OD2  O  N N 65  
ASP OXT  O  N N 66  
ASP H    H  N N 67  
ASP H2   H  N N 68  
ASP HA   H  N N 69  
ASP HB2  H  N N 70  
ASP HB3  H  N N 71  
ASP HD2  H  N N 72  
ASP HXT  H  N N 73  
CYS N    N  N N 74  
CYS CA   C  N R 75  
CYS C    C  N N 76  
CYS O    O  N N 77  
CYS CB   C  N N 78  
CYS SG   S  N N 79  
CYS OXT  O  N N 80  
CYS H    H  N N 81  
CYS H2   H  N N 82  
CYS HA   H  N N 83  
CYS HB2  H  N N 84  
CYS HB3  H  N N 85  
CYS HG   H  N N 86  
CYS HXT  H  N N 87  
GLN N    N  N N 88  
GLN CA   C  N S 89  
GLN C    C  N N 90  
GLN O    O  N N 91  
GLN CB   C  N N 92  
GLN CG   C  N N 93  
GLN CD   C  N N 94  
GLN OE1  O  N N 95  
GLN NE2  N  N N 96  
GLN OXT  O  N N 97  
GLN H    H  N N 98  
GLN H2   H  N N 99  
GLN HA   H  N N 100 
GLN HB2  H  N N 101 
GLN HB3  H  N N 102 
GLN HG2  H  N N 103 
GLN HG3  H  N N 104 
GLN HE21 H  N N 105 
GLN HE22 H  N N 106 
GLN HXT  H  N N 107 
GLU N    N  N N 108 
GLU CA   C  N S 109 
GLU C    C  N N 110 
GLU O    O  N N 111 
GLU CB   C  N N 112 
GLU CG   C  N N 113 
GLU CD   C  N N 114 
GLU OE1  O  N N 115 
GLU OE2  O  N N 116 
GLU OXT  O  N N 117 
GLU H    H  N N 118 
GLU H2   H  N N 119 
GLU HA   H  N N 120 
GLU HB2  H  N N 121 
GLU HB3  H  N N 122 
GLU HG2  H  N N 123 
GLU HG3  H  N N 124 
GLU HE2  H  N N 125 
GLU HXT  H  N N 126 
GLY N    N  N N 127 
GLY CA   C  N N 128 
GLY C    C  N N 129 
GLY O    O  N N 130 
GLY OXT  O  N N 131 
GLY H    H  N N 132 
GLY H2   H  N N 133 
GLY HA2  H  N N 134 
GLY HA3  H  N N 135 
GLY HXT  H  N N 136 
HIS N    N  N N 137 
HIS CA   C  N S 138 
HIS C    C  N N 139 
HIS O    O  N N 140 
HIS CB   C  N N 141 
HIS CG   C  Y N 142 
HIS ND1  N  Y N 143 
HIS CD2  C  Y N 144 
HIS CE1  C  Y N 145 
HIS NE2  N  Y N 146 
HIS OXT  O  N N 147 
HIS H    H  N N 148 
HIS H2   H  N N 149 
HIS HA   H  N N 150 
HIS HB2  H  N N 151 
HIS HB3  H  N N 152 
HIS HD1  H  N N 153 
HIS HD2  H  N N 154 
HIS HE1  H  N N 155 
HIS HE2  H  N N 156 
HIS HXT  H  N N 157 
HOH O    O  N N 158 
HOH H1   H  N N 159 
HOH H2   H  N N 160 
ILE N    N  N N 161 
ILE CA   C  N S 162 
ILE C    C  N N 163 
ILE O    O  N N 164 
ILE CB   C  N S 165 
ILE CG1  C  N N 166 
ILE CG2  C  N N 167 
ILE CD1  C  N N 168 
ILE OXT  O  N N 169 
ILE H    H  N N 170 
ILE H2   H  N N 171 
ILE HA   H  N N 172 
ILE HB   H  N N 173 
ILE HG12 H  N N 174 
ILE HG13 H  N N 175 
ILE HG21 H  N N 176 
ILE HG22 H  N N 177 
ILE HG23 H  N N 178 
ILE HD11 H  N N 179 
ILE HD12 H  N N 180 
ILE HD13 H  N N 181 
ILE HXT  H  N N 182 
LEU N    N  N N 183 
LEU CA   C  N S 184 
LEU C    C  N N 185 
LEU O    O  N N 186 
LEU CB   C  N N 187 
LEU CG   C  N N 188 
LEU CD1  C  N N 189 
LEU CD2  C  N N 190 
LEU OXT  O  N N 191 
LEU H    H  N N 192 
LEU H2   H  N N 193 
LEU HA   H  N N 194 
LEU HB2  H  N N 195 
LEU HB3  H  N N 196 
LEU HG   H  N N 197 
LEU HD11 H  N N 198 
LEU HD12 H  N N 199 
LEU HD13 H  N N 200 
LEU HD21 H  N N 201 
LEU HD22 H  N N 202 
LEU HD23 H  N N 203 
LEU HXT  H  N N 204 
LYS N    N  N N 205 
LYS CA   C  N S 206 
LYS C    C  N N 207 
LYS O    O  N N 208 
LYS CB   C  N N 209 
LYS CG   C  N N 210 
LYS CD   C  N N 211 
LYS CE   C  N N 212 
LYS NZ   N  N N 213 
LYS OXT  O  N N 214 
LYS H    H  N N 215 
LYS H2   H  N N 216 
LYS HA   H  N N 217 
LYS HB2  H  N N 218 
LYS HB3  H  N N 219 
LYS HG2  H  N N 220 
LYS HG3  H  N N 221 
LYS HD2  H  N N 222 
LYS HD3  H  N N 223 
LYS HE2  H  N N 224 
LYS HE3  H  N N 225 
LYS HZ1  H  N N 226 
LYS HZ2  H  N N 227 
LYS HZ3  H  N N 228 
LYS HXT  H  N N 229 
MET N    N  N N 230 
MET CA   C  N S 231 
MET C    C  N N 232 
MET O    O  N N 233 
MET CB   C  N N 234 
MET CG   C  N N 235 
MET SD   S  N N 236 
MET CE   C  N N 237 
MET OXT  O  N N 238 
MET H    H  N N 239 
MET H2   H  N N 240 
MET HA   H  N N 241 
MET HB2  H  N N 242 
MET HB3  H  N N 243 
MET HG2  H  N N 244 
MET HG3  H  N N 245 
MET HE1  H  N N 246 
MET HE2  H  N N 247 
MET HE3  H  N N 248 
MET HXT  H  N N 249 
PHE N    N  N N 250 
PHE CA   C  N S 251 
PHE C    C  N N 252 
PHE O    O  N N 253 
PHE CB   C  N N 254 
PHE CG   C  Y N 255 
PHE CD1  C  Y N 256 
PHE CD2  C  Y N 257 
PHE CE1  C  Y N 258 
PHE CE2  C  Y N 259 
PHE CZ   C  Y N 260 
PHE OXT  O  N N 261 
PHE H    H  N N 262 
PHE H2   H  N N 263 
PHE HA   H  N N 264 
PHE HB2  H  N N 265 
PHE HB3  H  N N 266 
PHE HD1  H  N N 267 
PHE HD2  H  N N 268 
PHE HE1  H  N N 269 
PHE HE2  H  N N 270 
PHE HZ   H  N N 271 
PHE HXT  H  N N 272 
PRO N    N  N N 273 
PRO CA   C  N S 274 
PRO C    C  N N 275 
PRO O    O  N N 276 
PRO CB   C  N N 277 
PRO CG   C  N N 278 
PRO CD   C  N N 279 
PRO OXT  O  N N 280 
PRO H    H  N N 281 
PRO HA   H  N N 282 
PRO HB2  H  N N 283 
PRO HB3  H  N N 284 
PRO HG2  H  N N 285 
PRO HG3  H  N N 286 
PRO HD2  H  N N 287 
PRO HD3  H  N N 288 
PRO HXT  H  N N 289 
SER N    N  N N 290 
SER CA   C  N S 291 
SER C    C  N N 292 
SER O    O  N N 293 
SER CB   C  N N 294 
SER OG   O  N N 295 
SER OXT  O  N N 296 
SER H    H  N N 297 
SER H2   H  N N 298 
SER HA   H  N N 299 
SER HB2  H  N N 300 
SER HB3  H  N N 301 
SER HG   H  N N 302 
SER HXT  H  N N 303 
THR N    N  N N 304 
THR CA   C  N S 305 
THR C    C  N N 306 
THR O    O  N N 307 
THR CB   C  N R 308 
THR OG1  O  N N 309 
THR CG2  C  N N 310 
THR OXT  O  N N 311 
THR H    H  N N 312 
THR H2   H  N N 313 
THR HA   H  N N 314 
THR HB   H  N N 315 
THR HG1  H  N N 316 
THR HG21 H  N N 317 
THR HG22 H  N N 318 
THR HG23 H  N N 319 
THR HXT  H  N N 320 
TRP N    N  N N 321 
TRP CA   C  N S 322 
TRP C    C  N N 323 
TRP O    O  N N 324 
TRP CB   C  N N 325 
TRP CG   C  Y N 326 
TRP CD1  C  Y N 327 
TRP CD2  C  Y N 328 
TRP NE1  N  Y N 329 
TRP CE2  C  Y N 330 
TRP CE3  C  Y N 331 
TRP CZ2  C  Y N 332 
TRP CZ3  C  Y N 333 
TRP CH2  C  Y N 334 
TRP OXT  O  N N 335 
TRP H    H  N N 336 
TRP H2   H  N N 337 
TRP HA   H  N N 338 
TRP HB2  H  N N 339 
TRP HB3  H  N N 340 
TRP HD1  H  N N 341 
TRP HE1  H  N N 342 
TRP HE3  H  N N 343 
TRP HZ2  H  N N 344 
TRP HZ3  H  N N 345 
TRP HH2  H  N N 346 
TRP HXT  H  N N 347 
TYR N    N  N N 348 
TYR CA   C  N S 349 
TYR C    C  N N 350 
TYR O    O  N N 351 
TYR CB   C  N N 352 
TYR CG   C  Y N 353 
TYR CD1  C  Y N 354 
TYR CD2  C  Y N 355 
TYR CE1  C  Y N 356 
TYR CE2  C  Y N 357 
TYR CZ   C  Y N 358 
TYR OH   O  N N 359 
TYR OXT  O  N N 360 
TYR H    H  N N 361 
TYR H2   H  N N 362 
TYR HA   H  N N 363 
TYR HB2  H  N N 364 
TYR HB3  H  N N 365 
TYR HD1  H  N N 366 
TYR HD2  H  N N 367 
TYR HE1  H  N N 368 
TYR HE2  H  N N 369 
TYR HH   H  N N 370 
TYR HXT  H  N N 371 
VAL N    N  N N 372 
VAL CA   C  N S 373 
VAL C    C  N N 374 
VAL O    O  N N 375 
VAL CB   C  N N 376 
VAL CG1  C  N N 377 
VAL CG2  C  N N 378 
VAL OXT  O  N N 379 
VAL H    H  N N 380 
VAL H2   H  N N 381 
VAL HA   H  N N 382 
VAL HB   H  N N 383 
VAL HG11 H  N N 384 
VAL HG12 H  N N 385 
VAL HG13 H  N N 386 
VAL HG21 H  N N 387 
VAL HG22 H  N N 388 
VAL HG23 H  N N 389 
VAL HXT  H  N N 390 
ZN  ZN   ZN N N 391 
# 
loop_
_chem_comp_bond.comp_id 
_chem_comp_bond.atom_id_1 
_chem_comp_bond.atom_id_2 
_chem_comp_bond.value_order 
_chem_comp_bond.pdbx_aromatic_flag 
_chem_comp_bond.pdbx_stereo_config 
_chem_comp_bond.pdbx_ordinal 
ALA N   CA   sing N N 1   
ALA N   H    sing N N 2   
ALA N   H2   sing N N 3   
ALA CA  C    sing N N 4   
ALA CA  CB   sing N N 5   
ALA CA  HA   sing N N 6   
ALA C   O    doub N N 7   
ALA C   OXT  sing N N 8   
ALA CB  HB1  sing N N 9   
ALA CB  HB2  sing N N 10  
ALA CB  HB3  sing N N 11  
ALA OXT HXT  sing N N 12  
ARG N   CA   sing N N 13  
ARG N   H    sing N N 14  
ARG N   H2   sing N N 15  
ARG CA  C    sing N N 16  
ARG CA  CB   sing N N 17  
ARG CA  HA   sing N N 18  
ARG C   O    doub N N 19  
ARG C   OXT  sing N N 20  
ARG CB  CG   sing N N 21  
ARG CB  HB2  sing N N 22  
ARG CB  HB3  sing N N 23  
ARG CG  CD   sing N N 24  
ARG CG  HG2  sing N N 25  
ARG CG  HG3  sing N N 26  
ARG CD  NE   sing N N 27  
ARG CD  HD2  sing N N 28  
ARG CD  HD3  sing N N 29  
ARG NE  CZ   sing N N 30  
ARG NE  HE   sing N N 31  
ARG CZ  NH1  sing N N 32  
ARG CZ  NH2  doub N N 33  
ARG NH1 HH11 sing N N 34  
ARG NH1 HH12 sing N N 35  
ARG NH2 HH21 sing N N 36  
ARG NH2 HH22 sing N N 37  
ARG OXT HXT  sing N N 38  
ASN N   CA   sing N N 39  
ASN N   H    sing N N 40  
ASN N   H2   sing N N 41  
ASN CA  C    sing N N 42  
ASN CA  CB   sing N N 43  
ASN CA  HA   sing N N 44  
ASN C   O    doub N N 45  
ASN C   OXT  sing N N 46  
ASN CB  CG   sing N N 47  
ASN CB  HB2  sing N N 48  
ASN CB  HB3  sing N N 49  
ASN CG  OD1  doub N N 50  
ASN CG  ND2  sing N N 51  
ASN ND2 HD21 sing N N 52  
ASN ND2 HD22 sing N N 53  
ASN OXT HXT  sing N N 54  
ASP N   CA   sing N N 55  
ASP N   H    sing N N 56  
ASP N   H2   sing N N 57  
ASP CA  C    sing N N 58  
ASP CA  CB   sing N N 59  
ASP CA  HA   sing N N 60  
ASP C   O    doub N N 61  
ASP C   OXT  sing N N 62  
ASP CB  CG   sing N N 63  
ASP CB  HB2  sing N N 64  
ASP CB  HB3  sing N N 65  
ASP CG  OD1  doub N N 66  
ASP CG  OD2  sing N N 67  
ASP OD2 HD2  sing N N 68  
ASP OXT HXT  sing N N 69  
CYS N   CA   sing N N 70  
CYS N   H    sing N N 71  
CYS N   H2   sing N N 72  
CYS CA  C    sing N N 73  
CYS CA  CB   sing N N 74  
CYS CA  HA   sing N N 75  
CYS C   O    doub N N 76  
CYS C   OXT  sing N N 77  
CYS CB  SG   sing N N 78  
CYS CB  HB2  sing N N 79  
CYS CB  HB3  sing N N 80  
CYS SG  HG   sing N N 81  
CYS OXT HXT  sing N N 82  
GLN N   CA   sing N N 83  
GLN N   H    sing N N 84  
GLN N   H2   sing N N 85  
GLN CA  C    sing N N 86  
GLN CA  CB   sing N N 87  
GLN CA  HA   sing N N 88  
GLN C   O    doub N N 89  
GLN C   OXT  sing N N 90  
GLN CB  CG   sing N N 91  
GLN CB  HB2  sing N N 92  
GLN CB  HB3  sing N N 93  
GLN CG  CD   sing N N 94  
GLN CG  HG2  sing N N 95  
GLN CG  HG3  sing N N 96  
GLN CD  OE1  doub N N 97  
GLN CD  NE2  sing N N 98  
GLN NE2 HE21 sing N N 99  
GLN NE2 HE22 sing N N 100 
GLN OXT HXT  sing N N 101 
GLU N   CA   sing N N 102 
GLU N   H    sing N N 103 
GLU N   H2   sing N N 104 
GLU CA  C    sing N N 105 
GLU CA  CB   sing N N 106 
GLU CA  HA   sing N N 107 
GLU C   O    doub N N 108 
GLU C   OXT  sing N N 109 
GLU CB  CG   sing N N 110 
GLU CB  HB2  sing N N 111 
GLU CB  HB3  sing N N 112 
GLU CG  CD   sing N N 113 
GLU CG  HG2  sing N N 114 
GLU CG  HG3  sing N N 115 
GLU CD  OE1  doub N N 116 
GLU CD  OE2  sing N N 117 
GLU OE2 HE2  sing N N 118 
GLU OXT HXT  sing N N 119 
GLY N   CA   sing N N 120 
GLY N   H    sing N N 121 
GLY N   H2   sing N N 122 
GLY CA  C    sing N N 123 
GLY CA  HA2  sing N N 124 
GLY CA  HA3  sing N N 125 
GLY C   O    doub N N 126 
GLY C   OXT  sing N N 127 
GLY OXT HXT  sing N N 128 
HIS N   CA   sing N N 129 
HIS N   H    sing N N 130 
HIS N   H2   sing N N 131 
HIS CA  C    sing N N 132 
HIS CA  CB   sing N N 133 
HIS CA  HA   sing N N 134 
HIS C   O    doub N N 135 
HIS C   OXT  sing N N 136 
HIS CB  CG   sing N N 137 
HIS CB  HB2  sing N N 138 
HIS CB  HB3  sing N N 139 
HIS CG  ND1  sing Y N 140 
HIS CG  CD2  doub Y N 141 
HIS ND1 CE1  doub Y N 142 
HIS ND1 HD1  sing N N 143 
HIS CD2 NE2  sing Y N 144 
HIS CD2 HD2  sing N N 145 
HIS CE1 NE2  sing Y N 146 
HIS CE1 HE1  sing N N 147 
HIS NE2 HE2  sing N N 148 
HIS OXT HXT  sing N N 149 
HOH O   H1   sing N N 150 
HOH O   H2   sing N N 151 
ILE N   CA   sing N N 152 
ILE N   H    sing N N 153 
ILE N   H2   sing N N 154 
ILE CA  C    sing N N 155 
ILE CA  CB   sing N N 156 
ILE CA  HA   sing N N 157 
ILE C   O    doub N N 158 
ILE C   OXT  sing N N 159 
ILE CB  CG1  sing N N 160 
ILE CB  CG2  sing N N 161 
ILE CB  HB   sing N N 162 
ILE CG1 CD1  sing N N 163 
ILE CG1 HG12 sing N N 164 
ILE CG1 HG13 sing N N 165 
ILE CG2 HG21 sing N N 166 
ILE CG2 HG22 sing N N 167 
ILE CG2 HG23 sing N N 168 
ILE CD1 HD11 sing N N 169 
ILE CD1 HD12 sing N N 170 
ILE CD1 HD13 sing N N 171 
ILE OXT HXT  sing N N 172 
LEU N   CA   sing N N 173 
LEU N   H    sing N N 174 
LEU N   H2   sing N N 175 
LEU CA  C    sing N N 176 
LEU CA  CB   sing N N 177 
LEU CA  HA   sing N N 178 
LEU C   O    doub N N 179 
LEU C   OXT  sing N N 180 
LEU CB  CG   sing N N 181 
LEU CB  HB2  sing N N 182 
LEU CB  HB3  sing N N 183 
LEU CG  CD1  sing N N 184 
LEU CG  CD2  sing N N 185 
LEU CG  HG   sing N N 186 
LEU CD1 HD11 sing N N 187 
LEU CD1 HD12 sing N N 188 
LEU CD1 HD13 sing N N 189 
LEU CD2 HD21 sing N N 190 
LEU CD2 HD22 sing N N 191 
LEU CD2 HD23 sing N N 192 
LEU OXT HXT  sing N N 193 
LYS N   CA   sing N N 194 
LYS N   H    sing N N 195 
LYS N   H2   sing N N 196 
LYS CA  C    sing N N 197 
LYS CA  CB   sing N N 198 
LYS CA  HA   sing N N 199 
LYS C   O    doub N N 200 
LYS C   OXT  sing N N 201 
LYS CB  CG   sing N N 202 
LYS CB  HB2  sing N N 203 
LYS CB  HB3  sing N N 204 
LYS CG  CD   sing N N 205 
LYS CG  HG2  sing N N 206 
LYS CG  HG3  sing N N 207 
LYS CD  CE   sing N N 208 
LYS CD  HD2  sing N N 209 
LYS CD  HD3  sing N N 210 
LYS CE  NZ   sing N N 211 
LYS CE  HE2  sing N N 212 
LYS CE  HE3  sing N N 213 
LYS NZ  HZ1  sing N N 214 
LYS NZ  HZ2  sing N N 215 
LYS NZ  HZ3  sing N N 216 
LYS OXT HXT  sing N N 217 
MET N   CA   sing N N 218 
MET N   H    sing N N 219 
MET N   H2   sing N N 220 
MET CA  C    sing N N 221 
MET CA  CB   sing N N 222 
MET CA  HA   sing N N 223 
MET C   O    doub N N 224 
MET C   OXT  sing N N 225 
MET CB  CG   sing N N 226 
MET CB  HB2  sing N N 227 
MET CB  HB3  sing N N 228 
MET CG  SD   sing N N 229 
MET CG  HG2  sing N N 230 
MET CG  HG3  sing N N 231 
MET SD  CE   sing N N 232 
MET CE  HE1  sing N N 233 
MET CE  HE2  sing N N 234 
MET CE  HE3  sing N N 235 
MET OXT HXT  sing N N 236 
PHE N   CA   sing N N 237 
PHE N   H    sing N N 238 
PHE N   H2   sing N N 239 
PHE CA  C    sing N N 240 
PHE CA  CB   sing N N 241 
PHE CA  HA   sing N N 242 
PHE C   O    doub N N 243 
PHE C   OXT  sing N N 244 
PHE CB  CG   sing N N 245 
PHE CB  HB2  sing N N 246 
PHE CB  HB3  sing N N 247 
PHE CG  CD1  doub Y N 248 
PHE CG  CD2  sing Y N 249 
PHE CD1 CE1  sing Y N 250 
PHE CD1 HD1  sing N N 251 
PHE CD2 CE2  doub Y N 252 
PHE CD2 HD2  sing N N 253 
PHE CE1 CZ   doub Y N 254 
PHE CE1 HE1  sing N N 255 
PHE CE2 CZ   sing Y N 256 
PHE CE2 HE2  sing N N 257 
PHE CZ  HZ   sing N N 258 
PHE OXT HXT  sing N N 259 
PRO N   CA   sing N N 260 
PRO N   CD   sing N N 261 
PRO N   H    sing N N 262 
PRO CA  C    sing N N 263 
PRO CA  CB   sing N N 264 
PRO CA  HA   sing N N 265 
PRO C   O    doub N N 266 
PRO C   OXT  sing N N 267 
PRO CB  CG   sing N N 268 
PRO CB  HB2  sing N N 269 
PRO CB  HB3  sing N N 270 
PRO CG  CD   sing N N 271 
PRO CG  HG2  sing N N 272 
PRO CG  HG3  sing N N 273 
PRO CD  HD2  sing N N 274 
PRO CD  HD3  sing N N 275 
PRO OXT HXT  sing N N 276 
SER N   CA   sing N N 277 
SER N   H    sing N N 278 
SER N   H2   sing N N 279 
SER CA  C    sing N N 280 
SER CA  CB   sing N N 281 
SER CA  HA   sing N N 282 
SER C   O    doub N N 283 
SER C   OXT  sing N N 284 
SER CB  OG   sing N N 285 
SER CB  HB2  sing N N 286 
SER CB  HB3  sing N N 287 
SER OG  HG   sing N N 288 
SER OXT HXT  sing N N 289 
THR N   CA   sing N N 290 
THR N   H    sing N N 291 
THR N   H2   sing N N 292 
THR CA  C    sing N N 293 
THR CA  CB   sing N N 294 
THR CA  HA   sing N N 295 
THR C   O    doub N N 296 
THR C   OXT  sing N N 297 
THR CB  OG1  sing N N 298 
THR CB  CG2  sing N N 299 
THR CB  HB   sing N N 300 
THR OG1 HG1  sing N N 301 
THR CG2 HG21 sing N N 302 
THR CG2 HG22 sing N N 303 
THR CG2 HG23 sing N N 304 
THR OXT HXT  sing N N 305 
TRP N   CA   sing N N 306 
TRP N   H    sing N N 307 
TRP N   H2   sing N N 308 
TRP CA  C    sing N N 309 
TRP CA  CB   sing N N 310 
TRP CA  HA   sing N N 311 
TRP C   O    doub N N 312 
TRP C   OXT  sing N N 313 
TRP CB  CG   sing N N 314 
TRP CB  HB2  sing N N 315 
TRP CB  HB3  sing N N 316 
TRP CG  CD1  doub Y N 317 
TRP CG  CD2  sing Y N 318 
TRP CD1 NE1  sing Y N 319 
TRP CD1 HD1  sing N N 320 
TRP CD2 CE2  doub Y N 321 
TRP CD2 CE3  sing Y N 322 
TRP NE1 CE2  sing Y N 323 
TRP NE1 HE1  sing N N 324 
TRP CE2 CZ2  sing Y N 325 
TRP CE3 CZ3  doub Y N 326 
TRP CE3 HE3  sing N N 327 
TRP CZ2 CH2  doub Y N 328 
TRP CZ2 HZ2  sing N N 329 
TRP CZ3 CH2  sing Y N 330 
TRP CZ3 HZ3  sing N N 331 
TRP CH2 HH2  sing N N 332 
TRP OXT HXT  sing N N 333 
TYR N   CA   sing N N 334 
TYR N   H    sing N N 335 
TYR N   H2   sing N N 336 
TYR CA  C    sing N N 337 
TYR CA  CB   sing N N 338 
TYR CA  HA   sing N N 339 
TYR C   O    doub N N 340 
TYR C   OXT  sing N N 341 
TYR CB  CG   sing N N 342 
TYR CB  HB2  sing N N 343 
TYR CB  HB3  sing N N 344 
TYR CG  CD1  doub Y N 345 
TYR CG  CD2  sing Y N 346 
TYR CD1 CE1  sing Y N 347 
TYR CD1 HD1  sing N N 348 
TYR CD2 CE2  doub Y N 349 
TYR CD2 HD2  sing N N 350 
TYR CE1 CZ   doub Y N 351 
TYR CE1 HE1  sing N N 352 
TYR CE2 CZ   sing Y N 353 
TYR CE2 HE2  sing N N 354 
TYR CZ  OH   sing N N 355 
TYR OH  HH   sing N N 356 
TYR OXT HXT  sing N N 357 
VAL N   CA   sing N N 358 
VAL N   H    sing N N 359 
VAL N   H2   sing N N 360 
VAL CA  C    sing N N 361 
VAL CA  CB   sing N N 362 
VAL CA  HA   sing N N 363 
VAL C   O    doub N N 364 
VAL C   OXT  sing N N 365 
VAL CB  CG1  sing N N 366 
VAL CB  CG2  sing N N 367 
VAL CB  HB   sing N N 368 
VAL CG1 HG11 sing N N 369 
VAL CG1 HG12 sing N N 370 
VAL CG1 HG13 sing N N 371 
VAL CG2 HG21 sing N N 372 
VAL CG2 HG22 sing N N 373 
VAL CG2 HG23 sing N N 374 
VAL OXT HXT  sing N N 375 
# 
_pdbx_initial_refinement_model.accession_code   ? 
_pdbx_initial_refinement_model.id               1 
_pdbx_initial_refinement_model.entity_id_list   ? 
_pdbx_initial_refinement_model.type             other 
_pdbx_initial_refinement_model.source_name      ? 
_pdbx_initial_refinement_model.details          1AP61 
# 
_atom_sites.entry_id                    3KVT 
_atom_sites.fract_transf_matrix[1][1]   0.00855609 
_atom_sites.fract_transf_matrix[1][2]   0.01042480 
_atom_sites.fract_transf_matrix[1][3]   0.00629448 
_atom_sites.fract_transf_matrix[2][1]   -0.00786506 
_atom_sites.fract_transf_matrix[2][2]   0.01060370 
_atom_sites.fract_transf_matrix[2][3]   -0.00687067 
_atom_sites.fract_transf_matrix[3][1]   -0.00449711 
_atom_sites.fract_transf_matrix[3][2]   0.00030159 
_atom_sites.fract_transf_matrix[3][3]   0.00561344 
_atom_sites.fract_transf_vector[1]      1.037654 
_atom_sites.fract_transf_vector[2]      -0.223979 
_atom_sites.fract_transf_vector[3]      0.671090 
# 
loop_
_atom_type.symbol 
C  
N  
O  
S  
ZN 
# 
loop_
_atom_site.group_PDB 
_atom_site.id 
_atom_site.type_symbol 
_atom_site.label_atom_id 
_atom_site.label_alt_id 
_atom_site.label_comp_id 
_atom_site.label_asym_id 
_atom_site.label_entity_id 
_atom_site.label_seq_id 
_atom_site.pdbx_PDB_ins_code 
_atom_site.Cartn_x 
_atom_site.Cartn_y 
_atom_site.Cartn_z 
_atom_site.occupancy 
_atom_site.B_iso_or_equiv 
_atom_site.pdbx_formal_charge 
_atom_site.auth_seq_id 
_atom_site.auth_comp_id 
_atom_site.auth_asym_id 
_atom_site.auth_atom_id 
_atom_site.pdbx_PDB_model_num 
ATOM   1   N  N   . GLU A 1 4   ? -15.438 -6.726  10.952  1.00 59.51 ? 9   GLU A N   1 
ATOM   2   C  CA  . GLU A 1 4   ? -15.234 -8.102  11.500  1.00 57.04 ? 9   GLU A CA  1 
ATOM   3   C  C   . GLU A 1 4   ? -14.005 -8.743  10.857  1.00 52.82 ? 9   GLU A C   1 
ATOM   4   O  O   . GLU A 1 4   ? -12.999 -9.005  11.523  1.00 52.65 ? 9   GLU A O   1 
ATOM   5   C  CB  . GLU A 1 4   ? -16.486 -8.961  11.247  1.00 60.16 ? 9   GLU A CB  1 
ATOM   6   N  N   . ASN A 1 5   ? -14.098 -8.985  9.555   1.00 48.32 ? 10  ASN A N   1 
ATOM   7   C  CA  . ASN A 1 5   ? -13.009 -9.579  8.797   1.00 42.82 ? 10  ASN A CA  1 
ATOM   8   C  C   . ASN A 1 5   ? -12.384 -8.548  7.863   1.00 36.96 ? 10  ASN A C   1 
ATOM   9   O  O   . ASN A 1 5   ? -11.610 -8.895  6.981   1.00 33.60 ? 10  ASN A O   1 
ATOM   10  C  CB  . ASN A 1 5   ? -13.518 -10.790 8.002   1.00 49.27 ? 10  ASN A CB  1 
ATOM   11  C  CG  . ASN A 1 5   ? -14.886 -10.555 7.373   1.00 53.20 ? 10  ASN A CG  1 
ATOM   12  O  OD1 . ASN A 1 5   ? -15.820 -11.332 7.585   1.00 56.96 ? 10  ASN A OD1 1 
ATOM   13  N  ND2 . ASN A 1 5   ? -15.010 -9.483  6.598   1.00 59.11 ? 10  ASN A ND2 1 
ATOM   14  N  N   . ARG A 1 6   ? -12.731 -7.278  8.065   1.00 33.51 ? 11  ARG A N   1 
ATOM   15  C  CA  . ARG A 1 6   ? -12.212 -6.181  7.247   1.00 29.69 ? 11  ARG A CA  1 
ATOM   16  C  C   . ARG A 1 6   ? -11.560 -5.081  8.065   1.00 25.79 ? 11  ARG A C   1 
ATOM   17  O  O   . ARG A 1 6   ? -11.886 -4.880  9.232   1.00 26.28 ? 11  ARG A O   1 
ATOM   18  C  CB  . ARG A 1 6   ? -13.327 -5.534  6.450   1.00 28.48 ? 11  ARG A CB  1 
ATOM   19  C  CG  . ARG A 1 6   ? -14.024 -6.430  5.501   1.00 26.71 ? 11  ARG A CG  1 
ATOM   20  C  CD  . ARG A 1 6   ? -14.912 -5.570  4.690   1.00 25.58 ? 11  ARG A CD  1 
ATOM   21  N  NE  . ARG A 1 6   ? -16.168 -6.224  4.423   1.00 29.29 ? 11  ARG A NE  1 
ATOM   22  C  CZ  . ARG A 1 6   ? -17.307 -5.576  4.234   1.00 28.42 ? 11  ARG A CZ  1 
ATOM   23  N  NH1 . ARG A 1 6   ? -17.339 -4.251  4.292   1.00 26.16 ? 11  ARG A NH1 1 
ATOM   24  N  NH2 . ARG A 1 6   ? -18.402 -6.260  3.940   1.00 29.12 ? 11  ARG A NH2 1 
ATOM   25  N  N   . VAL A 1 7   ? -10.695 -4.319  7.408   1.00 23.73 ? 12  VAL A N   1 
ATOM   26  C  CA  . VAL A 1 7   ? -9.991  -3.220  8.049   1.00 21.41 ? 12  VAL A CA  1 
ATOM   27  C  C   . VAL A 1 7   ? -10.056 -1.986  7.157   1.00 20.05 ? 12  VAL A C   1 
ATOM   28  O  O   . VAL A 1 7   ? -10.046 -2.093  5.925   1.00 19.66 ? 12  VAL A O   1 
ATOM   29  C  CB  . VAL A 1 7   ? -8.504  -3.579  8.335   1.00 19.14 ? 12  VAL A CB  1 
ATOM   30  C  CG1 . VAL A 1 7   ? -7.798  -4.011  7.057   1.00 18.35 ? 12  VAL A CG1 1 
ATOM   31  C  CG2 . VAL A 1 7   ? -7.783  -2.396  8.943   1.00 17.42 ? 12  VAL A CG2 1 
ATOM   32  N  N   . ILE A 1 8   ? -10.162 -0.820  7.785   1.00 19.08 ? 13  ILE A N   1 
ATOM   33  C  CA  . ILE A 1 8   ? -10.207 0.448   7.064   1.00 17.29 ? 13  ILE A CA  1 
ATOM   34  C  C   . ILE A 1 8   ? -8.897  1.197   7.244   1.00 17.68 ? 13  ILE A C   1 
ATOM   35  O  O   . ILE A 1 8   ? -8.476  1.456   8.370   1.00 17.10 ? 13  ILE A O   1 
ATOM   36  C  CB  . ILE A 1 8   ? -11.374 1.329   7.550   1.00 17.41 ? 13  ILE A CB  1 
ATOM   37  C  CG1 . ILE A 1 8   ? -12.699 0.669   7.168   1.00 18.62 ? 13  ILE A CG1 1 
ATOM   38  C  CG2 . ILE A 1 8   ? -11.302 2.724   6.916   1.00 15.04 ? 13  ILE A CG2 1 
ATOM   39  C  CD1 . ILE A 1 8   ? -13.901 1.384   7.708   1.00 25.90 ? 13  ILE A CD1 1 
ATOM   40  N  N   . ILE A 1 9   ? -8.214  1.451   6.134   1.00 18.51 ? 14  ILE A N   1 
ATOM   41  C  CA  . ILE A 1 9   ? -6.966  2.192   6.161   1.00 16.67 ? 14  ILE A CA  1 
ATOM   42  C  C   . ILE A 1 9   ? -7.265  3.556   5.547   1.00 17.74 ? 14  ILE A C   1 
ATOM   43  O  O   . ILE A 1 9   ? -7.451  3.676   4.331   1.00 16.66 ? 14  ILE A O   1 
ATOM   44  C  CB  . ILE A 1 9   ? -5.836  1.491   5.361   1.00 15.63 ? 14  ILE A CB  1 
ATOM   45  C  CG1 . ILE A 1 9   ? -5.689  0.034   5.803   1.00 16.91 ? 14  ILE A CG1 1 
ATOM   46  C  CG2 . ILE A 1 9   ? -4.511  2.212   5.572   1.00 13.69 ? 14  ILE A CG2 1 
ATOM   47  C  CD1 . ILE A 1 9   ? -6.609  -0.909  5.082   1.00 20.60 ? 14  ILE A CD1 1 
ATOM   48  N  N   . ASN A 1 10  ? -7.423  4.551   6.419   1.00 15.87 ? 15  ASN A N   1 
ATOM   49  C  CA  . ASN A 1 10  ? -7.686  5.935   6.021   1.00 13.84 ? 15  ASN A CA  1 
ATOM   50  C  C   . ASN A 1 10  ? -6.351  6.520   5.561   1.00 12.67 ? 15  ASN A C   1 
ATOM   51  O  O   . ASN A 1 10  ? -5.513  6.871   6.381   1.00 14.10 ? 15  ASN A O   1 
ATOM   52  C  CB  . ASN A 1 10  ? -8.254  6.713   7.227   1.00 11.98 ? 15  ASN A CB  1 
ATOM   53  C  CG  . ASN A 1 10  ? -8.471  8.206   6.948   1.00 10.73 ? 15  ASN A CG  1 
ATOM   54  O  OD1 . ASN A 1 10  ? -8.035  8.745   5.932   1.00 14.31 ? 15  ASN A OD1 1 
ATOM   55  N  ND2 . ASN A 1 10  ? -9.119  8.882   7.885   1.00 11.45 ? 15  ASN A ND2 1 
ATOM   56  N  N   . VAL A 1 11  ? -6.110  6.523   4.256   1.00 12.49 ? 16  VAL A N   1 
ATOM   57  C  CA  . VAL A 1 11  ? -4.866  7.061   3.719   1.00 11.88 ? 16  VAL A CA  1 
ATOM   58  C  C   . VAL A 1 11  ? -5.116  8.457   3.153   1.00 16.07 ? 16  VAL A C   1 
ATOM   59  O  O   . VAL A 1 11  ? -5.737  8.606   2.098   1.00 16.54 ? 16  VAL A O   1 
ATOM   60  C  CB  . VAL A 1 11  ? -4.280  6.146   2.621   1.00 12.02 ? 16  VAL A CB  1 
ATOM   61  C  CG1 . VAL A 1 11  ? -2.998  6.746   2.080   1.00 10.86 ? 16  VAL A CG1 1 
ATOM   62  C  CG2 . VAL A 1 11  ? -4.015  4.754   3.179   1.00 9.00  ? 16  VAL A CG2 1 
ATOM   63  N  N   . GLY A 1 12  ? -4.668  9.474   3.885   1.00 14.51 ? 17  GLY A N   1 
ATOM   64  C  CA  . GLY A 1 12  ? -4.845  10.850  3.452   1.00 15.19 ? 17  GLY A CA  1 
ATOM   65  C  C   . GLY A 1 12  ? -6.290  11.291  3.288   1.00 14.79 ? 17  GLY A C   1 
ATOM   66  O  O   . GLY A 1 12  ? -6.577  12.130  2.439   1.00 17.05 ? 17  GLY A O   1 
ATOM   67  N  N   . GLY A 1 13  ? -7.192  10.740  4.098   1.00 15.17 ? 18  GLY A N   1 
ATOM   68  C  CA  . GLY A 1 13  ? -8.599  11.104  4.010   1.00 14.54 ? 18  GLY A CA  1 
ATOM   69  C  C   . GLY A 1 13  ? -9.472  10.086  3.298   1.00 14.32 ? 18  GLY A C   1 
ATOM   70  O  O   . GLY A 1 13  ? -10.668 9.992   3.572   1.00 14.25 ? 18  GLY A O   1 
ATOM   71  N  N   . ILE A 1 14  ? -8.869  9.322   2.387   1.00 14.53 ? 19  ILE A N   1 
ATOM   72  C  CA  . ILE A 1 14  ? -9.590  8.303   1.630   1.00 15.20 ? 19  ILE A CA  1 
ATOM   73  C  C   . ILE A 1 14  ? -9.602  6.991   2.394   1.00 16.01 ? 19  ILE A C   1 
ATOM   74  O  O   . ILE A 1 14  ? -8.556  6.384   2.620   1.00 17.01 ? 19  ILE A O   1 
ATOM   75  C  CB  . ILE A 1 14  ? -8.944  8.050   0.259   1.00 14.79 ? 19  ILE A CB  1 
ATOM   76  C  CG1 . ILE A 1 14  ? -8.766  9.373   -0.506  1.00 17.00 ? 19  ILE A CG1 1 
ATOM   77  C  CG2 . ILE A 1 14  ? -9.751  7.024   -0.520  1.00 12.51 ? 19  ILE A CG2 1 
ATOM   78  C  CD1 . ILE A 1 14  ? -9.998  10.261  -0.568  1.00 18.94 ? 19  ILE A CD1 1 
ATOM   79  N  N   . ARG A 1 15  ? -10.791 6.534   2.756   1.00 13.14 ? 20  ARG A N   1 
ATOM   80  C  CA  . ARG A 1 15  ? -10.922 5.302   3.505   1.00 14.60 ? 20  ARG A CA  1 
ATOM   81  C  C   . ARG A 1 15  ? -10.914 4.019   2.679   1.00 15.25 ? 20  ARG A C   1 
ATOM   82  O  O   . ARG A 1 15  ? -11.964 3.536   2.243   1.00 16.23 ? 20  ARG A O   1 
ATOM   83  C  CB  . ARG A 1 15  ? -12.162 5.383   4.386   1.00 12.92 ? 20  ARG A CB  1 
ATOM   84  C  CG  . ARG A 1 15  ? -12.046 6.507   5.384   1.00 13.11 ? 20  ARG A CG  1 
ATOM   85  C  CD  . ARG A 1 15  ? -13.256 6.632   6.252   1.00 16.20 ? 20  ARG A CD  1 
ATOM   86  N  NE  . ARG A 1 15  ? -12.918 7.400   7.444   1.00 18.17 ? 20  ARG A NE  1 
ATOM   87  C  CZ  . ARG A 1 15  ? -12.720 8.713   7.473   1.00 17.73 ? 20  ARG A CZ  1 
ATOM   88  N  NH1 . ARG A 1 15  ? -12.845 9.445   6.379   1.00 20.60 ? 20  ARG A NH1 1 
ATOM   89  N  NH2 . ARG A 1 15  ? -12.321 9.283   8.597   1.00 14.76 ? 20  ARG A NH2 1 
ATOM   90  N  N   . HIS A 1 16  ? -9.719  3.497   2.421   1.00 13.89 ? 21  HIS A N   1 
ATOM   91  C  CA  . HIS A 1 16  ? -9.591  2.247   1.679   1.00 15.41 ? 21  HIS A CA  1 
ATOM   92  C  C   . HIS A 1 16  ? -10.034 1.110   2.608   1.00 15.44 ? 21  HIS A C   1 
ATOM   93  O  O   . HIS A 1 16  ? -9.841  1.181   3.820   1.00 16.49 ? 21  HIS A O   1 
ATOM   94  C  CB  . HIS A 1 16  ? -8.155  2.033   1.204   1.00 13.65 ? 21  HIS A CB  1 
ATOM   95  C  CG  . HIS A 1 16  ? -7.728  2.982   0.121   1.00 17.87 ? 21  HIS A CG  1 
ATOM   96  N  ND1 . HIS A 1 16  ? -7.664  2.619   -1.207  1.00 15.98 ? 21  HIS A ND1 1 
ATOM   97  C  CD2 . HIS A 1 16  ? -7.330  4.277   0.177   1.00 17.68 ? 21  HIS A CD2 1 
ATOM   98  C  CE1 . HIS A 1 16  ? -7.244  3.646   -1.922  1.00 16.38 ? 21  HIS A CE1 1 
ATOM   99  N  NE2 . HIS A 1 16  ? -7.034  4.664   -1.109  1.00 17.99 ? 21  HIS A NE2 1 
ATOM   100 N  N   . GLU A 1 17  ? -10.639 0.074   2.037   1.00 16.65 ? 22  GLU A N   1 
ATOM   101 C  CA  . GLU A 1 17  ? -11.137 -1.050  2.823   1.00 16.08 ? 22  GLU A CA  1 
ATOM   102 C  C   . GLU A 1 17  ? -10.757 -2.381  2.192   1.00 16.18 ? 22  GLU A C   1 
ATOM   103 O  O   . GLU A 1 17  ? -10.837 -2.554  0.974   1.00 15.63 ? 22  GLU A O   1 
ATOM   104 C  CB  . GLU A 1 17  ? -12.654 -0.938  2.948   1.00 17.30 ? 22  GLU A CB  1 
ATOM   105 C  CG  . GLU A 1 17  ? -13.329 -2.041  3.726   1.00 16.73 ? 22  GLU A CG  1 
ATOM   106 C  CD  . GLU A 1 17  ? -14.784 -1.723  4.035   1.00 20.02 ? 22  GLU A CD  1 
ATOM   107 O  OE1 . GLU A 1 17  ? -15.369 -0.806  3.408   1.00 19.98 ? 22  GLU A OE1 1 
ATOM   108 O  OE2 . GLU A 1 17  ? -15.349 -2.380  4.928   1.00 21.65 ? 22  GLU A OE2 1 
ATOM   109 N  N   . THR A 1 18  ? -10.344 -3.320  3.032   1.00 15.01 ? 23  THR A N   1 
ATOM   110 C  CA  . THR A 1 18  ? -9.941  -4.628  2.549   1.00 14.76 ? 23  THR A CA  1 
ATOM   111 C  C   . THR A 1 18  ? -10.149 -5.669  3.642   1.00 14.50 ? 23  THR A C   1 
ATOM   112 O  O   . THR A 1 18  ? -10.513 -5.330  4.761   1.00 17.71 ? 23  THR A O   1 
ATOM   113 C  CB  . THR A 1 18  ? -8.460  -4.603  2.125   1.00 14.13 ? 23  THR A CB  1 
ATOM   114 O  OG1 . THR A 1 18  ? -8.113  -5.845  1.512   1.00 18.50 ? 23  THR A OG1 1 
ATOM   115 C  CG2 . THR A 1 18  ? -7.551  -4.385  3.324   1.00 15.33 ? 23  THR A CG2 1 
ATOM   116 N  N   . TYR A 1 19  ? -9.993  -6.943  3.308   1.00 15.42 ? 24  TYR A N   1 
ATOM   117 C  CA  . TYR A 1 19  ? -10.137 -7.975  4.324   1.00 15.50 ? 24  TYR A CA  1 
ATOM   118 C  C   . TYR A 1 19  ? -8.811  -8.038  5.062   1.00 15.98 ? 24  TYR A C   1 
ATOM   119 O  O   . TYR A 1 19  ? -7.763  -7.822  4.462   1.00 17.27 ? 24  TYR A O   1 
ATOM   120 C  CB  . TYR A 1 19  ? -10.424 -9.338  3.692   1.00 15.36 ? 24  TYR A CB  1 
ATOM   121 C  CG  . TYR A 1 19  ? -11.819 -9.477  3.144   1.00 15.27 ? 24  TYR A CG  1 
ATOM   122 C  CD1 . TYR A 1 19  ? -12.914 -9.569  3.997   1.00 16.78 ? 24  TYR A CD1 1 
ATOM   123 C  CD2 . TYR A 1 19  ? -12.048 -9.503  1.768   1.00 18.21 ? 24  TYR A CD2 1 
ATOM   124 C  CE1 . TYR A 1 19  ? -14.208 -9.684  3.498   1.00 17.92 ? 24  TYR A CE1 1 
ATOM   125 C  CE2 . TYR A 1 19  ? -13.336 -9.614  1.257   1.00 18.86 ? 24  TYR A CE2 1 
ATOM   126 C  CZ  . TYR A 1 19  ? -14.410 -9.703  2.128   1.00 19.77 ? 24  TYR A CZ  1 
ATOM   127 O  OH  . TYR A 1 19  ? -15.683 -9.801  1.626   1.00 22.69 ? 24  TYR A OH  1 
ATOM   128 N  N   . LYS A 1 20  ? -8.860  -8.312  6.362   1.00 17.49 ? 25  LYS A N   1 
ATOM   129 C  CA  . LYS A 1 20  ? -7.655  -8.420  7.185   1.00 18.05 ? 25  LYS A CA  1 
ATOM   130 C  C   . LYS A 1 20  ? -6.658  -9.428  6.611   1.00 17.49 ? 25  LYS A C   1 
ATOM   131 O  O   . LYS A 1 20  ? -5.453  -9.188  6.608   1.00 19.67 ? 25  LYS A O   1 
ATOM   132 C  CB  . LYS A 1 20  ? -8.033  -8.818  8.611   1.00 18.10 ? 25  LYS A CB  1 
ATOM   133 C  CG  . LYS A 1 20  ? -8.868  -7.773  9.332   1.00 23.02 ? 25  LYS A CG  1 
ATOM   134 C  CD  . LYS A 1 20  ? -9.264  -8.216  10.724  1.00 23.22 ? 25  LYS A CD  1 
ATOM   135 C  CE  . LYS A 1 20  ? -10.088 -7.154  11.417  1.00 25.04 ? 25  LYS A CE  1 
ATOM   136 N  NZ  . LYS A 1 20  ? -10.509 -7.593  12.773  1.00 32.12 ? 25  LYS A NZ  1 
ATOM   137 N  N   . ALA A 1 21  ? -7.180  -10.520 6.063   1.00 20.06 ? 26  ALA A N   1 
ATOM   138 C  CA  . ALA A 1 21  ? -6.362  -11.578 5.475   1.00 20.42 ? 26  ALA A CA  1 
ATOM   139 C  C   . ALA A 1 21  ? -5.538  -11.109 4.278   1.00 21.90 ? 26  ALA A C   1 
ATOM   140 O  O   . ALA A 1 21  ? -4.444  -11.616 4.023   1.00 23.31 ? 26  ALA A O   1 
ATOM   141 C  CB  . ALA A 1 21  ? -7.248  -12.742 5.066   1.00 22.09 ? 26  ALA A CB  1 
ATOM   142 N  N   . THR A 1 22  ? -6.077  -10.152 3.530   1.00 19.40 ? 27  THR A N   1 
ATOM   143 C  CA  . THR A 1 22  ? -5.386  -9.627  2.362   1.00 17.51 ? 27  THR A CA  1 
ATOM   144 C  C   . THR A 1 22  ? -4.060  -8.997  2.765   1.00 16.41 ? 27  THR A C   1 
ATOM   145 O  O   . THR A 1 22  ? -3.059  -9.158  2.073   1.00 17.48 ? 27  THR A O   1 
ATOM   146 C  CB  . THR A 1 22  ? -6.226  -8.539  1.645   1.00 17.99 ? 27  THR A CB  1 
ATOM   147 O  OG1 . THR A 1 22  ? -7.484  -9.083  1.232   1.00 16.55 ? 27  THR A OG1 1 
ATOM   148 C  CG2 . THR A 1 22  ? -5.495  -8.031  0.417   1.00 16.64 ? 27  THR A CG2 1 
ATOM   149 N  N   . LEU A 1 23  ? -4.064  -8.276  3.884   1.00 17.89 ? 28  LEU A N   1 
ATOM   150 C  CA  . LEU A 1 23  ? -2.865  -7.587  4.363   1.00 20.17 ? 28  LEU A CA  1 
ATOM   151 C  C   . LEU A 1 23  ? -1.770  -8.531  4.845   1.00 22.47 ? 28  LEU A C   1 
ATOM   152 O  O   . LEU A 1 23  ? -0.602  -8.158  4.877   1.00 23.25 ? 28  LEU A O   1 
ATOM   153 C  CB  . LEU A 1 23  ? -3.216  -6.567  5.455   1.00 17.42 ? 28  LEU A CB  1 
ATOM   154 C  CG  . LEU A 1 23  ? -4.188  -5.435  5.079   1.00 18.47 ? 28  LEU A CG  1 
ATOM   155 C  CD1 . LEU A 1 23  ? -4.313  -4.456  6.227   1.00 16.67 ? 28  LEU A CD1 1 
ATOM   156 C  CD2 . LEU A 1 23  ? -3.711  -4.707  3.839   1.00 15.99 ? 28  LEU A CD2 1 
ATOM   157 N  N   . LYS A 1 24  ? -2.144  -9.759  5.192   1.00 24.46 ? 29  LYS A N   1 
ATOM   158 C  CA  . LYS A 1 24  ? -1.176  -10.742 5.659   1.00 26.43 ? 29  LYS A CA  1 
ATOM   159 C  C   . LYS A 1 24  ? -0.472  -11.426 4.490   1.00 28.37 ? 29  LYS A C   1 
ATOM   160 O  O   . LYS A 1 24  ? 0.512   -12.134 4.687   1.00 30.80 ? 29  LYS A O   1 
ATOM   161 C  CB  . LYS A 1 24  ? -1.852  -11.804 6.525   1.00 26.89 ? 29  LYS A CB  1 
ATOM   162 C  CG  . LYS A 1 24  ? -2.917  -11.285 7.471   1.00 31.13 ? 29  LYS A CG  1 
ATOM   163 C  CD  . LYS A 1 24  ? -2.418  -10.175 8.381   1.00 36.96 ? 29  LYS A CD  1 
ATOM   164 C  CE  . LYS A 1 24  ? -1.383  -10.668 9.367   1.00 41.12 ? 29  LYS A CE  1 
ATOM   165 N  NZ  . LYS A 1 24  ? -1.169  -9.682  10.465  1.00 43.31 ? 29  LYS A NZ  1 
ATOM   166 N  N   . LYS A 1 25  ? -0.948  -11.185 3.272   1.00 28.89 ? 30  LYS A N   1 
ATOM   167 C  CA  . LYS A 1 25  ? -0.370  -11.808 2.087   1.00 29.05 ? 30  LYS A CA  1 
ATOM   168 C  C   . LYS A 1 25  ? 1.080   -11.442 1.794   1.00 29.14 ? 30  LYS A C   1 
ATOM   169 O  O   . LYS A 1 25  ? 1.775   -12.165 1.084   1.00 28.42 ? 30  LYS A O   1 
ATOM   170 C  CB  . LYS A 1 25  ? -1.269  -11.569 0.875   1.00 30.11 ? 30  LYS A CB  1 
ATOM   171 C  CG  . LYS A 1 25  ? -2.639  -12.207 1.054   1.00 35.80 ? 30  LYS A CG  1 
ATOM   172 C  CD  . LYS A 1 25  ? -3.556  -11.924 -0.109  1.00 41.03 ? 30  LYS A CD  1 
ATOM   173 C  CE  . LYS A 1 25  ? -3.015  -12.519 -1.396  1.00 44.07 ? 30  LYS A CE  1 
ATOM   174 N  NZ  . LYS A 1 25  ? -3.855  -12.134 -2.566  1.00 46.76 ? 30  LYS A NZ  1 
ATOM   175 N  N   . ILE A 1 26  ? 1.532   -10.311 2.322   1.00 27.54 ? 31  ILE A N   1 
ATOM   176 C  CA  . ILE A 1 26  ? 2.917   -9.893  2.142   1.00 26.51 ? 31  ILE A CA  1 
ATOM   177 C  C   . ILE A 1 26  ? 3.451   -9.613  3.543   1.00 27.10 ? 31  ILE A C   1 
ATOM   178 O  O   . ILE A 1 26  ? 3.285   -8.517  4.080   1.00 27.50 ? 31  ILE A O   1 
ATOM   179 C  CB  . ILE A 1 26  ? 3.044   -8.633  1.257   1.00 26.70 ? 31  ILE A CB  1 
ATOM   180 C  CG1 . ILE A 1 26  ? 2.326   -8.849  -0.077  1.00 25.00 ? 31  ILE A CG1 1 
ATOM   181 C  CG2 . ILE A 1 26  ? 4.518   -8.320  1.013   1.00 23.04 ? 31  ILE A CG2 1 
ATOM   182 C  CD1 . ILE A 1 26  ? 2.386   -7.669  -1.002  1.00 22.16 ? 31  ILE A CD1 1 
ATOM   183 N  N   . PRO A 1 27  ? 4.072   -10.626 4.169   1.00 28.40 ? 32  PRO A N   1 
ATOM   184 C  CA  . PRO A 1 27  ? 4.631   -10.515 5.519   1.00 28.47 ? 32  PRO A CA  1 
ATOM   185 C  C   . PRO A 1 27  ? 5.772   -9.518  5.625   1.00 28.24 ? 32  PRO A C   1 
ATOM   186 O  O   . PRO A 1 27  ? 6.398   -9.164  4.621   1.00 27.43 ? 32  PRO A O   1 
ATOM   187 C  CB  . PRO A 1 27  ? 5.110   -11.935 5.799   1.00 28.96 ? 32  PRO A CB  1 
ATOM   188 C  CG  . PRO A 1 27  ? 5.547   -12.392 4.448   1.00 31.21 ? 32  PRO A CG  1 
ATOM   189 C  CD  . PRO A 1 27  ? 4.397   -11.939 3.582   1.00 27.34 ? 32  PRO A CD  1 
ATOM   190 N  N   . ALA A 1 28  ? 6.006   -9.049  6.849   1.00 28.27 ? 33  ALA A N   1 
ATOM   191 C  CA  . ALA A 1 28  ? 7.076   -8.096  7.158   1.00 29.48 ? 33  ALA A CA  1 
ATOM   192 C  C   . ALA A 1 28  ? 6.991   -6.713  6.487   1.00 28.81 ? 33  ALA A C   1 
ATOM   193 O  O   . ALA A 1 28  ? 8.022   -6.108  6.152   1.00 30.53 ? 33  ALA A O   1 
ATOM   194 C  CB  . ALA A 1 28  ? 8.449   -8.739  6.906   1.00 28.28 ? 33  ALA A CB  1 
ATOM   195 N  N   . THR A 1 29  ? 5.762   -6.225  6.304   1.00 27.12 ? 34  THR A N   1 
ATOM   196 C  CA  . THR A 1 29  ? 5.506   -4.912  5.713   1.00 22.82 ? 34  THR A CA  1 
ATOM   197 C  C   . THR A 1 29  ? 4.696   -4.101  6.723   1.00 22.50 ? 34  THR A C   1 
ATOM   198 O  O   . THR A 1 29  ? 4.138   -4.661  7.673   1.00 20.91 ? 34  THR A O   1 
ATOM   199 C  CB  . THR A 1 29  ? 4.705   -5.024  4.408   1.00 22.83 ? 34  THR A CB  1 
ATOM   200 O  OG1 . THR A 1 29  ? 3.484   -5.731  4.659   1.00 23.92 ? 34  THR A OG1 1 
ATOM   201 C  CG2 . THR A 1 29  ? 5.506   -5.753  3.349   1.00 23.21 ? 34  THR A CG2 1 
ATOM   202 N  N   . ARG A 1 30  ? 4.592   -2.793  6.512   1.00 19.99 ? 35  ARG A N   1 
ATOM   203 C  CA  . ARG A 1 30  ? 3.849   -1.962  7.452   1.00 17.72 ? 35  ARG A CA  1 
ATOM   204 C  C   . ARG A 1 30  ? 2.387   -2.378  7.586   1.00 16.54 ? 35  ARG A C   1 
ATOM   205 O  O   . ARG A 1 30  ? 1.857   -2.436  8.689   1.00 19.65 ? 35  ARG A O   1 
ATOM   206 C  CB  . ARG A 1 30  ? 3.947   -0.489  7.063   1.00 18.62 ? 35  ARG A CB  1 
ATOM   207 C  CG  . ARG A 1 30  ? 3.604   0.448   8.206   1.00 19.87 ? 35  ARG A CG  1 
ATOM   208 C  CD  . ARG A 1 30  ? 3.701   1.910   7.790   1.00 18.88 ? 35  ARG A CD  1 
ATOM   209 N  NE  . ARG A 1 30  ? 5.039   2.269   7.326   1.00 19.55 ? 35  ARG A NE  1 
ATOM   210 C  CZ  . ARG A 1 30  ? 6.073   2.491   8.128   1.00 19.65 ? 35  ARG A CZ  1 
ATOM   211 N  NH1 . ARG A 1 30  ? 5.941   2.391   9.444   1.00 20.52 ? 35  ARG A NH1 1 
ATOM   212 N  NH2 . ARG A 1 30  ? 7.235   2.858   7.615   1.00 20.69 ? 35  ARG A NH2 1 
ATOM   213 N  N   . LEU A 1 31  ? 1.752   -2.712  6.467   1.00 17.29 ? 36  LEU A N   1 
ATOM   214 C  CA  . LEU A 1 31  ? 0.350   -3.124  6.479   1.00 19.28 ? 36  LEU A CA  1 
ATOM   215 C  C   . LEU A 1 31  ? 0.107   -4.498  7.100   1.00 19.86 ? 36  LEU A C   1 
ATOM   216 O  O   . LEU A 1 31  ? -0.937  -4.725  7.709   1.00 18.05 ? 36  LEU A O   1 
ATOM   217 C  CB  . LEU A 1 31  ? -0.243  -3.079  5.070   1.00 17.45 ? 36  LEU A CB  1 
ATOM   218 C  CG  . LEU A 1 31  ? -0.538  -1.691  4.499   1.00 15.84 ? 36  LEU A CG  1 
ATOM   219 C  CD1 . LEU A 1 31  ? -0.961  -1.808  3.037   1.00 13.36 ? 36  LEU A CD1 1 
ATOM   220 C  CD2 . LEU A 1 31  ? -1.603  -0.998  5.339   1.00 13.07 ? 36  LEU A CD2 1 
ATOM   221 N  N   . SER A 1 32  ? 1.051   -5.420  6.935   1.00 23.00 ? 37  SER A N   1 
ATOM   222 C  CA  . SER A 1 32  ? 0.891   -6.750  7.518   1.00 24.23 ? 37  SER A CA  1 
ATOM   223 C  C   . SER A 1 32  ? 1.113   -6.692  9.019   1.00 25.35 ? 37  SER A C   1 
ATOM   224 O  O   . SER A 1 32  ? 0.733   -7.614  9.740   1.00 25.46 ? 37  SER A O   1 
ATOM   225 C  CB  . SER A 1 32  ? 1.834   -7.770  6.872   1.00 24.60 ? 37  SER A CB  1 
ATOM   226 O  OG  . SER A 1 32  ? 3.192   -7.464  7.109   1.00 26.97 ? 37  SER A OG  1 
ATOM   227 N  N   . ARG A 1 33  ? 1.638   -5.556  9.480   1.00 29.63 ? 38  ARG A N   1 
ATOM   228 C  CA  . ARG A 1 33  ? 1.936   -5.313  10.896  1.00 30.95 ? 38  ARG A CA  1 
ATOM   229 C  C   . ARG A 1 33  ? 0.923   -4.475  11.695  1.00 31.62 ? 38  ARG A C   1 
ATOM   230 O  O   . ARG A 1 33  ? 1.143   -4.229  12.883  1.00 32.90 ? 38  ARG A O   1 
ATOM   231 C  CB  . ARG A 1 33  ? 3.318   -4.668  11.021  1.00 31.28 ? 38  ARG A CB  1 
ATOM   232 C  CG  . ARG A 1 33  ? 4.454   -5.576  10.601  1.00 33.55 ? 38  ARG A CG  1 
ATOM   233 C  CD  . ARG A 1 33  ? 5.781   -4.855  10.580  1.00 35.71 ? 38  ARG A CD  1 
ATOM   234 N  NE  . ARG A 1 33  ? 6.867   -5.794  10.311  1.00 39.59 ? 38  ARG A NE  1 
ATOM   235 C  CZ  . ARG A 1 33  ? 8.103   -5.444  9.969   1.00 42.41 ? 38  ARG A CZ  1 
ATOM   236 N  NH1 . ARG A 1 33  ? 8.436   -4.164  9.843   1.00 44.60 ? 38  ARG A NH1 1 
ATOM   237 N  NH2 . ARG A 1 33  ? 9.015   -6.383  9.762   1.00 42.86 ? 38  ARG A NH2 1 
ATOM   238 N  N   . LEU A 1 34  ? -0.171  -4.043  11.064  1.00 30.18 ? 39  LEU A N   1 
ATOM   239 C  CA  . LEU A 1 34  ? -1.187  -3.229  11.745  1.00 27.30 ? 39  LEU A CA  1 
ATOM   240 C  C   . LEU A 1 34  ? -1.619  -3.791  13.097  1.00 27.73 ? 39  LEU A C   1 
ATOM   241 O  O   . LEU A 1 34  ? -1.872  -4.990  13.228  1.00 29.38 ? 39  LEU A O   1 
ATOM   242 C  CB  . LEU A 1 34  ? -2.426  -3.055  10.867  1.00 24.85 ? 39  LEU A CB  1 
ATOM   243 C  CG  . LEU A 1 34  ? -2.262  -2.290  9.559   1.00 24.36 ? 39  LEU A CG  1 
ATOM   244 C  CD1 . LEU A 1 34  ? -3.635  -2.022  8.963   1.00 21.47 ? 39  LEU A CD1 1 
ATOM   245 C  CD2 . LEU A 1 34  ? -1.537  -0.979  9.819   1.00 22.94 ? 39  LEU A CD2 1 
ATOM   246 N  N   . THR A 1 35  ? -1.709  -2.913  14.093  1.00 25.97 ? 40  THR A N   1 
ATOM   247 C  CA  . THR A 1 35  ? -2.119  -3.290  15.447  1.00 24.76 ? 40  THR A CA  1 
ATOM   248 C  C   . THR A 1 35  ? -2.833  -2.131  16.131  1.00 23.35 ? 40  THR A C   1 
ATOM   249 O  O   . THR A 1 35  ? -2.506  -0.973  15.885  1.00 23.64 ? 40  THR A O   1 
ATOM   250 C  CB  . THR A 1 35  ? -0.907  -3.723  16.323  1.00 23.80 ? 40  THR A CB  1 
ATOM   251 O  OG1 . THR A 1 35  ? -1.349  -3.955  17.662  1.00 28.54 ? 40  THR A OG1 1 
ATOM   252 C  CG2 . THR A 1 35  ? 0.152   -2.648  16.356  1.00 23.14 ? 40  THR A CG2 1 
ATOM   253 N  N   . GLU A 1 36  ? -3.807  -2.448  16.983  1.00 23.47 ? 41  GLU A N   1 
ATOM   254 C  CA  . GLU A 1 36  ? -4.570  -1.430  17.710  1.00 25.05 ? 41  GLU A CA  1 
ATOM   255 C  C   . GLU A 1 36  ? -3.740  -0.690  18.752  1.00 26.35 ? 41  GLU A C   1 
ATOM   256 O  O   . GLU A 1 36  ? -4.212  0.269   19.359  1.00 26.31 ? 41  GLU A O   1 
ATOM   257 C  CB  . GLU A 1 36  ? -5.807  -2.031  18.357  1.00 26.97 ? 41  GLU A CB  1 
ATOM   258 C  CG  . GLU A 1 36  ? -6.833  -2.524  17.354  1.00 31.87 ? 41  GLU A CG  1 
ATOM   259 C  CD  . GLU A 1 36  ? -8.160  -2.886  17.991  1.00 36.58 ? 41  GLU A CD  1 
ATOM   260 O  OE1 . GLU A 1 36  ? -8.400  -2.482  19.154  1.00 38.25 ? 41  GLU A OE1 1 
ATOM   261 O  OE2 . GLU A 1 36  ? -8.969  -3.569  17.323  1.00 39.24 ? 41  GLU A OE2 1 
ATOM   262 N  N   . GLY A 1 37  ? -2.514  -1.155  18.969  1.00 25.97 ? 42  GLY A N   1 
ATOM   263 C  CA  . GLY A 1 37  ? -1.625  -0.490  19.898  1.00 25.32 ? 42  GLY A CA  1 
ATOM   264 C  C   . GLY A 1 37  ? -1.055  0.741   19.208  1.00 26.08 ? 42  GLY A C   1 
ATOM   265 O  O   . GLY A 1 37  ? -0.545  1.645   19.867  1.00 27.89 ? 42  GLY A O   1 
ATOM   266 N  N   . MET A 1 38  ? -1.132  0.772   17.877  1.00 24.61 ? 43  MET A N   1 
ATOM   267 C  CA  . MET A 1 38  ? -0.641  1.906   17.096  1.00 21.87 ? 43  MET A CA  1 
ATOM   268 C  C   . MET A 1 38  ? -1.399  3.166   17.456  1.00 19.81 ? 43  MET A C   1 
ATOM   269 O  O   . MET A 1 38  ? -2.615  3.152   17.636  1.00 17.37 ? 43  MET A O   1 
ATOM   270 C  CB  . MET A 1 38  ? -0.766  1.650   15.595  1.00 20.81 ? 43  MET A CB  1 
ATOM   271 C  CG  . MET A 1 38  ? 0.159   0.573   15.079  1.00 22.53 ? 43  MET A CG  1 
ATOM   272 S  SD  . MET A 1 38  ? -0.105  0.223   13.335  1.00 27.38 ? 43  MET A SD  1 
ATOM   273 C  CE  . MET A 1 38  ? 1.566   -0.103  12.774  1.00 25.32 ? 43  MET A CE  1 
ATOM   274 N  N   . LEU A 1 39  ? -0.662  4.261   17.564  1.00 20.90 ? 44  LEU A N   1 
ATOM   275 C  CA  . LEU A 1 39  ? -1.243  5.543   17.928  1.00 20.82 ? 44  LEU A CA  1 
ATOM   276 C  C   . LEU A 1 39  ? -2.138  6.142   16.852  1.00 18.00 ? 44  LEU A C   1 
ATOM   277 O  O   . LEU A 1 39  ? -3.093  6.847   17.168  1.00 19.92 ? 44  LEU A O   1 
ATOM   278 C  CB  . LEU A 1 39  ? -0.128  6.508   18.311  1.00 25.44 ? 44  LEU A CB  1 
ATOM   279 C  CG  . LEU A 1 39  ? 0.711   5.970   19.476  1.00 29.20 ? 44  LEU A CG  1 
ATOM   280 C  CD1 . LEU A 1 39  ? 2.057   6.673   19.521  1.00 29.39 ? 44  LEU A CD1 1 
ATOM   281 C  CD2 . LEU A 1 39  ? -0.045  6.110   20.793  1.00 26.96 ? 44  LEU A CD2 1 
ATOM   282 N  N   . ASN A 1 40  ? -1.844  5.849   15.589  1.00 18.06 ? 45  ASN A N   1 
ATOM   283 C  CA  . ASN A 1 40  ? -2.652  6.352   14.478  1.00 17.77 ? 45  ASN A CA  1 
ATOM   284 C  C   . ASN A 1 40  ? -3.896  5.494   14.245  1.00 20.75 ? 45  ASN A C   1 
ATOM   285 O  O   . ASN A 1 40  ? -4.490  5.520   13.166  1.00 23.01 ? 45  ASN A O   1 
ATOM   286 C  CB  . ASN A 1 40  ? -1.828  6.437   13.200  1.00 16.25 ? 45  ASN A CB  1 
ATOM   287 C  CG  . ASN A 1 40  ? -1.238  5.114   12.813  1.00 20.17 ? 45  ASN A CG  1 
ATOM   288 O  OD1 . ASN A 1 40  ? -0.719  4.396   13.656  1.00 22.49 ? 45  ASN A OD1 1 
ATOM   289 N  ND2 . ASN A 1 40  ? -1.323  4.771   11.544  1.00 19.87 ? 45  ASN A ND2 1 
ATOM   290 N  N   . TYR A 1 41  ? -4.245  4.677   15.235  1.00 21.41 ? 46  TYR A N   1 
ATOM   291 C  CA  . TYR A 1 41  ? -5.438  3.851   15.157  1.00 21.30 ? 46  TYR A CA  1 
ATOM   292 C  C   . TYR A 1 41  ? -6.485  4.548   16.009  1.00 21.78 ? 46  TYR A C   1 
ATOM   293 O  O   . TYR A 1 41  ? -6.203  4.935   17.144  1.00 21.77 ? 46  TYR A O   1 
ATOM   294 C  CB  . TYR A 1 41  ? -5.185  2.446   15.708  1.00 20.63 ? 46  TYR A CB  1 
ATOM   295 C  CG  . TYR A 1 41  ? -6.465  1.652   15.885  1.00 24.46 ? 46  TYR A CG  1 
ATOM   296 C  CD1 . TYR A 1 41  ? -7.136  1.111   14.779  1.00 23.82 ? 46  TYR A CD1 1 
ATOM   297 C  CD2 . TYR A 1 41  ? -7.047  1.499   17.146  1.00 26.30 ? 46  TYR A CD2 1 
ATOM   298 C  CE1 . TYR A 1 41  ? -8.353  0.445   14.925  1.00 24.22 ? 46  TYR A CE1 1 
ATOM   299 C  CE2 . TYR A 1 41  ? -8.267  0.834   17.305  1.00 27.63 ? 46  TYR A CE2 1 
ATOM   300 C  CZ  . TYR A 1 41  ? -8.911  0.314   16.189  1.00 28.51 ? 46  TYR A CZ  1 
ATOM   301 O  OH  . TYR A 1 41  ? -10.121 -0.324  16.335  1.00 32.37 ? 46  TYR A OH  1 
ATOM   302 N  N   . ASP A 1 42  ? -7.675  4.737   15.444  1.00 21.14 ? 47  ASP A N   1 
ATOM   303 C  CA  . ASP A 1 42  ? -8.782  5.383   16.142  1.00 24.89 ? 47  ASP A CA  1 
ATOM   304 C  C   . ASP A 1 42  ? -9.838  4.348   16.524  1.00 26.57 ? 47  ASP A C   1 
ATOM   305 O  O   . ASP A 1 42  ? -10.504 3.782   15.664  1.00 24.19 ? 47  ASP A O   1 
ATOM   306 C  CB  . ASP A 1 42  ? -9.410  6.479   15.268  1.00 26.23 ? 47  ASP A CB  1 
ATOM   307 C  CG  . ASP A 1 42  ? -10.634 7.130   15.915  1.00 29.46 ? 47  ASP A CG  1 
ATOM   308 O  OD1 . ASP A 1 42  ? -10.764 7.110   17.155  1.00 34.01 ? 47  ASP A OD1 1 
ATOM   309 O  OD2 . ASP A 1 42  ? -11.475 7.673   15.179  1.00 34.03 ? 47  ASP A OD2 1 
ATOM   310 N  N   . PRO A 1 43  ? -10.005 4.095   17.828  1.00 28.37 ? 48  PRO A N   1 
ATOM   311 C  CA  . PRO A 1 43  ? -10.987 3.123   18.320  1.00 30.17 ? 48  PRO A CA  1 
ATOM   312 C  C   . PRO A 1 43  ? -12.446 3.517   18.074  1.00 31.53 ? 48  PRO A C   1 
ATOM   313 O  O   . PRO A 1 43  ? -13.316 2.656   17.985  1.00 33.27 ? 48  PRO A O   1 
ATOM   314 C  CB  . PRO A 1 43  ? -10.669 3.045   19.811  1.00 29.73 ? 48  PRO A CB  1 
ATOM   315 C  CG  . PRO A 1 43  ? -10.139 4.425   20.116  1.00 30.52 ? 48  PRO A CG  1 
ATOM   316 C  CD  . PRO A 1 43  ? -9.231  4.674   18.943  1.00 26.67 ? 48  PRO A CD  1 
ATOM   317 N  N   . VAL A 1 44  ? -12.707 4.817   17.978  1.00 34.33 ? 49  VAL A N   1 
ATOM   318 C  CA  . VAL A 1 44  ? -14.057 5.316   17.740  1.00 34.32 ? 49  VAL A CA  1 
ATOM   319 C  C   . VAL A 1 44  ? -14.517 4.991   16.324  1.00 36.38 ? 49  VAL A C   1 
ATOM   320 O  O   . VAL A 1 44  ? -15.564 4.365   16.134  1.00 40.03 ? 49  VAL A O   1 
ATOM   321 C  CB  . VAL A 1 44  ? -14.136 6.830   17.955  1.00 35.90 ? 49  VAL A CB  1 
ATOM   322 C  CG1 . VAL A 1 44  ? -15.535 7.340   17.648  1.00 34.45 ? 49  VAL A CG1 1 
ATOM   323 C  CG2 . VAL A 1 44  ? -13.749 7.156   19.377  1.00 36.38 ? 49  VAL A CG2 1 
ATOM   324 N  N   . LEU A 1 45  ? -13.740 5.430   15.333  1.00 35.54 ? 50  LEU A N   1 
ATOM   325 C  CA  . LEU A 1 45  ? -14.063 5.169   13.932  1.00 35.74 ? 50  LEU A CA  1 
ATOM   326 C  C   . LEU A 1 45  ? -13.606 3.784   13.506  1.00 34.05 ? 50  LEU A C   1 
ATOM   327 O  O   . LEU A 1 45  ? -14.070 3.252   12.497  1.00 32.95 ? 50  LEU A O   1 
ATOM   328 C  CB  . LEU A 1 45  ? -13.413 6.207   13.021  1.00 35.30 ? 50  LEU A CB  1 
ATOM   329 C  CG  . LEU A 1 45  ? -14.046 7.594   13.040  1.00 37.43 ? 50  LEU A CG  1 
ATOM   330 C  CD1 . LEU A 1 45  ? -13.262 8.516   12.127  1.00 36.93 ? 50  LEU A CD1 1 
ATOM   331 C  CD2 . LEU A 1 45  ? -15.504 7.504   12.603  1.00 38.64 ? 50  LEU A CD2 1 
ATOM   332 N  N   . ASN A 1 46  ? -12.697 3.212   14.292  1.00 32.15 ? 51  ASN A N   1 
ATOM   333 C  CA  . ASN A 1 46  ? -12.137 1.896   14.021  1.00 29.82 ? 51  ASN A CA  1 
ATOM   334 C  C   . ASN A 1 46  ? -11.415 1.923   12.666  1.00 26.77 ? 51  ASN A C   1 
ATOM   335 O  O   . ASN A 1 46  ? -11.874 1.321   11.697  1.00 27.50 ? 51  ASN A O   1 
ATOM   336 C  CB  . ASN A 1 46  ? -13.251 0.837   14.058  1.00 32.00 ? 51  ASN A CB  1 
ATOM   337 C  CG  . ASN A 1 46  ? -12.729 -0.585  13.891  1.00 34.14 ? 51  ASN A CG  1 
ATOM   338 O  OD1 . ASN A 1 46  ? -11.654 -0.934  14.370  1.00 33.36 ? 51  ASN A OD1 1 
ATOM   339 N  ND2 . ASN A 1 46  ? -13.506 -1.417  13.211  1.00 37.86 ? 51  ASN A ND2 1 
ATOM   340 N  N   . GLU A 1 47  ? -10.305 2.663   12.599  1.00 24.28 ? 52  GLU A N   1 
ATOM   341 C  CA  . GLU A 1 47  ? -9.515  2.783   11.365  1.00 20.93 ? 52  GLU A CA  1 
ATOM   342 C  C   . GLU A 1 47  ? -8.079  3.217   11.636  1.00 17.63 ? 52  GLU A C   1 
ATOM   343 O  O   . GLU A 1 47  ? -7.770  3.695   12.718  1.00 18.76 ? 52  GLU A O   1 
ATOM   344 C  CB  . GLU A 1 47  ? -10.163 3.791   10.408  1.00 18.07 ? 52  GLU A CB  1 
ATOM   345 C  CG  . GLU A 1 47  ? -10.217 5.229   10.932  1.00 21.28 ? 52  GLU A CG  1 
ATOM   346 C  CD  . GLU A 1 47  ? -10.905 6.190   9.961   1.00 21.30 ? 52  GLU A CD  1 
ATOM   347 O  OE1 . GLU A 1 47  ? -11.823 5.756   9.246   1.00 21.85 ? 52  GLU A OE1 1 
ATOM   348 O  OE2 . GLU A 1 47  ? -10.533 7.379   9.909   1.00 17.87 ? 52  GLU A OE2 1 
ATOM   349 N  N   . TYR A 1 48  ? -7.212  3.051   10.642  1.00 15.82 ? 53  TYR A N   1 
ATOM   350 C  CA  . TYR A 1 48  ? -5.809  3.446   10.749  1.00 16.92 ? 53  TYR A CA  1 
ATOM   351 C  C   . TYR A 1 48  ? -5.549  4.625   9.824   1.00 17.24 ? 53  TYR A C   1 
ATOM   352 O  O   . TYR A 1 48  ? -5.819  4.537   8.629   1.00 19.51 ? 53  TYR A O   1 
ATOM   353 C  CB  . TYR A 1 48  ? -4.881  2.303   10.322  1.00 16.77 ? 53  TYR A CB  1 
ATOM   354 C  CG  . TYR A 1 48  ? -4.925  1.092   11.213  1.00 17.53 ? 53  TYR A CG  1 
ATOM   355 C  CD1 . TYR A 1 48  ? -5.868  0.087   11.010  1.00 16.69 ? 53  TYR A CD1 1 
ATOM   356 C  CD2 . TYR A 1 48  ? -4.033  0.956   12.276  1.00 18.20 ? 53  TYR A CD2 1 
ATOM   357 C  CE1 . TYR A 1 48  ? -5.926  -1.027  11.848  1.00 17.85 ? 53  TYR A CE1 1 
ATOM   358 C  CE2 . TYR A 1 48  ? -4.080  -0.155  13.119  1.00 19.03 ? 53  TYR A CE2 1 
ATOM   359 C  CZ  . TYR A 1 48  ? -5.031  -1.140  12.901  1.00 20.10 ? 53  TYR A CZ  1 
ATOM   360 O  OH  . TYR A 1 48  ? -5.102  -2.223  13.753  1.00 19.69 ? 53  TYR A OH  1 
ATOM   361 N  N   . PHE A 1 49  ? -5.041  5.727   10.370  1.00 14.85 ? 54  PHE A N   1 
ATOM   362 C  CA  . PHE A 1 49  ? -4.736  6.884   9.542   1.00 13.22 ? 54  PHE A CA  1 
ATOM   363 C  C   . PHE A 1 49  ? -3.263  6.963   9.163   1.00 14.09 ? 54  PHE A C   1 
ATOM   364 O  O   . PHE A 1 49  ? -2.382  6.881   10.022  1.00 13.59 ? 54  PHE A O   1 
ATOM   365 C  CB  . PHE A 1 49  ? -5.147  8.192   10.219  1.00 13.03 ? 54  PHE A CB  1 
ATOM   366 C  CG  . PHE A 1 49  ? -4.730  9.428   9.446   1.00 14.92 ? 54  PHE A CG  1 
ATOM   367 C  CD1 . PHE A 1 49  ? -5.428  9.821   8.300   1.00 15.65 ? 54  PHE A CD1 1 
ATOM   368 C  CD2 . PHE A 1 49  ? -3.610  10.168  9.832   1.00 14.53 ? 54  PHE A CD2 1 
ATOM   369 C  CE1 . PHE A 1 49  ? -5.014  10.933  7.544   1.00 14.74 ? 54  PHE A CE1 1 
ATOM   370 C  CE2 . PHE A 1 49  ? -3.188  11.280  9.086   1.00 15.64 ? 54  PHE A CE2 1 
ATOM   371 C  CZ  . PHE A 1 49  ? -3.893  11.661  7.939   1.00 15.18 ? 54  PHE A CZ  1 
ATOM   372 N  N   . PHE A 1 50  ? -3.017  7.137   7.866   1.00 13.54 ? 55  PHE A N   1 
ATOM   373 C  CA  . PHE A 1 50  ? -1.681  7.292   7.310   1.00 14.63 ? 55  PHE A CA  1 
ATOM   374 C  C   . PHE A 1 50  ? -1.679  8.532   6.416   1.00 17.26 ? 55  PHE A C   1 
ATOM   375 O  O   . PHE A 1 50  ? -2.519  8.672   5.520   1.00 17.79 ? 55  PHE A O   1 
ATOM   376 C  CB  . PHE A 1 50  ? -1.270  6.059   6.508   1.00 14.39 ? 55  PHE A CB  1 
ATOM   377 C  CG  . PHE A 1 50  ? -1.008  4.862   7.360   1.00 15.06 ? 55  PHE A CG  1 
ATOM   378 C  CD1 . PHE A 1 50  ? 0.226   4.701   7.984   1.00 14.99 ? 55  PHE A CD1 1 
ATOM   379 C  CD2 . PHE A 1 50  ? -1.999  3.914   7.566   1.00 15.00 ? 55  PHE A CD2 1 
ATOM   380 C  CE1 . PHE A 1 50  ? 0.462   3.617   8.802   1.00 14.68 ? 55  PHE A CE1 1 
ATOM   381 C  CE2 . PHE A 1 50  ? -1.776  2.825   8.383   1.00 16.81 ? 55  PHE A CE2 1 
ATOM   382 C  CZ  . PHE A 1 50  ? -0.543  2.673   9.004   1.00 17.45 ? 55  PHE A CZ  1 
ATOM   383 N  N   . ASP A 1 51  ? -0.740  9.435   6.672   1.00 16.85 ? 56  ASP A N   1 
ATOM   384 C  CA  . ASP A 1 51  ? -0.627  10.679  5.917   1.00 17.17 ? 56  ASP A CA  1 
ATOM   385 C  C   . ASP A 1 51  ? 0.179   10.488  4.630   1.00 17.35 ? 56  ASP A C   1 
ATOM   386 O  O   . ASP A 1 51  ? 1.246   11.085  4.456   1.00 17.49 ? 56  ASP A O   1 
ATOM   387 C  CB  . ASP A 1 51  ? 0.020   11.734  6.818   1.00 20.78 ? 56  ASP A CB  1 
ATOM   388 C  CG  . ASP A 1 51  ? -0.074  13.136  6.254   1.00 22.68 ? 56  ASP A CG  1 
ATOM   389 O  OD1 . ASP A 1 51  ? -1.028  13.426  5.502   1.00 22.12 ? 56  ASP A OD1 1 
ATOM   390 O  OD2 . ASP A 1 51  ? 0.816   13.947  6.580   1.00 24.20 ? 56  ASP A OD2 1 
ATOM   391 N  N   . ARG A 1 52  ? -0.338  9.646   3.732   1.00 17.14 ? 57  ARG A N   1 
ATOM   392 C  CA  . ARG A 1 52  ? 0.334   9.359   2.461   1.00 16.12 ? 57  ARG A CA  1 
ATOM   393 C  C   . ARG A 1 52  ? -0.564  9.671   1.265   1.00 16.73 ? 57  ARG A C   1 
ATOM   394 O  O   . ARG A 1 52  ? -1.742  9.999   1.431   1.00 18.28 ? 57  ARG A O   1 
ATOM   395 C  CB  . ARG A 1 52  ? 0.747   7.880   2.379   1.00 14.41 ? 57  ARG A CB  1 
ATOM   396 C  CG  . ARG A 1 52  ? 1.582   7.350   3.541   1.00 13.67 ? 57  ARG A CG  1 
ATOM   397 C  CD  . ARG A 1 52  ? 2.880   8.117   3.741   1.00 14.48 ? 57  ARG A CD  1 
ATOM   398 N  NE  . ARG A 1 52  ? 3.793   8.012   2.605   1.00 17.66 ? 57  ARG A NE  1 
ATOM   399 C  CZ  . ARG A 1 52  ? 5.094   8.297   2.663   1.00 19.24 ? 57  ARG A CZ  1 
ATOM   400 N  NH1 . ARG A 1 52  ? 5.642   8.695   3.805   1.00 21.75 ? 57  ARG A NH1 1 
ATOM   401 N  NH2 . ARG A 1 52  ? 5.844   8.223   1.575   1.00 15.34 ? 57  ARG A NH2 1 
ATOM   402 N  N   . HIS A 1 53  ? 0.005   9.534   0.067   1.00 17.00 ? 58  HIS A N   1 
ATOM   403 C  CA  . HIS A 1 53  ? -0.697  9.768   -1.192  1.00 16.93 ? 58  HIS A CA  1 
ATOM   404 C  C   . HIS A 1 53  ? -1.830  8.752   -1.286  1.00 18.92 ? 58  HIS A C   1 
ATOM   405 O  O   . HIS A 1 53  ? -1.592  7.546   -1.403  1.00 18.78 ? 58  HIS A O   1 
ATOM   406 C  CB  . HIS A 1 53  ? 0.265   9.574   -2.363  1.00 17.18 ? 58  HIS A CB  1 
ATOM   407 C  CG  . HIS A 1 53  ? -0.233  10.138  -3.656  1.00 18.90 ? 58  HIS A CG  1 
ATOM   408 N  ND1 . HIS A 1 53  ? -1.453  9.801   -4.196  1.00 21.04 ? 58  HIS A ND1 1 
ATOM   409 C  CD2 . HIS A 1 53  ? 0.336   11.013  -4.518  1.00 18.06 ? 58  HIS A CD2 1 
ATOM   410 C  CE1 . HIS A 1 53  ? -1.617  10.441  -5.339  1.00 18.41 ? 58  HIS A CE1 1 
ATOM   411 N  NE2 . HIS A 1 53  ? -0.548  11.182  -5.558  1.00 17.06 ? 58  HIS A NE2 1 
ATOM   412 N  N   . PRO A 1 54  ? -3.081  9.232   -1.246  1.00 18.76 ? 59  PRO A N   1 
ATOM   413 C  CA  . PRO A 1 54  ? -4.264  8.369   -1.318  1.00 21.13 ? 59  PRO A CA  1 
ATOM   414 C  C   . PRO A 1 54  ? -4.522  7.721   -2.682  1.00 24.19 ? 59  PRO A C   1 
ATOM   415 O  O   . PRO A 1 54  ? -5.174  6.672   -2.765  1.00 27.21 ? 59  PRO A O   1 
ATOM   416 C  CB  . PRO A 1 54  ? -5.391  9.317   -0.924  1.00 18.42 ? 59  PRO A CB  1 
ATOM   417 C  CG  . PRO A 1 54  ? -4.939  10.616  -1.515  1.00 15.67 ? 59  PRO A CG  1 
ATOM   418 C  CD  . PRO A 1 54  ? -3.467  10.652  -1.158  1.00 18.61 ? 59  PRO A CD  1 
ATOM   419 N  N   . GLY A 1 55  ? -4.031  8.356   -3.743  1.00 25.28 ? 60  GLY A N   1 
ATOM   420 C  CA  . GLY A 1 55  ? -4.235  7.833   -5.081  1.00 26.75 ? 60  GLY A CA  1 
ATOM   421 C  C   . GLY A 1 55  ? -3.372  6.624   -5.358  1.00 28.28 ? 60  GLY A C   1 
ATOM   422 O  O   . GLY A 1 55  ? -3.853  5.604   -5.854  1.00 30.73 ? 60  GLY A O   1 
ATOM   423 N  N   . VAL A 1 56  ? -2.102  6.741   -4.999  1.00 24.02 ? 61  VAL A N   1 
ATOM   424 C  CA  . VAL A 1 56  ? -1.120  5.689   -5.199  1.00 21.87 ? 61  VAL A CA  1 
ATOM   425 C  C   . VAL A 1 56  ? -1.377  4.458   -4.318  1.00 21.41 ? 61  VAL A C   1 
ATOM   426 O  O   . VAL A 1 56  ? -0.968  3.344   -4.651  1.00 19.62 ? 61  VAL A O   1 
ATOM   427 C  CB  . VAL A 1 56  ? 0.296   6.264   -4.946  1.00 21.57 ? 61  VAL A CB  1 
ATOM   428 C  CG1 . VAL A 1 56  ? 1.320   5.170   -4.827  1.00 21.55 ? 61  VAL A CG1 1 
ATOM   429 C  CG2 . VAL A 1 56  ? 0.669   7.204   -6.071  1.00 21.88 ? 61  VAL A CG2 1 
ATOM   430 N  N   . PHE A 1 57  ? -2.103  4.654   -3.223  1.00 18.74 ? 62  PHE A N   1 
ATOM   431 C  CA  . PHE A 1 57  ? -2.378  3.569   -2.298  1.00 17.47 ? 62  PHE A CA  1 
ATOM   432 C  C   . PHE A 1 57  ? -3.157  2.408   -2.901  1.00 18.35 ? 62  PHE A C   1 
ATOM   433 O  O   . PHE A 1 57  ? -2.948  1.262   -2.520  1.00 16.78 ? 62  PHE A O   1 
ATOM   434 C  CB  . PHE A 1 57  ? -3.077  4.094   -1.048  1.00 16.25 ? 62  PHE A CB  1 
ATOM   435 C  CG  . PHE A 1 57  ? -3.130  3.102   0.060   1.00 12.20 ? 62  PHE A CG  1 
ATOM   436 C  CD1 . PHE A 1 57  ? -1.978  2.750   0.744   1.00 11.07 ? 62  PHE A CD1 1 
ATOM   437 C  CD2 . PHE A 1 57  ? -4.325  2.495   0.405   1.00 13.60 ? 62  PHE A CD2 1 
ATOM   438 C  CE1 . PHE A 1 57  ? -2.016  1.805   1.756   1.00 9.60  ? 62  PHE A CE1 1 
ATOM   439 C  CE2 . PHE A 1 57  ? -4.375  1.548   1.419   1.00 12.39 ? 62  PHE A CE2 1 
ATOM   440 C  CZ  . PHE A 1 57  ? -3.218  1.203   2.094   1.00 11.41 ? 62  PHE A CZ  1 
ATOM   441 N  N   . ALA A 1 58  ? -4.051  2.697   -3.840  1.00 18.64 ? 63  ALA A N   1 
ATOM   442 C  CA  . ALA A 1 58  ? -4.832  1.646   -4.489  1.00 17.98 ? 63  ALA A CA  1 
ATOM   443 C  C   . ALA A 1 58  ? -3.876  0.692   -5.184  1.00 17.94 ? 63  ALA A C   1 
ATOM   444 O  O   . ALA A 1 58  ? -4.111  -0.513  -5.240  1.00 17.73 ? 63  ALA A O   1 
ATOM   445 C  CB  . ALA A 1 58  ? -5.795  2.243   -5.502  1.00 17.67 ? 63  ALA A CB  1 
ATOM   446 N  N   . GLN A 1 59  ? -2.784  1.249   -5.700  1.00 19.98 ? 64  GLN A N   1 
ATOM   447 C  CA  . GLN A 1 59  ? -1.772  0.471   -6.394  1.00 20.70 ? 64  GLN A CA  1 
ATOM   448 C  C   . GLN A 1 59  ? -0.965  -0.315  -5.369  1.00 18.97 ? 64  GLN A C   1 
ATOM   449 O  O   . GLN A 1 59  ? -0.609  -1.473  -5.596  1.00 20.25 ? 64  GLN A O   1 
ATOM   450 C  CB  . GLN A 1 59  ? -0.856  1.400   -7.195  1.00 24.28 ? 64  GLN A CB  1 
ATOM   451 C  CG  . GLN A 1 59  ? -0.186  0.748   -8.395  1.00 26.84 ? 64  GLN A CG  1 
ATOM   452 C  CD  . GLN A 1 59  ? -1.156  0.435   -9.530  1.00 29.43 ? 64  GLN A CD  1 
ATOM   453 O  OE1 . GLN A 1 59  ? -2.362  0.661   -9.422  1.00 29.58 ? 64  GLN A OE1 1 
ATOM   454 N  NE2 . GLN A 1 59  ? -0.624  -0.081  -10.629 1.00 27.67 ? 64  GLN A NE2 1 
ATOM   455 N  N   . ILE A 1 60  ? -0.709  0.308   -4.226  1.00 18.57 ? 65  ILE A N   1 
ATOM   456 C  CA  . ILE A 1 60  ? 0.043   -0.339  -3.159  1.00 17.09 ? 65  ILE A CA  1 
ATOM   457 C  C   . ILE A 1 60  ? -0.756  -1.533  -2.653  1.00 17.73 ? 65  ILE A C   1 
ATOM   458 O  O   . ILE A 1 60  ? -0.248  -2.644  -2.545  1.00 18.87 ? 65  ILE A O   1 
ATOM   459 C  CB  . ILE A 1 60  ? 0.272   0.633   -1.978  1.00 16.63 ? 65  ILE A CB  1 
ATOM   460 C  CG1 . ILE A 1 60  ? 1.250   1.742   -2.376  1.00 17.77 ? 65  ILE A CG1 1 
ATOM   461 C  CG2 . ILE A 1 60  ? 0.745   -0.120  -0.748  1.00 15.78 ? 65  ILE A CG2 1 
ATOM   462 C  CD1 . ILE A 1 60  ? 2.655   1.258   -2.690  1.00 16.10 ? 65  ILE A CD1 1 
ATOM   463 N  N   . ILE A 1 61  ? -2.033  -1.294  -2.399  1.00 18.38 ? 66  ILE A N   1 
ATOM   464 C  CA  . ILE A 1 61  ? -2.932  -2.309  -1.878  1.00 18.98 ? 66  ILE A CA  1 
ATOM   465 C  C   . ILE A 1 61  ? -3.236  -3.392  -2.916  1.00 18.72 ? 66  ILE A C   1 
ATOM   466 O  O   . ILE A 1 61  ? -3.484  -4.545  -2.566  1.00 17.62 ? 66  ILE A O   1 
ATOM   467 C  CB  . ILE A 1 61  ? -4.214  -1.627  -1.347  1.00 20.97 ? 66  ILE A CB  1 
ATOM   468 C  CG1 . ILE A 1 61  ? -4.899  -2.471  -0.281  1.00 22.92 ? 66  ILE A CG1 1 
ATOM   469 C  CG2 . ILE A 1 61  ? -5.153  -1.300  -2.481  1.00 30.40 ? 66  ILE A CG2 1 
ATOM   470 C  CD1 . ILE A 1 61  ? -6.115  -1.773  0.301   1.00 20.56 ? 66  ILE A CD1 1 
ATOM   471 N  N   . ASN A 1 62  ? -3.134  -3.049  -4.195  1.00 17.54 ? 67  ASN A N   1 
ATOM   472 C  CA  . ASN A 1 62  ? -3.407  -4.020  -5.244  1.00 19.02 ? 67  ASN A CA  1 
ATOM   473 C  C   . ASN A 1 62  ? -2.332  -5.104  -5.295  1.00 19.72 ? 67  ASN A C   1 
ATOM   474 O  O   . ASN A 1 62  ? -2.562  -6.185  -5.827  1.00 18.96 ? 67  ASN A O   1 
ATOM   475 C  CB  . ASN A 1 62  ? -3.546  -3.337  -6.602  1.00 17.48 ? 67  ASN A CB  1 
ATOM   476 C  CG  . ASN A 1 62  ? -4.442  -4.109  -7.541  1.00 16.94 ? 67  ASN A CG  1 
ATOM   477 O  OD1 . ASN A 1 62  ? -3.991  -4.631  -8.563  1.00 20.74 ? 67  ASN A OD1 1 
ATOM   478 N  ND2 . ASN A 1 62  ? -5.711  -4.216  -7.184  1.00 17.06 ? 67  ASN A ND2 1 
ATOM   479 N  N   . TYR A 1 63  ? -1.159  -4.802  -4.740  1.00 20.82 ? 68  TYR A N   1 
ATOM   480 C  CA  . TYR A 1 63  ? -0.051  -5.749  -4.682  1.00 19.91 ? 68  TYR A CA  1 
ATOM   481 C  C   . TYR A 1 63  ? -0.453  -6.876  -3.733  1.00 20.51 ? 68  TYR A C   1 
ATOM   482 O  O   . TYR A 1 63  ? -0.191  -8.045  -3.999  1.00 21.00 ? 68  TYR A O   1 
ATOM   483 C  CB  . TYR A 1 63  ? 1.201   -5.035  -4.170  1.00 22.72 ? 68  TYR A CB  1 
ATOM   484 C  CG  . TYR A 1 63  ? 2.469   -5.864  -4.129  1.00 26.18 ? 68  TYR A CG  1 
ATOM   485 C  CD1 . TYR A 1 63  ? 2.534   -7.125  -4.719  1.00 26.07 ? 68  TYR A CD1 1 
ATOM   486 C  CD2 . TYR A 1 63  ? 3.609   -5.381  -3.496  1.00 28.66 ? 68  TYR A CD2 1 
ATOM   487 C  CE1 . TYR A 1 63  ? 3.698   -7.877  -4.676  1.00 26.99 ? 68  TYR A CE1 1 
ATOM   488 C  CE2 . TYR A 1 63  ? 4.778   -6.128  -3.448  1.00 29.41 ? 68  TYR A CE2 1 
ATOM   489 C  CZ  . TYR A 1 63  ? 4.815   -7.372  -4.038  1.00 29.46 ? 68  TYR A CZ  1 
ATOM   490 O  OH  . TYR A 1 63  ? 5.973   -8.112  -3.986  1.00 33.18 ? 68  TYR A OH  1 
ATOM   491 N  N   . TYR A 1 64  ? -1.096  -6.516  -2.627  1.00 20.04 ? 69  TYR A N   1 
ATOM   492 C  CA  . TYR A 1 64  ? -1.563  -7.501  -1.658  1.00 20.96 ? 69  TYR A CA  1 
ATOM   493 C  C   . TYR A 1 64  ? -2.734  -8.308  -2.225  1.00 22.57 ? 69  TYR A C   1 
ATOM   494 O  O   . TYR A 1 64  ? -2.776  -9.525  -2.085  1.00 21.77 ? 69  TYR A O   1 
ATOM   495 C  CB  . TYR A 1 64  ? -2.022  -6.820  -0.364  1.00 18.93 ? 69  TYR A CB  1 
ATOM   496 C  CG  . TYR A 1 64  ? -0.917  -6.183  0.440   1.00 20.70 ? 69  TYR A CG  1 
ATOM   497 C  CD1 . TYR A 1 64  ? -0.326  -4.988  0.025   1.00 21.46 ? 69  TYR A CD1 1 
ATOM   498 C  CD2 . TYR A 1 64  ? -0.459  -6.775  1.619   1.00 18.07 ? 69  TYR A CD2 1 
ATOM   499 C  CE1 . TYR A 1 64  ? 0.697   -4.398  0.760   1.00 22.17 ? 69  TYR A CE1 1 
ATOM   500 C  CE2 . TYR A 1 64  ? 0.563   -6.191  2.365   1.00 20.62 ? 69  TYR A CE2 1 
ATOM   501 C  CZ  . TYR A 1 64  ? 1.133   -5.005  1.928   1.00 20.80 ? 69  TYR A CZ  1 
ATOM   502 O  OH  . TYR A 1 64  ? 2.125   -4.416  2.663   1.00 19.97 ? 69  TYR A OH  1 
ATOM   503 N  N   . ARG A 1 65  ? -3.684  -7.617  -2.850  1.00 22.17 ? 70  ARG A N   1 
ATOM   504 C  CA  . ARG A 1 65  ? -4.870  -8.252  -3.422  1.00 21.89 ? 70  ARG A CA  1 
ATOM   505 C  C   . ARG A 1 65  ? -4.571  -9.257  -4.525  1.00 22.79 ? 70  ARG A C   1 
ATOM   506 O  O   . ARG A 1 65  ? -5.089  -10.370 -4.508  1.00 24.61 ? 70  ARG A O   1 
ATOM   507 C  CB  . ARG A 1 65  ? -5.838  -7.186  -3.958  1.00 20.19 ? 70  ARG A CB  1 
ATOM   508 C  CG  . ARG A 1 65  ? -6.569  -6.410  -2.879  1.00 18.82 ? 70  ARG A CG  1 
ATOM   509 C  CD  . ARG A 1 65  ? -7.291  -5.185  -3.441  1.00 17.97 ? 70  ARG A CD  1 
ATOM   510 N  NE  . ARG A 1 65  ? -8.151  -4.579  -2.424  1.00 14.26 ? 70  ARG A NE  1 
ATOM   511 C  CZ  . ARG A 1 65  ? -8.428  -3.280  -2.332  1.00 13.95 ? 70  ARG A CZ  1 
ATOM   512 N  NH1 . ARG A 1 65  ? -7.914  -2.417  -3.197  1.00 14.63 ? 70  ARG A NH1 1 
ATOM   513 N  NH2 . ARG A 1 65  ? -9.217  -2.843  -1.363  1.00 11.17 ? 70  ARG A NH2 1 
ATOM   514 N  N   . SER A 1 66  ? -3.712  -8.871  -5.464  1.00 23.39 ? 71  SER A N   1 
ATOM   515 C  CA  . SER A 1 66  ? -3.364  -9.719  -6.602  1.00 25.97 ? 71  SER A CA  1 
ATOM   516 C  C   . SER A 1 66  ? -2.069  -10.523 -6.471  1.00 25.23 ? 71  SER A C   1 
ATOM   517 O  O   . SER A 1 66  ? -1.836  -11.446 -7.244  1.00 26.01 ? 71  SER A O   1 
ATOM   518 C  CB  . SER A 1 66  ? -3.278  -8.863  -7.865  1.00 25.36 ? 71  SER A CB  1 
ATOM   519 O  OG  . SER A 1 66  ? -2.113  -8.056  -7.848  1.00 28.04 ? 71  SER A OG  1 
ATOM   520 N  N   . GLY A 1 67  ? -1.220  -10.153 -5.520  1.00 24.77 ? 72  GLY A N   1 
ATOM   521 C  CA  . GLY A 1 67  ? 0.039   -10.849 -5.347  1.00 24.53 ? 72  GLY A CA  1 
ATOM   522 C  C   . GLY A 1 67  ? 1.067   -10.418 -6.381  1.00 26.89 ? 72  GLY A C   1 
ATOM   523 O  O   . GLY A 1 67  ? 2.143   -11.002 -6.454  1.00 29.49 ? 72  GLY A O   1 
ATOM   524 N  N   . LYS A 1 68  ? 0.742   -9.397  -7.177  1.00 27.54 ? 73  LYS A N   1 
ATOM   525 C  CA  . LYS A 1 68  ? 1.644   -8.885  -8.215  1.00 28.67 ? 73  LYS A CA  1 
ATOM   526 C  C   . LYS A 1 68  ? 1.867   -7.369  -8.092  1.00 27.90 ? 73  LYS A C   1 
ATOM   527 O  O   . LYS A 1 68  ? 0.935   -6.620  -7.798  1.00 27.65 ? 73  LYS A O   1 
ATOM   528 C  CB  . LYS A 1 68  ? 1.088   -9.226  -9.600  1.00 31.87 ? 73  LYS A CB  1 
ATOM   529 C  CG  . LYS A 1 68  ? 0.960   -10.725 -9.845  1.00 39.17 ? 73  LYS A CG  1 
ATOM   530 C  CD  . LYS A 1 68  ? 0.107   -11.043 -11.066 1.00 45.11 ? 73  LYS A CD  1 
ATOM   531 C  CE  . LYS A 1 68  ? 0.710   -10.467 -12.334 1.00 51.29 ? 73  LYS A CE  1 
ATOM   532 N  NZ  . LYS A 1 68  ? -0.101  -10.750 -13.558 1.00 57.75 ? 73  LYS A NZ  1 
ATOM   533 N  N   . LEU A 1 69  ? 3.103   -6.926  -8.319  1.00 25.35 ? 74  LEU A N   1 
ATOM   534 C  CA  . LEU A 1 69  ? 3.446   -5.511  -8.218  1.00 24.73 ? 74  LEU A CA  1 
ATOM   535 C  C   . LEU A 1 69  ? 3.474   -4.792  -9.547  1.00 23.11 ? 74  LEU A C   1 
ATOM   536 O  O   . LEU A 1 69  ? 4.367   -5.008  -10.358 1.00 25.06 ? 74  LEU A O   1 
ATOM   537 C  CB  . LEU A 1 69  ? 4.801   -5.319  -7.528  1.00 25.89 ? 74  LEU A CB  1 
ATOM   538 C  CG  . LEU A 1 69  ? 5.362   -3.888  -7.449  1.00 25.10 ? 74  LEU A CG  1 
ATOM   539 C  CD1 . LEU A 1 69  ? 4.393   -2.980  -6.706  1.00 27.67 ? 74  LEU A CD1 1 
ATOM   540 C  CD2 . LEU A 1 69  ? 6.710   -3.886  -6.747  1.00 27.13 ? 74  LEU A CD2 1 
ATOM   541 N  N   . HIS A 1 70  ? 2.495   -3.922  -9.758  1.00 22.51 ? 75  HIS A N   1 
ATOM   542 C  CA  . HIS A 1 70  ? 2.432   -3.138  -10.978 1.00 22.11 ? 75  HIS A CA  1 
ATOM   543 C  C   . HIS A 1 70  ? 2.687   -1.699  -10.583 1.00 23.42 ? 75  HIS A C   1 
ATOM   544 O  O   . HIS A 1 70  ? 2.456   -1.311  -9.438  1.00 25.76 ? 75  HIS A O   1 
ATOM   545 C  CB  . HIS A 1 70  ? 1.055   -3.237  -11.631 1.00 20.76 ? 75  HIS A CB  1 
ATOM   546 C  CG  . HIS A 1 70  ? 0.655   -4.628  -12.005 1.00 23.12 ? 75  HIS A CG  1 
ATOM   547 N  ND1 . HIS A 1 70  ? 1.143   -5.268  -13.124 1.00 23.27 ? 75  HIS A ND1 1 
ATOM   548 C  CD2 . HIS A 1 70  ? -0.202  -5.496  -11.420 1.00 21.92 ? 75  HIS A CD2 1 
ATOM   549 C  CE1 . HIS A 1 70  ? 0.600   -6.467  -13.214 1.00 23.32 ? 75  HIS A CE1 1 
ATOM   550 N  NE2 . HIS A 1 70  ? -0.219  -6.632  -12.192 1.00 23.66 ? 75  HIS A NE2 1 
ATOM   551 N  N   . TYR A 1 71  ? 3.194   -0.919  -11.528 1.00 24.35 ? 76  TYR A N   1 
ATOM   552 C  CA  . TYR A 1 71  ? 3.461   0.493   -11.306 1.00 24.07 ? 76  TYR A CA  1 
ATOM   553 C  C   . TYR A 1 71  ? 2.325   1.299   -11.925 1.00 24.81 ? 76  TYR A C   1 
ATOM   554 O  O   . TYR A 1 71  ? 1.811   0.954   -12.988 1.00 24.62 ? 76  TYR A O   1 
ATOM   555 C  CB  . TYR A 1 71  ? 4.769   0.906   -11.990 1.00 26.03 ? 76  TYR A CB  1 
ATOM   556 C  CG  . TYR A 1 71  ? 6.024   0.787   -11.148 1.00 28.69 ? 76  TYR A CG  1 
ATOM   557 C  CD1 . TYR A 1 71  ? 6.334   -0.396  -10.472 1.00 29.26 ? 76  TYR A CD1 1 
ATOM   558 C  CD2 . TYR A 1 71  ? 6.921   1.860   -11.051 1.00 28.30 ? 76  TYR A CD2 1 
ATOM   559 C  CE1 . TYR A 1 71  ? 7.505   -0.506  -9.721  1.00 30.02 ? 76  TYR A CE1 1 
ATOM   560 C  CE2 . TYR A 1 71  ? 8.092   1.760   -10.306 1.00 25.61 ? 76  TYR A CE2 1 
ATOM   561 C  CZ  . TYR A 1 71  ? 8.376   0.576   -9.645  1.00 28.76 ? 76  TYR A CZ  1 
ATOM   562 O  OH  . TYR A 1 71  ? 9.529   0.466   -8.909  1.00 28.26 ? 76  TYR A OH  1 
ATOM   563 N  N   . PRO A 1 72  ? 1.887   2.364   -11.245 1.00 24.81 ? 77  PRO A N   1 
ATOM   564 C  CA  . PRO A 1 72  ? 0.810   3.192   -11.791 1.00 25.08 ? 77  PRO A CA  1 
ATOM   565 C  C   . PRO A 1 72  ? 1.430   4.010   -12.921 1.00 26.35 ? 77  PRO A C   1 
ATOM   566 O  O   . PRO A 1 72  ? 2.652   4.108   -13.007 1.00 26.32 ? 77  PRO A O   1 
ATOM   567 C  CB  . PRO A 1 72  ? 0.437   4.075   -10.601 1.00 24.54 ? 77  PRO A CB  1 
ATOM   568 C  CG  . PRO A 1 72  ? 1.747   4.258   -9.902  1.00 23.44 ? 77  PRO A CG  1 
ATOM   569 C  CD  . PRO A 1 72  ? 2.323   2.860   -9.928  1.00 24.00 ? 77  PRO A CD  1 
ATOM   570 N  N   . THR A 1 73  ? 0.619   4.562   -13.813 1.00 28.47 ? 78  THR A N   1 
ATOM   571 C  CA  . THR A 1 73  ? 1.175   5.361   -14.899 1.00 31.92 ? 78  THR A CA  1 
ATOM   572 C  C   . THR A 1 73  ? 0.657   6.795   -14.889 1.00 31.87 ? 78  THR A C   1 
ATOM   573 O  O   . THR A 1 73  ? 0.850   7.534   -15.854 1.00 32.25 ? 78  THR A O   1 
ATOM   574 C  CB  . THR A 1 73  ? 0.949   4.712   -16.288 1.00 33.68 ? 78  THR A CB  1 
ATOM   575 O  OG1 . THR A 1 73  ? -0.449  4.531   -16.519 1.00 38.28 ? 78  THR A OG1 1 
ATOM   576 C  CG2 . THR A 1 73  ? 1.631   3.364   -16.360 1.00 33.85 ? 78  THR A CG2 1 
ATOM   577 N  N   . ASP A 1 74  ? -0.019  7.170   -13.805 1.00 30.53 ? 79  ASP A N   1 
ATOM   578 C  CA  . ASP A 1 74  ? -0.538  8.527   -13.648 1.00 29.33 ? 79  ASP A CA  1 
ATOM   579 C  C   . ASP A 1 74  ? 0.395   9.381   -12.784 1.00 27.73 ? 79  ASP A C   1 
ATOM   580 O  O   . ASP A 1 74  ? 0.130   10.553  -12.545 1.00 27.02 ? 79  ASP A O   1 
ATOM   581 C  CB  . ASP A 1 74  ? -1.970  8.529   -13.100 1.00 31.79 ? 79  ASP A CB  1 
ATOM   582 C  CG  . ASP A 1 74  ? -2.139  7.664   -11.861 1.00 36.78 ? 79  ASP A CG  1 
ATOM   583 O  OD1 . ASP A 1 74  ? -1.141  7.107   -11.353 1.00 38.21 ? 79  ASP A OD1 1 
ATOM   584 O  OD2 . ASP A 1 74  ? -3.291  7.537   -11.390 1.00 41.67 ? 79  ASP A OD2 1 
ATOM   585 N  N   . VAL A 1 75  ? 1.472   8.765   -12.296 1.00 25.46 ? 80  VAL A N   1 
ATOM   586 C  CA  . VAL A 1 75  ? 2.506   9.450   -11.508 1.00 24.95 ? 80  VAL A CA  1 
ATOM   587 C  C   . VAL A 1 75  ? 3.843   8.867   -11.940 1.00 24.67 ? 80  VAL A C   1 
ATOM   588 O  O   . VAL A 1 75  ? 3.892   7.791   -12.540 1.00 25.61 ? 80  VAL A O   1 
ATOM   589 C  CB  . VAL A 1 75  ? 2.372   9.266   -9.970  1.00 24.48 ? 80  VAL A CB  1 
ATOM   590 C  CG1 . VAL A 1 75  ? 1.100   9.911   -9.470  1.00 24.61 ? 80  VAL A CG1 1 
ATOM   591 C  CG2 . VAL A 1 75  ? 2.455   7.792   -9.577  1.00 23.21 ? 80  VAL A CG2 1 
ATOM   592 N  N   . CYS A 1 76  ? 4.927   9.574   -11.643 1.00 25.27 ? 81  CYS A N   1 
ATOM   593 C  CA  . CYS A 1 76  ? 6.252   9.102   -12.017 1.00 24.82 ? 81  CYS A CA  1 
ATOM   594 C  C   . CYS A 1 76  ? 6.718   7.937   -11.144 1.00 23.78 ? 81  CYS A C   1 
ATOM   595 O  O   . CYS A 1 76  ? 6.210   7.736   -10.041 1.00 24.06 ? 81  CYS A O   1 
ATOM   596 C  CB  . CYS A 1 76  ? 7.259   10.250  -11.960 1.00 24.25 ? 81  CYS A CB  1 
ATOM   597 S  SG  . CYS A 1 76  ? 7.488   10.983  -10.341 1.00 28.50 ? 81  CYS A SG  1 
ATOM   598 N  N   . GLY A 1 77  ? 7.665   7.160   -11.666 1.00 23.24 ? 82  GLY A N   1 
ATOM   599 C  CA  . GLY A 1 77  ? 8.211   6.023   -10.942 1.00 22.54 ? 82  GLY A CA  1 
ATOM   600 C  C   . GLY A 1 77  ? 8.754   6.412   -9.583  1.00 23.12 ? 82  GLY A C   1 
ATOM   601 O  O   . GLY A 1 77  ? 8.499   5.714   -8.606  1.00 25.47 ? 82  GLY A O   1 
ATOM   602 N  N   . PRO A 1 78  ? 9.543   7.500   -9.491  1.00 23.71 ? 83  PRO A N   1 
ATOM   603 C  CA  . PRO A 1 78  ? 10.123  7.985   -8.237  1.00 22.86 ? 83  PRO A CA  1 
ATOM   604 C  C   . PRO A 1 78  ? 9.099   8.243   -7.131  1.00 23.33 ? 83  PRO A C   1 
ATOM   605 O  O   . PRO A 1 78  ? 9.338   7.887   -5.976  1.00 24.49 ? 83  PRO A O   1 
ATOM   606 C  CB  . PRO A 1 78  ? 10.824  9.266   -8.668  1.00 22.63 ? 83  PRO A CB  1 
ATOM   607 C  CG  . PRO A 1 78  ? 11.333  8.895   -10.018 1.00 23.14 ? 83  PRO A CG  1 
ATOM   608 C  CD  . PRO A 1 78  ? 10.143  8.210   -10.640 1.00 22.67 ? 83  PRO A CD  1 
ATOM   609 N  N   . LEU A 1 79  ? 7.972   8.869   -7.470  1.00 23.53 ? 84  LEU A N   1 
ATOM   610 C  CA  . LEU A 1 79  ? 6.934   9.130   -6.470  1.00 21.26 ? 84  LEU A CA  1 
ATOM   611 C  C   . LEU A 1 79  ? 6.368   7.798   -5.969  1.00 22.21 ? 84  LEU A C   1 
ATOM   612 O  O   . LEU A 1 79  ? 6.202   7.604   -4.766  1.00 24.38 ? 84  LEU A O   1 
ATOM   613 C  CB  . LEU A 1 79  ? 5.818   10.011  -7.046  1.00 18.21 ? 84  LEU A CB  1 
ATOM   614 C  CG  . LEU A 1 79  ? 4.703   10.466  -6.091  1.00 19.03 ? 84  LEU A CG  1 
ATOM   615 C  CD1 . LEU A 1 79  ? 4.002   11.665  -6.680  1.00 20.12 ? 84  LEU A CD1 1 
ATOM   616 C  CD2 . LEU A 1 79  ? 3.692   9.362   -5.826  1.00 17.76 ? 84  LEU A CD2 1 
ATOM   617 N  N   . PHE A 1 80  ? 6.098   6.874   -6.889  1.00 20.58 ? 85  PHE A N   1 
ATOM   618 C  CA  . PHE A 1 80  ? 5.561   5.569   -6.518  1.00 20.82 ? 85  PHE A CA  1 
ATOM   619 C  C   . PHE A 1 80  ? 6.542   4.819   -5.625  1.00 20.75 ? 85  PHE A C   1 
ATOM   620 O  O   . PHE A 1 80  ? 6.161   4.268   -4.588  1.00 20.46 ? 85  PHE A O   1 
ATOM   621 C  CB  . PHE A 1 80  ? 5.262   4.738   -7.764  1.00 20.73 ? 85  PHE A CB  1 
ATOM   622 C  CG  . PHE A 1 80  ? 4.620   3.410   -7.467  1.00 23.01 ? 85  PHE A CG  1 
ATOM   623 C  CD1 . PHE A 1 80  ? 3.451   3.344   -6.714  1.00 23.49 ? 85  PHE A CD1 1 
ATOM   624 C  CD2 . PHE A 1 80  ? 5.192   2.228   -7.921  1.00 21.94 ? 85  PHE A CD2 1 
ATOM   625 C  CE1 . PHE A 1 80  ? 2.860   2.118   -6.414  1.00 24.06 ? 85  PHE A CE1 1 
ATOM   626 C  CE2 . PHE A 1 80  ? 4.612   0.994   -7.629  1.00 23.79 ? 85  PHE A CE2 1 
ATOM   627 C  CZ  . PHE A 1 80  ? 3.443   0.940   -6.872  1.00 24.55 ? 85  PHE A CZ  1 
ATOM   628 N  N   . GLU A 1 81  ? 7.810   4.825   -6.021  1.00 20.97 ? 86  GLU A N   1 
ATOM   629 C  CA  . GLU A 1 81  ? 8.851   4.146   -5.259  1.00 24.60 ? 86  GLU A CA  1 
ATOM   630 C  C   . GLU A 1 81  ? 9.001   4.706   -3.844  1.00 25.17 ? 86  GLU A C   1 
ATOM   631 O  O   . GLU A 1 81  ? 9.285   3.959   -2.912  1.00 25.14 ? 86  GLU A O   1 
ATOM   632 C  CB  . GLU A 1 81  ? 10.171  4.139   -6.039  1.00 24.59 ? 86  GLU A CB  1 
ATOM   633 C  CG  . GLU A 1 81  ? 10.174  3.092   -7.157  1.00 27.94 ? 86  GLU A CG  1 
ATOM   634 C  CD  . GLU A 1 81  ? 11.148  3.378   -8.290  1.00 30.25 ? 86  GLU A CD  1 
ATOM   635 O  OE1 . GLU A 1 81  ? 11.923  4.350   -8.207  1.00 34.32 ? 86  GLU A OE1 1 
ATOM   636 O  OE2 . GLU A 1 81  ? 11.129  2.629   -9.289  1.00 29.67 ? 86  GLU A OE2 1 
ATOM   637 N  N   . GLU A 1 82  ? 8.767   6.005   -3.669  1.00 25.06 ? 87  GLU A N   1 
ATOM   638 C  CA  . GLU A 1 82  ? 8.828   6.606   -2.335  1.00 23.72 ? 87  GLU A CA  1 
ATOM   639 C  C   . GLU A 1 82  ? 7.748   5.954   -1.490  1.00 23.01 ? 87  GLU A C   1 
ATOM   640 O  O   . GLU A 1 82  ? 7.948   5.685   -0.308  1.00 21.61 ? 87  GLU A O   1 
ATOM   641 C  CB  . GLU A 1 82  ? 8.545   8.105   -2.384  1.00 29.18 ? 87  GLU A CB  1 
ATOM   642 C  CG  . GLU A 1 82  ? 9.767   8.963   -2.555  1.00 41.78 ? 87  GLU A CG  1 
ATOM   643 C  CD  . GLU A 1 82  ? 9.472   10.439  -2.362  1.00 46.91 ? 87  GLU A CD  1 
ATOM   644 O  OE1 . GLU A 1 82  ? 9.265   10.852  -1.198  1.00 48.75 ? 87  GLU A OE1 1 
ATOM   645 O  OE2 . GLU A 1 82  ? 9.449   11.182  -3.370  1.00 49.32 ? 87  GLU A OE2 1 
ATOM   646 N  N   . GLU A 1 83  ? 6.592   5.720   -2.109  1.00 19.84 ? 88  GLU A N   1 
ATOM   647 C  CA  . GLU A 1 83  ? 5.475   5.099   -1.423  1.00 20.30 ? 88  GLU A CA  1 
ATOM   648 C  C   . GLU A 1 83  ? 5.791   3.640   -1.146  1.00 19.86 ? 88  GLU A C   1 
ATOM   649 O  O   . GLU A 1 83  ? 5.440   3.122   -0.085  1.00 19.00 ? 88  GLU A O   1 
ATOM   650 C  CB  . GLU A 1 83  ? 4.186   5.222   -2.244  1.00 21.65 ? 88  GLU A CB  1 
ATOM   651 C  CG  . GLU A 1 83  ? 3.703   6.653   -2.448  1.00 21.45 ? 88  GLU A CG  1 
ATOM   652 C  CD  . GLU A 1 83  ? 3.628   7.449   -1.154  1.00 20.85 ? 88  GLU A CD  1 
ATOM   653 O  OE1 . GLU A 1 83  ? 2.776   7.146   -0.298  1.00 21.81 ? 88  GLU A OE1 1 
ATOM   654 O  OE2 . GLU A 1 83  ? 4.425   8.393   -0.990  1.00 23.54 ? 88  GLU A OE2 1 
ATOM   655 N  N   . LEU A 1 84  ? 6.464   2.986   -2.093  1.00 20.27 ? 89  LEU A N   1 
ATOM   656 C  CA  . LEU A 1 84  ? 6.842   1.583   -1.925  1.00 19.42 ? 89  LEU A CA  1 
ATOM   657 C  C   . LEU A 1 84  ? 7.768   1.440   -0.716  1.00 21.34 ? 89  LEU A C   1 
ATOM   658 O  O   . LEU A 1 84  ? 7.632   0.502   0.074   1.00 23.19 ? 89  LEU A O   1 
ATOM   659 C  CB  . LEU A 1 84  ? 7.531   1.038   -3.183  1.00 16.86 ? 89  LEU A CB  1 
ATOM   660 C  CG  . LEU A 1 84  ? 6.639   0.768   -4.399  1.00 15.11 ? 89  LEU A CG  1 
ATOM   661 C  CD1 . LEU A 1 84  ? 7.463   0.352   -5.590  1.00 15.42 ? 89  LEU A CD1 1 
ATOM   662 C  CD2 . LEU A 1 84  ? 5.641   -0.308  -4.065  1.00 13.82 ? 89  LEU A CD2 1 
ATOM   663 N  N   . GLU A 1 85  ? 8.676   2.398   -0.548  1.00 22.50 ? 90  GLU A N   1 
ATOM   664 C  CA  . GLU A 1 85  ? 9.602   2.371   0.577   1.00 27.36 ? 90  GLU A CA  1 
ATOM   665 C  C   . GLU A 1 85  ? 8.906   2.594   1.913   1.00 25.14 ? 90  GLU A C   1 
ATOM   666 O  O   . GLU A 1 85  ? 9.219   1.918   2.888   1.00 23.77 ? 90  GLU A O   1 
ATOM   667 C  CB  . GLU A 1 85  ? 10.713  3.398   0.399   1.00 35.85 ? 90  GLU A CB  1 
ATOM   668 C  CG  . GLU A 1 85  ? 11.761  3.007   -0.627  1.00 51.90 ? 90  GLU A CG  1 
ATOM   669 C  CD  . GLU A 1 85  ? 12.840  4.068   -0.788  1.00 60.66 ? 90  GLU A CD  1 
ATOM   670 O  OE1 . GLU A 1 85  ? 13.381  4.524   0.250   1.00 66.52 ? 90  GLU A OE1 1 
ATOM   671 O  OE2 . GLU A 1 85  ? 13.142  4.452   -1.944  1.00 63.28 ? 90  GLU A OE2 1 
ATOM   672 N  N   . PHE A 1 86  ? 7.971   3.544   1.965   1.00 21.77 ? 91  PHE A N   1 
ATOM   673 C  CA  . PHE A 1 86  ? 7.252   3.811   3.208   1.00 18.09 ? 91  PHE A CA  1 
ATOM   674 C  C   . PHE A 1 86  ? 6.459   2.587   3.645   1.00 17.58 ? 91  PHE A C   1 
ATOM   675 O  O   . PHE A 1 86  ? 6.440   2.240   4.827   1.00 19.15 ? 91  PHE A O   1 
ATOM   676 C  CB  . PHE A 1 86  ? 6.292   4.995   3.061   1.00 17.17 ? 91  PHE A CB  1 
ATOM   677 C  CG  . PHE A 1 86  ? 5.372   5.168   4.237   1.00 14.83 ? 91  PHE A CG  1 
ATOM   678 C  CD1 . PHE A 1 86  ? 5.812   5.791   5.398   1.00 14.48 ? 91  PHE A CD1 1 
ATOM   679 C  CD2 . PHE A 1 86  ? 4.087   4.652   4.207   1.00 10.42 ? 91  PHE A CD2 1 
ATOM   680 C  CE1 . PHE A 1 86  ? 4.990   5.888   6.504   1.00 14.31 ? 91  PHE A CE1 1 
ATOM   681 C  CE2 . PHE A 1 86  ? 3.259   4.745   5.309   1.00 11.81 ? 91  PHE A CE2 1 
ATOM   682 C  CZ  . PHE A 1 86  ? 3.707   5.360   6.460   1.00 14.27 ? 91  PHE A CZ  1 
ATOM   683 N  N   . TRP A 1 87  ? 5.785   1.953   2.690   1.00 17.58 ? 92  TRP A N   1 
ATOM   684 C  CA  . TRP A 1 87  ? 4.971   0.785   2.992   1.00 18.48 ? 92  TRP A CA  1 
ATOM   685 C  C   . TRP A 1 87  ? 5.765   -0.498  3.226   1.00 19.59 ? 92  TRP A C   1 
ATOM   686 O  O   . TRP A 1 87  ? 5.223   -1.495  3.696   1.00 19.16 ? 92  TRP A O   1 
ATOM   687 C  CB  . TRP A 1 87  ? 3.894   0.606   1.921   1.00 16.58 ? 92  TRP A CB  1 
ATOM   688 C  CG  . TRP A 1 87  ? 2.907   1.755   1.910   1.00 17.05 ? 92  TRP A CG  1 
ATOM   689 C  CD1 . TRP A 1 87  ? 2.780   2.719   0.954   1.00 13.77 ? 92  TRP A CD1 1 
ATOM   690 C  CD2 . TRP A 1 87  ? 1.929   2.060   2.920   1.00 13.74 ? 92  TRP A CD2 1 
ATOM   691 N  NE1 . TRP A 1 87  ? 1.790   3.605   1.305   1.00 12.64 ? 92  TRP A NE1 1 
ATOM   692 C  CE2 . TRP A 1 87  ? 1.254   3.229   2.503   1.00 11.80 ? 92  TRP A CE2 1 
ATOM   693 C  CE3 . TRP A 1 87  ? 1.566   1.462   4.132   1.00 14.06 ? 92  TRP A CE3 1 
ATOM   694 C  CZ2 . TRP A 1 87  ? 0.229   3.811   3.256   1.00 11.88 ? 92  TRP A CZ2 1 
ATOM   695 C  CZ3 . TRP A 1 87  ? 0.542   2.044   4.884   1.00 15.02 ? 92  TRP A CZ3 1 
ATOM   696 C  CH2 . TRP A 1 87  ? -0.111  3.211   4.439   1.00 15.24 ? 92  TRP A CH2 1 
ATOM   697 N  N   . GLY A 1 88  ? 7.059   -0.454  2.927   1.00 20.94 ? 93  GLY A N   1 
ATOM   698 C  CA  . GLY A 1 88  ? 7.918   -1.602  3.149   1.00 20.94 ? 93  GLY A CA  1 
ATOM   699 C  C   . GLY A 1 88  ? 7.855   -2.662  2.074   1.00 23.11 ? 93  GLY A C   1 
ATOM   700 O  O   . GLY A 1 88  ? 8.083   -3.842  2.337   1.00 25.22 ? 93  GLY A O   1 
ATOM   701 N  N   . LEU A 1 89  ? 7.553   -2.241  0.856   1.00 24.87 ? 94  LEU A N   1 
ATOM   702 C  CA  . LEU A 1 89  ? 7.456   -3.160  -0.260  1.00 25.35 ? 94  LEU A CA  1 
ATOM   703 C  C   . LEU A 1 89  ? 8.717   -3.038  -1.092  1.00 27.95 ? 94  LEU A C   1 
ATOM   704 O  O   . LEU A 1 89  ? 9.403   -2.025  -1.033  1.00 26.97 ? 94  LEU A O   1 
ATOM   705 C  CB  . LEU A 1 89  ? 6.212   -2.831  -1.078  1.00 24.09 ? 94  LEU A CB  1 
ATOM   706 C  CG  . LEU A 1 89  ? 4.942   -2.909  -0.229  1.00 23.42 ? 94  LEU A CG  1 
ATOM   707 C  CD1 . LEU A 1 89  ? 3.807   -2.148  -0.873  1.00 22.46 ? 94  LEU A CD1 1 
ATOM   708 C  CD2 . LEU A 1 89  ? 4.571   -4.357  0.005   1.00 24.18 ? 94  LEU A CD2 1 
ATOM   709 N  N   . ASP A 1 90  ? 9.026   -4.080  -1.854  1.00 33.70 ? 95  ASP A N   1 
ATOM   710 C  CA  . ASP A 1 90  ? 10.227  -4.084  -2.679  1.00 37.37 ? 95  ASP A CA  1 
ATOM   711 C  C   . ASP A 1 90  ? 9.931   -3.909  -4.167  1.00 37.89 ? 95  ASP A C   1 
ATOM   712 O  O   . ASP A 1 90  ? 9.300   -4.761  -4.791  1.00 38.10 ? 95  ASP A O   1 
ATOM   713 C  CB  . ASP A 1 90  ? 10.998  -5.386  -2.449  1.00 45.37 ? 95  ASP A CB  1 
ATOM   714 C  CG  . ASP A 1 90  ? 12.395  -5.357  -3.037  1.00 53.10 ? 95  ASP A CG  1 
ATOM   715 O  OD1 . ASP A 1 90  ? 12.833  -4.294  -3.532  1.00 58.30 ? 95  ASP A OD1 1 
ATOM   716 O  OD2 . ASP A 1 90  ? 13.065  -6.409  -2.998  1.00 59.00 ? 95  ASP A OD2 1 
ATOM   717 N  N   . SER A 1 91  ? 10.465  -2.833  -4.740  1.00 37.27 ? 96  SER A N   1 
ATOM   718 C  CA  . SER A 1 91  ? 10.266  -2.506  -6.153  1.00 39.34 ? 96  SER A CA  1 
ATOM   719 C  C   . SER A 1 91  ? 10.839  -3.529  -7.125  1.00 38.67 ? 96  SER A C   1 
ATOM   720 O  O   . SER A 1 91  ? 10.419  -3.598  -8.278  1.00 38.24 ? 96  SER A O   1 
ATOM   721 C  CB  . SER A 1 91  ? 10.865  -1.140  -6.463  1.00 39.88 ? 96  SER A CB  1 
ATOM   722 O  OG  . SER A 1 91  ? 12.255  -1.153  -6.215  1.00 43.71 ? 96  SER A OG  1 
ATOM   723 N  N   . ASN A 1 92  ? 11.823  -4.295  -6.669  1.00 40.85 ? 97  ASN A N   1 
ATOM   724 C  CA  . ASN A 1 92  ? 12.436  -5.314  -7.512  1.00 42.74 ? 97  ASN A CA  1 
ATOM   725 C  C   . ASN A 1 92  ? 11.420  -6.371  -7.921  1.00 42.12 ? 97  ASN A C   1 
ATOM   726 O  O   . ASN A 1 92  ? 11.622  -7.085  -8.900  1.00 42.47 ? 97  ASN A O   1 
ATOM   727 C  CB  . ASN A 1 92  ? 13.618  -5.971  -6.800  1.00 47.47 ? 97  ASN A CB  1 
ATOM   728 C  CG  . ASN A 1 92  ? 14.788  -5.028  -6.622  1.00 51.90 ? 97  ASN A CG  1 
ATOM   729 O  OD1 . ASN A 1 92  ? 15.177  -4.713  -5.495  1.00 53.90 ? 97  ASN A OD1 1 
ATOM   730 N  ND2 . ASN A 1 92  ? 15.358  -4.568  -7.734  1.00 54.69 ? 97  ASN A ND2 1 
ATOM   731 N  N   . GLN A 1 93  ? 10.328  -6.469  -7.167  1.00 39.52 ? 98  GLN A N   1 
ATOM   732 C  CA  . GLN A 1 93  ? 9.290   -7.430  -7.484  1.00 37.16 ? 98  GLN A CA  1 
ATOM   733 C  C   . GLN A 1 93  ? 8.435   -6.991  -8.655  1.00 35.45 ? 98  GLN A C   1 
ATOM   734 O  O   . GLN A 1 93  ? 7.558   -7.734  -9.076  1.00 33.77 ? 98  GLN A O   1 
ATOM   735 C  CB  . GLN A 1 93  ? 8.382   -7.684  -6.279  1.00 42.25 ? 98  GLN A CB  1 
ATOM   736 C  CG  . GLN A 1 93  ? 9.012   -8.526  -5.184  1.00 48.19 ? 98  GLN A CG  1 
ATOM   737 C  CD  . GLN A 1 93  ? 9.777   -9.711  -5.740  1.00 51.64 ? 98  GLN A CD  1 
ATOM   738 O  OE1 . GLN A 1 93  ? 9.194   -10.690 -6.204  1.00 54.60 ? 98  GLN A OE1 1 
ATOM   739 N  NE2 . GLN A 1 93  ? 11.102  -9.611  -5.713  1.00 53.95 ? 98  GLN A NE2 1 
ATOM   740 N  N   . VAL A 1 94  ? 8.704   -5.807  -9.201  1.00 34.61 ? 99  VAL A N   1 
ATOM   741 C  CA  . VAL A 1 94  ? 7.912   -5.286  -10.315 1.00 34.00 ? 99  VAL A CA  1 
ATOM   742 C  C   . VAL A 1 94  ? 7.707   -6.281  -11.453 1.00 35.17 ? 99  VAL A C   1 
ATOM   743 O  O   . VAL A 1 94  ? 8.624   -6.999  -11.846 1.00 36.79 ? 99  VAL A O   1 
ATOM   744 C  CB  . VAL A 1 94  ? 8.483   -3.962  -10.874 1.00 32.29 ? 99  VAL A CB  1 
ATOM   745 C  CG1 . VAL A 1 94  ? 9.843   -4.187  -11.500 1.00 30.22 ? 99  VAL A CG1 1 
ATOM   746 C  CG2 . VAL A 1 94  ? 7.520   -3.371  -11.886 1.00 30.53 ? 99  VAL A CG2 1 
ATOM   747 N  N   . GLU A 1 95  ? 6.474   -6.328  -11.949 1.00 36.14 ? 100 GLU A N   1 
ATOM   748 C  CA  . GLU A 1 95  ? 6.099   -7.218  -13.036 1.00 37.80 ? 100 GLU A CA  1 
ATOM   749 C  C   . GLU A 1 95  ? 6.781   -6.864  -14.354 1.00 36.45 ? 100 GLU A C   1 
ATOM   750 O  O   . GLU A 1 95  ? 7.122   -5.704  -14.589 1.00 36.19 ? 100 GLU A O   1 
ATOM   751 C  CB  . GLU A 1 95  ? 4.581   -7.221  -13.211 1.00 40.42 ? 100 GLU A CB  1 
ATOM   752 C  CG  . GLU A 1 95  ? 3.841   -8.031  -12.165 1.00 44.34 ? 100 GLU A CG  1 
ATOM   753 C  CD  . GLU A 1 95  ? 4.169   -9.511  -12.235 1.00 47.51 ? 100 GLU A CD  1 
ATOM   754 O  OE1 . GLU A 1 95  ? 3.781   -10.161 -13.230 1.00 50.05 ? 100 GLU A OE1 1 
ATOM   755 O  OE2 . GLU A 1 95  ? 4.821   -10.028 -11.300 1.00 48.26 ? 100 GLU A OE2 1 
ATOM   756 N  N   . PRO A 1 96  ? 6.981   -7.868  -15.235 1.00 36.99 ? 101 PRO A N   1 
ATOM   757 C  CA  . PRO A 1 96  ? 7.620   -7.683  -16.539 1.00 35.53 ? 101 PRO A CA  1 
ATOM   758 C  C   . PRO A 1 96  ? 6.935   -6.601  -17.347 1.00 34.43 ? 101 PRO A C   1 
ATOM   759 O  O   . PRO A 1 96  ? 7.592   -5.810  -18.017 1.00 34.82 ? 101 PRO A O   1 
ATOM   760 C  CB  . PRO A 1 96  ? 7.447   -9.047  -17.202 1.00 36.58 ? 101 PRO A CB  1 
ATOM   761 C  CG  . PRO A 1 96  ? 7.508   -9.975  -16.050 1.00 35.95 ? 101 PRO A CG  1 
ATOM   762 C  CD  . PRO A 1 96  ? 6.621   -9.290  -15.050 1.00 36.52 ? 101 PRO A CD  1 
ATOM   763 N  N   . CYS A 1 97  ? 5.613   -6.553  -17.242 1.00 33.43 ? 102 CYS A N   1 
ATOM   764 C  CA  . CYS A 1 97  ? 4.810   -5.573  -17.964 1.00 33.18 ? 102 CYS A CA  1 
ATOM   765 C  C   . CYS A 1 97  ? 5.042   -4.143  -17.487 1.00 32.44 ? 102 CYS A C   1 
ATOM   766 O  O   . CYS A 1 97  ? 4.726   -3.193  -18.195 1.00 33.81 ? 102 CYS A O   1 
ATOM   767 C  CB  . CYS A 1 97  ? 3.329   -5.927  -17.857 1.00 32.89 ? 102 CYS A CB  1 
ATOM   768 S  SG  . CYS A 1 97  ? 2.770   -6.217  -16.148 1.00 33.93 ? 102 CYS A SG  1 
ATOM   769 N  N   . CYS A 1 98  ? 5.598   -3.990  -16.291 1.00 34.18 ? 103 CYS A N   1 
ATOM   770 C  CA  . CYS A 1 98  ? 5.859   -2.667  -15.750 1.00 35.62 ? 103 CYS A CA  1 
ATOM   771 C  C   . CYS A 1 98  ? 7.347   -2.317  -15.676 1.00 38.51 ? 103 CYS A C   1 
ATOM   772 O  O   . CYS A 1 98  ? 7.771   -1.555  -14.812 1.00 38.95 ? 103 CYS A O   1 
ATOM   773 C  CB  . CYS A 1 98  ? 5.182   -2.510  -14.383 1.00 33.22 ? 103 CYS A CB  1 
ATOM   774 S  SG  . CYS A 1 98  ? 3.366   -2.403  -14.470 1.00 28.47 ? 103 CYS A SG  1 
ATOM   775 N  N   . TRP A 1 99  ? 8.137   -2.872  -16.591 1.00 42.47 ? 104 TRP A N   1 
ATOM   776 C  CA  . TRP A 1 99  ? 9.569   -2.592  -16.633 1.00 44.17 ? 104 TRP A CA  1 
ATOM   777 C  C   . TRP A 1 99  ? 9.866   -1.295  -17.349 1.00 45.43 ? 104 TRP A C   1 
ATOM   778 O  O   . TRP A 1 99  ? 10.775  -0.567  -16.962 1.00 44.84 ? 104 TRP A O   1 
ATOM   779 C  CB  . TRP A 1 99  ? 10.318  -3.704  -17.333 1.00 47.34 ? 104 TRP A CB  1 
ATOM   780 C  CG  . TRP A 1 99  ? 10.621  -4.822  -16.452 1.00 52.57 ? 104 TRP A CG  1 
ATOM   781 C  CD1 . TRP A 1 99  ? 10.459  -4.869  -15.099 1.00 54.23 ? 104 TRP A CD1 1 
ATOM   782 C  CD2 . TRP A 1 99  ? 11.153  -6.085  -16.842 1.00 57.01 ? 104 TRP A CD2 1 
ATOM   783 N  NE1 . TRP A 1 99  ? 10.859  -6.091  -14.620 1.00 56.93 ? 104 TRP A NE1 1 
ATOM   784 C  CE2 . TRP A 1 99  ? 11.292  -6.861  -15.671 1.00 57.93 ? 104 TRP A CE2 1 
ATOM   785 C  CE3 . TRP A 1 99  ? 11.532  -6.643  -18.076 1.00 59.57 ? 104 TRP A CE3 1 
ATOM   786 C  CZ2 . TRP A 1 99  ? 11.789  -8.168  -15.690 1.00 61.52 ? 104 TRP A CZ2 1 
ATOM   787 C  CZ3 . TRP A 1 99  ? 12.028  -7.944  -18.100 1.00 61.07 ? 104 TRP A CZ3 1 
ATOM   788 C  CH2 . TRP A 1 99  ? 12.152  -8.691  -16.911 1.00 61.55 ? 104 TRP A CH2 1 
ATOM   789 N  N   . MET A 1 100 ? 9.117   -1.029  -18.413 1.00 47.84 ? 105 MET A N   1 
ATOM   790 C  CA  . MET A 1 100 ? 9.297   0.184   -19.201 1.00 51.28 ? 105 MET A CA  1 
ATOM   791 C  C   . MET A 1 100 ? 9.082   1.425   -18.339 1.00 51.22 ? 105 MET A C   1 
ATOM   792 O  O   . MET A 1 100 ? 9.772   2.430   -18.499 1.00 52.92 ? 105 MET A O   1 
ATOM   793 C  CB  . MET A 1 100 ? 8.337   0.191   -20.394 1.00 53.60 ? 105 MET A CB  1 
ATOM   794 N  N   . THR A 1 101 ? 8.138   1.337   -17.411 1.00 51.92 ? 106 THR A N   1 
ATOM   795 C  CA  . THR A 1 101 ? 7.835   2.452   -16.519 1.00 49.78 ? 106 THR A CA  1 
ATOM   796 C  C   . THR A 1 101 ? 8.733   2.452   -15.276 1.00 50.08 ? 106 THR A C   1 
ATOM   797 O  O   . THR A 1 101 ? 8.796   3.429   -14.536 1.00 49.21 ? 106 THR A O   1 
ATOM   798 C  CB  . THR A 1 101 ? 6.344   2.457   -16.132 1.00 50.26 ? 106 THR A CB  1 
ATOM   799 O  OG1 . THR A 1 101 ? 6.149   3.272   -14.976 1.00 52.50 ? 106 THR A OG1 1 
ATOM   800 C  CG2 . THR A 1 101 ? 5.859   1.055   -15.850 1.00 51.37 ? 106 THR A CG2 1 
ATOM   801 N  N   . TYR A 1 102 ? 9.462   1.365   -15.092 1.00 50.32 ? 107 TYR A N   1 
ATOM   802 C  CA  . TYR A 1 102 ? 10.361  1.211   -13.968 1.00 52.21 ? 107 TYR A CA  1 
ATOM   803 C  C   . TYR A 1 102 ? 11.804  1.649   -14.267 1.00 54.26 ? 107 TYR A C   1 
ATOM   804 O  O   . TYR A 1 102 ? 12.425  2.330   -13.455 1.00 53.89 ? 107 TYR A O   1 
ATOM   805 C  CB  . TYR A 1 102 ? 10.332  -0.247  -13.518 1.00 55.52 ? 107 TYR A CB  1 
ATOM   806 C  CG  . TYR A 1 102 ? 11.463  -0.649  -12.622 1.00 59.61 ? 107 TYR A CG  1 
ATOM   807 C  CD1 . TYR A 1 102 ? 11.426  -0.376  -11.260 1.00 62.40 ? 107 TYR A CD1 1 
ATOM   808 C  CD2 . TYR A 1 102 ? 12.582  -1.297  -13.136 1.00 63.39 ? 107 TYR A CD2 1 
ATOM   809 C  CE1 . TYR A 1 102 ? 12.477  -0.738  -10.426 1.00 66.44 ? 107 TYR A CE1 1 
ATOM   810 C  CE2 . TYR A 1 102 ? 13.641  -1.663  -12.312 1.00 67.54 ? 107 TYR A CE2 1 
ATOM   811 C  CZ  . TYR A 1 102 ? 13.585  -1.380  -10.956 1.00 67.89 ? 107 TYR A CZ  1 
ATOM   812 O  OH  . TYR A 1 102 ? 14.628  -1.738  -10.129 1.00 69.75 ? 107 TYR A OH  1 
ATOM   813 N  N   . THR A 1 103 ? 12.313  1.272   -15.440 1.00 55.97 ? 108 THR A N   1 
ATOM   814 C  CA  . THR A 1 103 ? 13.693  1.588   -15.843 1.00 56.98 ? 108 THR A CA  1 
ATOM   815 C  C   . THR A 1 103 ? 13.855  2.966   -16.465 1.00 59.38 ? 108 THR A C   1 
ATOM   816 O  O   . THR A 1 103 ? 14.967  3.476   -16.556 1.00 60.15 ? 108 THR A O   1 
ATOM   817 C  CB  . THR A 1 103 ? 14.248  0.580   -16.898 1.00 57.48 ? 108 THR A CB  1 
ATOM   818 O  OG1 . THR A 1 103 ? 13.645  0.824   -18.176 1.00 58.50 ? 108 THR A OG1 1 
ATOM   819 C  CG2 . THR A 1 103 ? 13.973  -0.858  -16.482 1.00 57.49 ? 108 THR A CG2 1 
ATOM   820 N  N   . ALA A 1 104 ? 12.752  3.528   -16.952 1.00 62.05 ? 109 ALA A N   1 
ATOM   821 C  CA  . ALA A 1 104 ? 12.765  4.842   -17.587 1.00 65.71 ? 109 ALA A CA  1 
ATOM   822 C  C   . ALA A 1 104 ? 13.458  5.871   -16.709 1.00 66.53 ? 109 ALA A C   1 
ATOM   823 O  O   . ALA A 1 104 ? 14.146  6.767   -17.215 1.00 69.93 ? 109 ALA A O   1 
ATOM   824 C  CB  . ALA A 1 104 ? 11.330  5.294   -17.897 1.00 63.84 ? 109 ALA A CB  1 
ATOM   825 N  N   . HIS A 1 105 ? 13.328  5.684   -15.399 1.00 66.01 ? 110 HIS A N   1 
ATOM   826 C  CA  . HIS A 1 105 ? 13.901  6.586   -14.408 1.00 65.62 ? 110 HIS A CA  1 
ATOM   827 C  C   . HIS A 1 105 ? 15.403  6.448   -14.141 1.00 65.93 ? 110 HIS A C   1 
ATOM   828 O  O   . HIS A 1 105 ? 16.078  7.458   -13.936 1.00 67.80 ? 110 HIS A O   1 
ATOM   829 C  CB  . HIS A 1 105 ? 13.111  6.481   -13.097 1.00 66.81 ? 110 HIS A CB  1 
ATOM   830 N  N   . ARG A 1 106 ? 15.944  5.232   -14.179 1.00 64.42 ? 111 ARG A N   1 
ATOM   831 C  CA  . ARG A 1 106 ? 17.375  5.023   -13.919 1.00 64.64 ? 111 ARG A CA  1 
ATOM   832 C  C   . ARG A 1 106 ? 18.150  4.291   -15.024 1.00 65.22 ? 111 ARG A C   1 
ATOM   833 O  O   . ARG A 1 106 ? 19.366  4.042   -14.820 1.00 66.67 ? 111 ARG A O   1 
ATOM   834 C  CB  . ARG A 1 106 ? 17.567  4.313   -12.569 1.00 62.64 ? 111 ARG A CB  1 
HETATM 835 ZN ZN  . ZN  B 2 .   ? 2.027   -4.167  -14.939 1.00 30.97 ? 179 ZN  A ZN  1 
HETATM 836 O  O   . HOH C 3 .   ? -8.909  -0.020  -1.802  1.00 15.73 ? 180 HOH A O   1 
HETATM 837 O  O   . HOH C 3 .   ? 0.684   -2.731  -7.758  1.00 29.26 ? 181 HOH A O   1 
HETATM 838 O  O   . HOH C 3 .   ? -6.401  -2.322  -5.320  1.00 19.73 ? 182 HOH A O   1 
HETATM 839 O  O   . HOH C 3 .   ? 4.175   12.200  -10.483 1.00 27.41 ? 183 HOH A O   1 
HETATM 840 O  O   . HOH C 3 .   ? -18.123 6.262   1.522   1.00 31.62 ? 184 HOH A O   1 
HETATM 841 O  O   . HOH C 3 .   ? -17.161 -6.053  9.034   1.00 40.63 ? 185 HOH A O   1 
HETATM 842 O  O   . HOH C 3 .   ? 7.834   -6.697  -1.366  1.00 28.57 ? 186 HOH A O   1 
HETATM 843 O  O   . HOH C 3 .   ? 2.710   -2.093  3.916   1.00 32.12 ? 187 HOH A O   1 
HETATM 844 O  O   . HOH C 3 .   ? -4.461  -5.463  17.847  1.00 27.98 ? 188 HOH A O   1 
HETATM 845 O  O   . HOH C 3 .   ? -1.048  -4.733  -8.548  1.00 22.39 ? 189 HOH A O   1 
HETATM 846 O  O   . HOH C 3 .   ? -20.997 -5.892  2.609   1.00 31.24 ? 190 HOH A O   1 
HETATM 847 O  O   . HOH C 3 .   ? -7.794  -5.837  -7.519  1.00 19.64 ? 191 HOH A O   1 
HETATM 848 O  O   . HOH C 3 .   ? -13.196 7.978   1.611   1.00 20.60 ? 192 HOH A O   1 
HETATM 849 O  O   . HOH C 3 .   ? -5.660  11.209  -6.989  1.00 58.77 ? 193 HOH A O   1 
HETATM 850 O  O   . HOH C 3 .   ? -9.112  8.219   12.152  1.00 31.33 ? 194 HOH A O   1 
HETATM 851 O  O   . HOH C 3 .   ? -2.052  -6.932  9.235   1.00 59.08 ? 195 HOH A O   1 
HETATM 852 O  O   . HOH C 3 .   ? -14.686 13.986  7.274   1.00 50.23 ? 196 HOH A O   1 
HETATM 853 O  O   . HOH C 3 .   ? -10.067 -11.384 6.810   1.00 30.72 ? 197 HOH A O   1 
HETATM 854 O  O   . HOH C 3 .   ? -18.057 3.879   12.330  1.00 76.01 ? 198 HOH A O   1 
HETATM 855 O  O   . HOH C 3 .   ? 2.270   -16.230 -2.751  1.00 76.97 ? 199 HOH A O   1 
HETATM 856 O  O   . HOH C 3 .   ? 0.580   5.768   -0.710  1.00 18.00 ? 200 HOH A O   1 
HETATM 857 O  O   . HOH C 3 .   ? 11.782  7.370   -4.784  1.00 66.02 ? 201 HOH A O   1 
HETATM 858 O  O   . HOH C 3 .   ? 14.000  -1.357  -1.854  1.00 83.32 ? 202 HOH A O   1 
HETATM 859 O  O   . HOH C 3 .   ? 4.038   -9.912  9.246   1.00 41.76 ? 203 HOH A O   1 
HETATM 860 O  O   . HOH C 3 .   ? -1.919  12.851  -8.282  1.00 66.02 ? 204 HOH A O   1 
HETATM 861 O  O   . HOH C 3 .   ? -13.917 -9.584  -3.144  1.00 15.33 ? 205 HOH A O   1 
HETATM 862 O  O   . HOH C 3 .   ? -7.852  10.971  -4.896  1.00 44.88 ? 206 HOH A O   1 
HETATM 863 O  O   . HOH C 3 .   ? 5.267   -16.587 -3.620  1.00 76.48 ? 207 HOH A O   1 
HETATM 864 O  O   . HOH C 3 .   ? -11.589 -15.030 3.886   1.00 65.26 ? 208 HOH A O   1 
HETATM 865 O  O   . HOH C 3 .   ? -4.050  3.536   19.836  1.00 40.16 ? 209 HOH A O   1 
HETATM 866 O  O   . HOH C 3 .   ? -3.383  -1.097  22.728  1.00 39.55 ? 210 HOH A O   1 
HETATM 867 O  O   . HOH C 3 .   ? 19.004  -3.984  -6.915  1.00 50.18 ? 211 HOH A O   1 
HETATM 868 O  O   . HOH C 3 .   ? -17.750 -9.356  3.622   1.00 30.94 ? 212 HOH A O   1 
HETATM 869 O  O   . HOH C 3 .   ? 6.153   -13.059 -8.747  1.00 64.43 ? 213 HOH A O   1 
HETATM 870 O  O   . HOH C 3 .   ? 5.471   10.278  -2.879  1.00 34.72 ? 214 HOH A O   1 
HETATM 871 O  O   . HOH C 3 .   ? 4.384   9.345   6.388   1.00 39.68 ? 215 HOH A O   1 
HETATM 872 O  O   . HOH C 3 .   ? 9.255   -12.075 -9.268  1.00 71.42 ? 216 HOH A O   1 
HETATM 873 O  O   . HOH C 3 .   ? -12.640 -4.674  12.488  1.00 55.03 ? 217 HOH A O   1 
HETATM 874 O  O   . HOH C 3 .   ? -19.386 -1.862  8.003   1.00 62.57 ? 218 HOH A O   1 
HETATM 875 O  O   . HOH C 3 .   ? -15.370 0.524   11.050  1.00 57.00 ? 219 HOH A O   1 
HETATM 876 O  O   . HOH C 3 .   ? -15.631 -2.556  7.697   1.00 31.49 ? 220 HOH A O   1 
HETATM 877 O  O   . HOH C 3 .   ? -8.164  -12.024 1.155   1.00 37.56 ? 221 HOH A O   1 
HETATM 878 O  O   . HOH C 3 .   ? -3.133  -13.576 -5.088  1.00 40.73 ? 222 HOH A O   1 
HETATM 879 O  O   . HOH C 3 .   ? 8.213   -8.690  2.562   1.00 39.82 ? 223 HOH A O   1 
HETATM 880 O  O   . HOH C 3 .   ? -4.858  -7.016  8.998   1.00 42.03 ? 224 HOH A O   1 
HETATM 881 O  O   . HOH C 3 .   ? -12.730 -0.965  17.991  1.00 48.52 ? 225 HOH A O   1 
HETATM 882 O  O   . HOH C 3 .   ? 2.029   4.014   14.122  1.00 32.25 ? 226 HOH A O   1 
HETATM 883 O  O   . HOH C 3 .   ? -16.320 -9.602  -1.031  1.00 26.71 ? 227 HOH A O   1 
HETATM 884 O  O   . HOH C 3 .   ? -10.871 -1.156  10.592  1.00 31.71 ? 228 HOH A O   1 
HETATM 885 O  O   . HOH C 3 .   ? -13.753 -2.254  10.483  1.00 43.07 ? 229 HOH A O   1 
HETATM 886 O  O   . HOH C 3 .   ? -10.091 -2.711  12.757  1.00 36.42 ? 230 HOH A O   1 
HETATM 887 O  O   . HOH C 3 .   ? -14.277 4.243   9.605   1.00 31.75 ? 231 HOH A O   1 
HETATM 888 O  O   . HOH C 3 .   ? -12.918 10.978  2.171   1.00 40.04 ? 232 HOH A O   1 
HETATM 889 O  O   . HOH C 3 .   ? -3.495  -12.484 -9.642  1.00 37.16 ? 233 HOH A O   1 
HETATM 890 O  O   . HOH C 3 .   ? 5.300   -8.964  -8.715  1.00 34.77 ? 234 HOH A O   1 
HETATM 891 O  O   . HOH C 3 .   ? 5.280   -11.226 -6.642  1.00 46.95 ? 235 HOH A O   1 
HETATM 892 O  O   . HOH C 3 .   ? 4.987   5.325   -11.749 1.00 38.54 ? 236 HOH A O   1 
HETATM 893 O  O   . HOH C 3 .   ? -7.440  3.547   -11.648 1.00 48.52 ? 237 HOH A O   1 
HETATM 894 O  O   . HOH C 3 .   ? 13.770  5.738   -6.696  1.00 42.15 ? 238 HOH A O   1 
HETATM 895 O  O   . HOH C 3 .   ? 10.923  1.768   -3.641  1.00 39.31 ? 239 HOH A O   1 
HETATM 896 O  O   . HOH C 3 .   ? 11.079  -0.747  -2.281  1.00 46.11 ? 240 HOH A O   1 
HETATM 897 O  O   . HOH C 3 .   ? 13.524  2.327   -5.418  1.00 47.76 ? 241 HOH A O   1 
HETATM 898 O  O   . HOH C 3 .   ? 9.435   6.801   1.666   1.00 35.96 ? 242 HOH A O   1 
HETATM 899 O  O   . HOH C 3 .   ? 15.383  -1.799  -7.487  1.00 47.66 ? 243 HOH A O   1 
HETATM 900 O  O   . HOH C 3 .   ? 2.251   -9.548  -15.735 1.00 46.61 ? 244 HOH A O   1 
HETATM 901 O  O   . HOH C 3 .   ? 7.458   -4.143  -19.934 1.00 50.92 ? 245 HOH A O   1 
HETATM 902 O  O   . HOH C 3 .   ? 5.834   -0.571  -18.466 1.00 49.94 ? 246 HOH A O   1 
# 
